data_3JBB
#
_entry.id   3JBB
#
_cell.length_a   1
_cell.length_b   1
_cell.length_c   1
_cell.angle_alpha   90
_cell.angle_beta   90
_cell.angle_gamma   90
#
_symmetry.space_group_name_H-M   'P 1'
#
loop_
_entity.id
_entity.type
_entity.pdbx_description
1 polymer 'allophycocyanin subunit alpha-B'
2 polymer 'allophycocyanin beta chain'
3 non-polymer PHYCOCYANOBILIN
4 non-polymer 'SULFATE ION'
5 water water
#
loop_
_entity_poly.entity_id
_entity_poly.type
_entity_poly.pdbx_seq_one_letter_code
_entity_poly.pdbx_strand_id
1 'polypeptide(L)'
;MSVVSQVILQADDQLRYPTSGELKGIQAFLTTGAQRIRIAETLAENEKKIVDQAQKQLFKKHPEYRAPGGNAYGQRQYNQ
CLRDYGWYLRLVTYGVLAGNKEPIETTGLIGVKEMYNSLNVPVPGMVDAVTVLKDAALGLLSAEDANETAPYFDYIIQFM
SHHHHHH
;
A,C,E,G,I,K
2 'polypeptide(L)'
;MQDAITAVINSADVQGKYLDGAAMDKLKSYFASGELRVRAASVISANAATIVKEAVAKSLLYSDVTRPGG(MEN)MYTTR
RYAACIRDLDYYLRYATYAMLAGDASILDERVLNGLKETYNSLGVPISSTVQAIQAIKEVTASLVGADAGKEMGVYLDYI
CSGLS
;
B,D,F,H,J,L
#
loop_
_chem_comp.id
_chem_comp.type
_chem_comp.name
_chem_comp.formula
CYC non-polymer PHYCOCYANOBILIN 'C33 H40 N4 O6'
SO4 non-polymer 'SULFATE ION' 'O4 S -2'
#
# COMPACT_ATOMS: atom_id res chain seq x y z
N SER A 2 -27.72 29.16 -24.47
CA SER A 2 -26.55 29.78 -25.06
C SER A 2 -25.42 29.89 -24.05
N VAL A 3 -24.45 30.72 -24.38
CA VAL A 3 -23.38 31.09 -23.46
C VAL A 3 -23.90 31.54 -22.07
N VAL A 4 -25.02 32.25 -22.07
CA VAL A 4 -25.59 32.77 -20.82
C VAL A 4 -26.09 31.62 -19.93
N SER A 5 -26.89 30.72 -20.51
CA SER A 5 -27.45 29.62 -19.73
C SER A 5 -26.34 28.68 -19.22
N GLN A 6 -25.28 28.52 -20.02
CA GLN A 6 -24.10 27.76 -19.61
C GLN A 6 -23.51 28.28 -18.30
N VAL A 7 -23.33 29.59 -18.23
CA VAL A 7 -22.81 30.21 -17.01
C VAL A 7 -23.78 29.99 -15.84
N ILE A 8 -25.06 30.20 -16.10
CA ILE A 8 -26.07 30.10 -15.05
C ILE A 8 -26.12 28.67 -14.48
N LEU A 9 -26.01 27.67 -15.35
CA LEU A 9 -26.04 26.28 -14.89
C LEU A 9 -24.86 25.95 -14.00
N GLN A 10 -23.68 26.49 -14.32
CA GLN A 10 -22.49 26.27 -13.50
C GLN A 10 -22.62 26.95 -12.15
N ALA A 11 -23.15 28.17 -12.17
CA ALA A 11 -23.34 28.93 -10.93
C ALA A 11 -24.34 28.22 -10.02
N ASP A 12 -25.42 27.75 -10.62
CA ASP A 12 -26.47 27.08 -9.85
C ASP A 12 -25.94 25.80 -9.23
N ASP A 13 -25.12 25.09 -10.00
CA ASP A 13 -24.47 23.88 -9.53
C ASP A 13 -23.63 24.14 -8.29
N GLN A 14 -23.06 25.35 -8.20
CA GLN A 14 -22.23 25.70 -7.08
C GLN A 14 -22.95 26.61 -6.07
N LEU A 15 -24.26 26.75 -6.22
CA LEU A 15 -25.09 27.49 -5.27
C LEU A 15 -24.63 28.93 -5.09
N ARG A 16 -24.22 29.56 -6.19
CA ARG A 16 -23.60 30.88 -6.13
C ARG A 16 -24.08 31.78 -7.26
N TYR A 17 -23.77 33.07 -7.13
CA TYR A 17 -23.96 34.01 -8.23
C TYR A 17 -22.86 33.82 -9.26
N PRO A 18 -23.09 34.24 -10.52
CA PRO A 18 -21.99 34.21 -11.48
C PRO A 18 -20.82 35.05 -11.02
N THR A 19 -19.60 34.63 -11.34
CA THR A 19 -18.42 35.37 -10.93
C THR A 19 -18.23 36.60 -11.81
N SER A 20 -17.38 37.53 -11.37
CA SER A 20 -17.07 38.69 -12.19
C SER A 20 -16.50 38.25 -13.55
N GLY A 21 -15.68 37.21 -13.53
CA GLY A 21 -15.14 36.64 -14.76
C GLY A 21 -16.21 36.10 -15.69
N GLU A 22 -17.18 35.39 -15.14
CA GLU A 22 -18.26 34.82 -15.94
C GLU A 22 -19.13 35.90 -16.53
N LEU A 23 -19.35 36.96 -15.77
CA LEU A 23 -20.17 38.08 -16.21
C LEU A 23 -19.46 38.87 -17.33
N LYS A 24 -18.14 39.02 -17.21
CA LYS A 24 -17.33 39.63 -18.26
C LYS A 24 -17.47 38.84 -19.57
N GLY A 25 -17.48 37.52 -19.47
CA GLY A 25 -17.63 36.66 -20.63
C GLY A 25 -19.00 36.79 -21.26
N ILE A 26 -20.01 36.95 -20.43
CA ILE A 26 -21.36 37.15 -20.94
C ILE A 26 -21.44 38.51 -21.66
N GLN A 27 -20.86 39.54 -21.07
CA GLN A 27 -20.85 40.88 -21.66
CA GLN A 27 -20.90 40.86 -21.69
C GLN A 27 -20.21 40.84 -23.04
N ALA A 28 -19.07 40.17 -23.13
CA ALA A 28 -18.34 40.07 -24.40
C ALA A 28 -19.16 39.34 -25.45
N PHE A 29 -19.85 38.27 -25.05
CA PHE A 29 -20.69 37.53 -25.98
C PHE A 29 -21.82 38.40 -26.50
N LEU A 30 -22.49 39.11 -25.61
CA LEU A 30 -23.69 39.86 -26.00
C LEU A 30 -23.38 41.06 -26.90
N THR A 31 -22.14 41.57 -26.88
CA THR A 31 -21.80 42.67 -27.80
C THR A 31 -21.47 42.18 -29.21
N THR A 32 -21.40 40.86 -29.40
CA THR A 32 -21.08 40.30 -30.71
C THR A 32 -22.33 39.84 -31.46
N GLY A 33 -23.50 40.29 -30.99
CA GLY A 33 -24.76 39.84 -31.56
C GLY A 33 -24.96 40.21 -33.02
N ALA A 34 -24.62 41.45 -33.37
CA ALA A 34 -24.86 41.95 -34.71
C ALA A 34 -24.15 41.09 -35.77
N GLN A 35 -22.91 40.68 -35.46
CA GLN A 35 -22.14 39.83 -36.36
C GLN A 35 -22.82 38.48 -36.56
N ARG A 36 -23.30 37.92 -35.46
CA ARG A 36 -23.91 36.60 -35.50
C ARG A 36 -25.19 36.61 -36.32
N ILE A 37 -25.94 37.69 -36.18
CA ILE A 37 -27.16 37.85 -36.95
C ILE A 37 -26.85 38.02 -38.46
N ARG A 38 -25.80 38.76 -38.79
CA ARG A 38 -25.41 38.91 -40.19
C ARG A 38 -25.03 37.56 -40.81
N ILE A 39 -24.27 36.76 -40.07
CA ILE A 39 -23.89 35.44 -40.55
C ILE A 39 -25.12 34.55 -40.76
N ALA A 40 -26.03 34.56 -39.78
CA ALA A 40 -27.21 33.71 -39.86
C ALA A 40 -28.07 34.08 -41.08
N GLU A 41 -28.24 35.37 -41.32
CA GLU A 41 -29.08 35.80 -42.43
C GLU A 41 -28.42 35.50 -43.77
N THR A 42 -27.10 35.63 -43.84
CA THR A 42 -26.38 35.32 -45.09
C THR A 42 -26.50 33.85 -45.44
N LEU A 43 -26.38 32.98 -44.45
CA LEU A 43 -26.48 31.56 -44.73
C LEU A 43 -27.92 31.18 -45.08
N ALA A 44 -28.88 31.76 -44.36
CA ALA A 44 -30.30 31.52 -44.67
C ALA A 44 -30.63 31.97 -46.09
N GLU A 45 -30.18 33.17 -46.45
CA GLU A 45 -30.48 33.73 -47.77
C GLU A 45 -29.89 32.91 -48.90
N ASN A 46 -28.78 32.25 -48.61
CA ASN A 46 -28.07 31.51 -49.65
C ASN A 46 -28.20 30.01 -49.52
N GLU A 47 -29.23 29.54 -48.81
CA GLU A 47 -29.37 28.11 -48.57
C GLU A 47 -29.38 27.27 -49.84
N LYS A 48 -30.19 27.67 -50.83
CA LYS A 48 -30.33 26.84 -52.02
C LYS A 48 -29.00 26.73 -52.76
N LYS A 49 -28.31 27.87 -52.88
CA LYS A 49 -27.01 27.92 -53.54
C LYS A 49 -25.98 27.07 -52.80
N ILE A 50 -25.94 27.20 -51.48
CA ILE A 50 -25.00 26.46 -50.64
C ILE A 50 -25.23 24.96 -50.71
N VAL A 51 -26.48 24.54 -50.53
CA VAL A 51 -26.81 23.11 -50.63
C VAL A 51 -26.52 22.56 -52.03
N ASP A 52 -26.78 23.33 -53.07
CA ASP A 52 -26.49 22.86 -54.44
C ASP A 52 -25.00 22.63 -54.67
N GLN A 53 -24.17 23.59 -54.29
CA GLN A 53 -22.71 23.42 -54.42
C GLN A 53 -22.26 22.20 -53.63
N ALA A 54 -22.76 22.08 -52.40
CA ALA A 54 -22.39 20.98 -51.51
C ALA A 54 -22.75 19.62 -52.10
N GLN A 55 -24.01 19.45 -52.51
CA GLN A 55 -24.44 18.14 -53.01
C GLN A 55 -23.70 17.78 -54.29
N LYS A 56 -23.42 18.77 -55.13
CA LYS A 56 -22.65 18.50 -56.34
C LYS A 56 -21.28 17.89 -56.00
N GLN A 57 -20.60 18.48 -55.03
CA GLN A 57 -19.30 17.96 -54.61
C GLN A 57 -19.45 16.59 -53.94
N LEU A 58 -20.46 16.46 -53.08
CA LEU A 58 -20.67 15.19 -52.37
C LEU A 58 -20.84 14.00 -53.31
N PHE A 59 -21.71 14.16 -54.32
CA PHE A 59 -22.01 13.02 -55.18
C PHE A 59 -21.01 12.86 -56.33
N LYS A 60 -20.14 13.84 -56.50
CA LYS A 60 -18.97 13.60 -57.35
C LYS A 60 -18.01 12.65 -56.66
N LYS A 61 -17.90 12.77 -55.34
CA LYS A 61 -17.00 11.93 -54.54
C LYS A 61 -17.62 10.56 -54.30
N HIS A 62 -18.94 10.55 -54.09
CA HIS A 62 -19.67 9.34 -53.75
C HIS A 62 -20.82 9.04 -54.72
N PRO A 63 -20.51 8.79 -56.00
CA PRO A 63 -21.59 8.50 -56.95
C PRO A 63 -22.32 7.21 -56.59
N GLU A 64 -21.66 6.35 -55.82
CA GLU A 64 -22.27 5.07 -55.46
C GLU A 64 -23.53 5.29 -54.59
N TYR A 65 -23.61 6.42 -53.90
CA TYR A 65 -24.79 6.70 -53.08
C TYR A 65 -26.05 6.85 -53.93
N ARG A 66 -25.89 7.24 -55.20
CA ARG A 66 -27.06 7.41 -56.08
C ARG A 66 -27.16 6.29 -57.13
N ALA A 67 -26.34 5.27 -56.98
CA ALA A 67 -26.39 4.09 -57.83
C ALA A 67 -27.33 3.07 -57.21
N PRO A 68 -27.78 2.07 -57.98
CA PRO A 68 -28.68 1.08 -57.36
C PRO A 68 -28.08 0.47 -56.11
N GLY A 69 -28.91 0.27 -55.10
CA GLY A 69 -28.43 -0.24 -53.83
C GLY A 69 -27.86 0.86 -52.93
N GLY A 70 -27.63 2.04 -53.50
CA GLY A 70 -27.13 3.17 -52.70
C GLY A 70 -28.25 3.79 -51.89
N ASN A 71 -27.91 4.42 -50.76
CA ASN A 71 -28.94 4.92 -49.85
C ASN A 71 -29.76 6.06 -50.46
N ALA A 72 -29.15 6.82 -51.38
CA ALA A 72 -29.81 7.97 -52.00
C ALA A 72 -30.27 7.68 -53.43
N TYR A 73 -30.42 6.40 -53.75
CA TYR A 73 -30.89 6.00 -55.09
C TYR A 73 -32.32 6.45 -55.29
N GLY A 74 -32.60 7.06 -56.43
CA GLY A 74 -33.95 7.49 -56.75
C GLY A 74 -34.26 8.89 -56.23
N GLN A 75 -35.14 9.59 -56.94
CA GLN A 75 -35.43 10.98 -56.63
C GLN A 75 -35.96 11.24 -55.21
N ARG A 76 -36.91 10.45 -54.70
CA ARG A 76 -37.45 10.72 -53.36
CA ARG A 76 -37.45 10.75 -53.36
C ARG A 76 -36.34 10.69 -52.32
N GLN A 77 -35.44 9.71 -52.45
CA GLN A 77 -34.39 9.54 -51.46
CA GLN A 77 -34.40 9.55 -51.45
C GLN A 77 -33.33 10.64 -51.60
N TYR A 78 -32.94 10.92 -52.83
CA TYR A 78 -31.99 12.02 -53.08
C TYR A 78 -32.54 13.35 -52.55
N ASN A 79 -33.82 13.62 -52.78
CA ASN A 79 -34.40 14.86 -52.29
C ASN A 79 -34.43 14.90 -50.77
N GLN A 80 -34.53 13.76 -50.12
CA GLN A 80 -34.52 13.75 -48.66
C GLN A 80 -33.11 14.07 -48.14
N CYS A 81 -32.09 13.64 -48.87
CA CYS A 81 -30.73 14.05 -48.53
C CYS A 81 -30.57 15.58 -48.60
N LEU A 82 -31.06 16.18 -49.68
CA LEU A 82 -30.98 17.65 -49.82
C LEU A 82 -31.74 18.33 -48.68
N ARG A 83 -32.84 17.71 -48.26
CA ARG A 83 -33.64 18.22 -47.14
C ARG A 83 -32.77 18.23 -45.86
N ASP A 84 -32.13 17.10 -45.57
CA ASP A 84 -31.24 17.00 -44.41
C ASP A 84 -30.13 18.04 -44.49
N TYR A 85 -29.58 18.24 -45.68
CA TYR A 85 -28.53 19.25 -45.86
C TYR A 85 -29.00 20.63 -45.38
N GLY A 86 -30.22 21.01 -45.78
CA GLY A 86 -30.76 22.32 -45.43
C GLY A 86 -30.99 22.38 -43.93
N TRP A 87 -31.37 21.26 -43.33
CA TRP A 87 -31.54 21.22 -41.88
C TRP A 87 -30.24 21.44 -41.12
N TYR A 88 -29.14 20.83 -41.56
CA TYR A 88 -27.87 21.03 -40.85
C TYR A 88 -27.35 22.45 -41.04
N LEU A 89 -27.60 23.05 -42.21
CA LEU A 89 -27.22 24.44 -42.40
C LEU A 89 -27.98 25.33 -41.41
N ARG A 90 -29.27 25.02 -41.23
CA ARG A 90 -30.11 25.76 -40.30
C ARG A 90 -29.60 25.60 -38.86
N LEU A 91 -29.21 24.38 -38.47
CA LEU A 91 -28.68 24.19 -37.12
C LEU A 91 -27.38 24.98 -36.90
N VAL A 92 -26.53 25.07 -37.93
CA VAL A 92 -25.32 25.88 -37.81
C VAL A 92 -25.68 27.34 -37.53
N THR A 93 -26.72 27.88 -38.17
CA THR A 93 -27.08 29.26 -37.87
C THR A 93 -27.53 29.39 -36.41
N TYR A 94 -28.19 28.37 -35.87
CA TYR A 94 -28.57 28.40 -34.44
C TYR A 94 -27.35 28.44 -33.54
N GLY A 95 -26.35 27.61 -33.87
CA GLY A 95 -25.12 27.57 -33.09
C GLY A 95 -24.39 28.91 -33.09
N VAL A 96 -24.31 29.53 -34.27
CA VAL A 96 -23.67 30.85 -34.40
C VAL A 96 -24.38 31.90 -33.53
N LEU A 97 -25.72 31.87 -33.53
CA LEU A 97 -26.49 32.83 -32.74
C LEU A 97 -26.35 32.61 -31.23
N ALA A 98 -26.24 31.35 -30.83
CA ALA A 98 -26.15 30.97 -29.41
C ALA A 98 -24.74 31.08 -28.87
N GLY A 99 -23.77 31.10 -29.78
CA GLY A 99 -22.37 31.18 -29.37
C GLY A 99 -21.81 29.89 -28.83
N ASN A 100 -22.57 28.79 -28.97
CA ASN A 100 -22.05 27.48 -28.60
C ASN A 100 -22.77 26.37 -29.37
N LYS A 101 -22.37 25.12 -29.14
CA LYS A 101 -22.82 23.99 -29.94
CA LYS A 101 -22.83 24.02 -29.97
C LYS A 101 -24.14 23.40 -29.48
N GLU A 102 -24.65 23.88 -28.35
CA GLU A 102 -25.81 23.28 -27.72
C GLU A 102 -27.03 23.11 -28.65
N PRO A 103 -27.44 24.17 -29.39
CA PRO A 103 -28.62 23.95 -30.24
C PRO A 103 -28.37 22.94 -31.36
N ILE A 104 -27.12 22.81 -31.79
CA ILE A 104 -26.78 21.81 -32.81
C ILE A 104 -26.82 20.41 -32.19
N GLU A 105 -26.26 20.28 -31.00
CA GLU A 105 -26.15 18.96 -30.40
C GLU A 105 -27.51 18.37 -30.01
N THR A 106 -28.37 19.18 -29.40
CA THR A 106 -29.63 18.68 -28.89
C THR A 106 -30.60 18.32 -30.03
N THR A 107 -30.48 18.99 -31.18
CA THR A 107 -31.42 18.73 -32.27
C THR A 107 -30.85 17.76 -33.30
N GLY A 108 -29.55 17.86 -33.59
CA GLY A 108 -29.01 17.10 -34.71
C GLY A 108 -27.84 16.17 -34.46
N LEU A 109 -27.33 16.07 -33.23
CA LEU A 109 -26.19 15.19 -33.00
C LEU A 109 -26.43 14.06 -31.99
N ILE A 110 -27.05 14.34 -30.85
CA ILE A 110 -27.34 13.24 -29.91
C ILE A 110 -28.23 12.23 -30.62
N GLY A 111 -27.75 10.99 -30.71
CA GLY A 111 -28.49 9.92 -31.39
C GLY A 111 -28.35 9.88 -32.90
N VAL A 112 -27.52 10.76 -33.47
CA VAL A 112 -27.44 10.89 -34.93
C VAL A 112 -26.93 9.61 -35.57
N LYS A 113 -26.01 8.92 -34.91
CA LYS A 113 -25.48 7.70 -35.50
C LYS A 113 -26.53 6.58 -35.44
N GLU A 114 -27.22 6.49 -34.31
CA GLU A 114 -28.30 5.49 -34.19
C GLU A 114 -29.36 5.74 -35.26
N MET A 115 -29.69 6.99 -35.51
CA MET A 115 -30.68 7.31 -36.55
C MET A 115 -30.21 6.92 -37.95
N TYR A 116 -29.05 7.41 -38.37
CA TYR A 116 -28.63 7.16 -39.74
C TYR A 116 -28.28 5.69 -39.96
N ASN A 117 -27.77 5.02 -38.94
CA ASN A 117 -27.59 3.56 -39.04
C ASN A 117 -28.92 2.86 -39.30
N SER A 118 -29.96 3.31 -38.62
CA SER A 118 -31.28 2.70 -38.78
CA SER A 118 -31.29 2.72 -38.76
C SER A 118 -31.83 2.98 -40.17
N LEU A 119 -31.37 4.06 -40.79
CA LEU A 119 -31.80 4.45 -42.13
C LEU A 119 -30.89 3.89 -43.24
N ASN A 120 -29.83 3.18 -42.85
CA ASN A 120 -28.82 2.70 -43.79
C ASN A 120 -28.15 3.82 -44.57
N VAL A 121 -28.05 5.00 -43.95
CA VAL A 121 -27.25 6.09 -44.50
C VAL A 121 -25.86 6.03 -43.89
N PRO A 122 -24.81 5.93 -44.72
CA PRO A 122 -23.45 5.79 -44.15
C PRO A 122 -23.03 7.02 -43.34
N VAL A 123 -22.64 6.82 -42.09
CA VAL A 123 -22.23 7.95 -41.29
C VAL A 123 -20.94 8.60 -41.87
N PRO A 124 -19.98 7.81 -42.37
CA PRO A 124 -18.86 8.49 -43.05
C PRO A 124 -19.31 9.32 -44.26
N GLY A 125 -20.42 8.96 -44.88
CA GLY A 125 -20.98 9.76 -45.95
C GLY A 125 -21.49 11.10 -45.42
N MET A 126 -22.06 11.07 -44.22
CA MET A 126 -22.52 12.29 -43.57
C MET A 126 -21.34 13.18 -43.17
N VAL A 127 -20.25 12.57 -42.71
CA VAL A 127 -19.02 13.31 -42.42
C VAL A 127 -18.54 14.03 -43.67
N ASP A 128 -18.50 13.30 -44.79
CA ASP A 128 -18.08 13.88 -46.05
C ASP A 128 -19.07 14.97 -46.51
N ALA A 129 -20.36 14.75 -46.27
CA ALA A 129 -21.39 15.70 -46.69
C ALA A 129 -21.25 17.05 -45.96
N VAL A 130 -21.05 17.01 -44.65
CA VAL A 130 -20.96 18.25 -43.90
C VAL A 130 -19.64 18.95 -44.19
N THR A 131 -18.60 18.18 -44.50
CA THR A 131 -17.32 18.77 -44.87
C THR A 131 -17.46 19.69 -46.09
N VAL A 132 -18.21 19.25 -47.11
CA VAL A 132 -18.33 20.08 -48.32
C VAL A 132 -19.45 21.12 -48.15
N LEU A 133 -20.38 20.89 -47.23
CA LEU A 133 -21.34 21.93 -46.84
C LEU A 133 -20.58 23.11 -46.23
N LYS A 134 -19.67 22.80 -45.30
CA LYS A 134 -18.77 23.79 -44.73
C LYS A 134 -18.04 24.61 -45.81
N ASP A 135 -17.44 23.92 -46.77
CA ASP A 135 -16.74 24.61 -47.87
C ASP A 135 -17.65 25.61 -48.58
N ALA A 136 -18.85 25.16 -48.91
CA ALA A 136 -19.77 25.98 -49.70
C ALA A 136 -20.26 27.19 -48.91
N ALA A 137 -20.62 26.96 -47.65
CA ALA A 137 -21.12 28.01 -46.77
C ALA A 137 -20.06 29.06 -46.43
N LEU A 138 -18.86 28.62 -46.07
CA LEU A 138 -17.82 29.58 -45.68
C LEU A 138 -17.39 30.46 -46.85
N GLY A 139 -17.52 29.93 -48.06
CA GLY A 139 -17.15 30.66 -49.26
C GLY A 139 -17.99 31.90 -49.53
N LEU A 140 -19.12 32.00 -48.85
CA LEU A 140 -20.03 33.13 -49.04
C LEU A 140 -19.91 34.15 -47.92
N LEU A 141 -19.02 33.89 -46.97
CA LEU A 141 -18.80 34.80 -45.86
C LEU A 141 -17.48 35.53 -46.02
N SER A 142 -17.35 36.68 -45.36
CA SER A 142 -16.07 37.36 -45.24
C SER A 142 -15.10 36.45 -44.49
N ALA A 143 -13.81 36.76 -44.59
CA ALA A 143 -12.79 35.96 -43.92
C ALA A 143 -13.02 35.90 -42.43
N GLU A 144 -13.34 37.05 -41.84
CA GLU A 144 -13.63 37.16 -40.42
C GLU A 144 -14.83 36.30 -40.03
N ASP A 145 -15.90 36.40 -40.81
CA ASP A 145 -17.12 35.66 -40.50
C ASP A 145 -16.95 34.16 -40.75
N ALA A 146 -16.14 33.79 -41.74
CA ALA A 146 -15.85 32.38 -41.99
C ALA A 146 -15.10 31.76 -40.82
N ASN A 147 -14.13 32.50 -40.27
CA ASN A 147 -13.42 32.02 -39.08
C ASN A 147 -14.34 31.86 -37.88
N GLU A 148 -15.34 32.72 -37.77
CA GLU A 148 -16.31 32.65 -36.67
C GLU A 148 -17.21 31.44 -36.82
N THR A 149 -17.47 31.05 -38.06
CA THR A 149 -18.49 30.06 -38.36
C THR A 149 -17.92 28.67 -38.48
N ALA A 150 -16.68 28.56 -38.96
CA ALA A 150 -16.03 27.27 -39.17
C ALA A 150 -16.12 26.29 -37.96
N PRO A 151 -15.91 26.78 -36.72
CA PRO A 151 -15.99 25.84 -35.59
C PRO A 151 -17.33 25.12 -35.42
N TYR A 152 -18.42 25.72 -35.87
CA TYR A 152 -19.72 25.07 -35.72
C TYR A 152 -19.87 23.92 -36.72
N PHE A 153 -19.35 24.09 -37.93
CA PHE A 153 -19.28 22.98 -38.87
C PHE A 153 -18.34 21.90 -38.34
N ASP A 154 -17.20 22.34 -37.80
CA ASP A 154 -16.17 21.40 -37.36
C ASP A 154 -16.71 20.51 -36.24
N TYR A 155 -17.54 21.10 -35.39
CA TYR A 155 -18.11 20.35 -34.27
C TYR A 155 -18.98 19.20 -34.77
N ILE A 156 -19.81 19.49 -35.78
CA ILE A 156 -20.65 18.46 -36.41
C ILE A 156 -19.79 17.36 -37.02
N ILE A 157 -18.81 17.76 -37.81
CA ILE A 157 -17.90 16.82 -38.45
C ILE A 157 -17.17 15.94 -37.46
N GLN A 158 -16.66 16.54 -36.39
CA GLN A 158 -15.92 15.77 -35.39
C GLN A 158 -16.87 14.82 -34.66
N PHE A 159 -18.06 15.30 -34.33
CA PHE A 159 -19.04 14.48 -33.63
C PHE A 159 -19.37 13.23 -34.46
N MET A 160 -19.61 13.42 -35.75
CA MET A 160 -19.99 12.30 -36.61
C MET A 160 -18.81 11.36 -36.92
N SER A 161 -17.59 11.81 -36.65
CA SER A 161 -16.41 10.98 -36.88
C SER A 161 -16.06 10.07 -35.71
N HIS A 162 -16.30 10.54 -34.49
CA HIS A 162 -15.79 9.91 -33.26
C HIS A 162 -16.86 9.27 -32.39
N HIS A 163 -16.65 8.01 -32.03
CA HIS A 163 -17.61 7.27 -31.22
C HIS A 163 -17.46 7.57 -29.74
N MET B 1 -33.54 24.37 -18.70
CA MET B 1 -33.73 25.81 -18.78
C MET B 1 -33.37 26.33 -20.17
N GLN B 2 -33.91 27.49 -20.52
CA GLN B 2 -33.47 28.21 -21.70
C GLN B 2 -33.19 29.65 -21.32
N ASP B 3 -32.27 30.30 -22.03
CA ASP B 3 -32.17 31.75 -21.96
C ASP B 3 -32.98 32.32 -23.13
N ALA B 4 -32.99 33.64 -23.26
CA ALA B 4 -33.83 34.31 -24.24
C ALA B 4 -33.49 33.93 -25.67
N ILE B 5 -32.22 33.65 -25.93
CA ILE B 5 -31.79 33.26 -27.28
C ILE B 5 -32.27 31.86 -27.62
N THR B 6 -32.05 30.92 -26.71
CA THR B 6 -32.48 29.53 -26.93
C THR B 6 -34.01 29.44 -27.08
N ALA B 7 -34.74 30.29 -26.35
CA ALA B 7 -36.19 30.32 -26.48
C ALA B 7 -36.63 30.68 -27.88
N VAL B 8 -36.00 31.70 -28.46
CA VAL B 8 -36.36 32.13 -29.81
C VAL B 8 -35.92 31.08 -30.84
N ILE B 9 -34.74 30.50 -30.63
CA ILE B 9 -34.27 29.41 -31.49
C ILE B 9 -35.25 28.23 -31.46
N ASN B 10 -35.69 27.84 -30.27
CA ASN B 10 -36.61 26.70 -30.17
C ASN B 10 -37.93 26.92 -30.89
N SER B 11 -38.44 28.15 -30.83
CA SER B 11 -39.69 28.50 -31.50
C SER B 11 -39.56 28.35 -33.01
N ALA B 12 -38.36 28.61 -33.52
CA ALA B 12 -38.07 28.44 -34.95
C ALA B 12 -37.86 26.97 -35.30
N ASP B 13 -37.11 26.29 -34.44
CA ASP B 13 -36.71 24.91 -34.71
C ASP B 13 -37.93 24.00 -34.82
N VAL B 14 -38.92 24.21 -33.94
CA VAL B 14 -40.09 23.33 -33.92
C VAL B 14 -40.97 23.55 -35.16
N GLN B 15 -40.67 24.59 -35.94
CA GLN B 15 -41.32 24.81 -37.23
C GLN B 15 -40.40 24.44 -38.39
N GLY B 16 -39.16 24.08 -38.07
CA GLY B 16 -38.17 23.80 -39.10
C GLY B 16 -37.78 25.03 -39.89
N LYS B 17 -37.72 26.17 -39.22
CA LYS B 17 -37.46 27.45 -39.91
C LYS B 17 -36.18 28.15 -39.46
N TYR B 18 -35.54 28.83 -40.40
CA TYR B 18 -34.56 29.84 -40.04
C TYR B 18 -35.27 30.96 -39.30
N LEU B 19 -34.55 31.69 -38.44
CA LEU B 19 -35.15 32.80 -37.72
C LEU B 19 -35.53 33.92 -38.67
N ASP B 20 -36.79 34.35 -38.63
CA ASP B 20 -37.22 35.43 -39.51
C ASP B 20 -36.94 36.79 -38.88
N GLY B 21 -37.42 37.85 -39.53
CA GLY B 21 -37.15 39.20 -39.08
C GLY B 21 -37.62 39.49 -37.66
N ALA B 22 -38.83 39.06 -37.34
CA ALA B 22 -39.38 39.26 -36.01
C ALA B 22 -38.56 38.54 -34.95
N ALA B 23 -38.07 37.36 -35.30
CA ALA B 23 -37.25 36.57 -34.39
C ALA B 23 -35.89 37.25 -34.18
N MET B 24 -35.32 37.76 -35.27
CA MET B 24 -34.04 38.48 -35.16
C MET B 24 -34.20 39.75 -34.34
N ASP B 25 -35.35 40.41 -34.44
CA ASP B 25 -35.61 41.60 -33.63
C ASP B 25 -35.62 41.27 -32.14
N LYS B 26 -36.17 40.10 -31.77
CA LYS B 26 -36.14 39.67 -30.38
C LYS B 26 -34.71 39.43 -29.90
N LEU B 27 -33.88 38.83 -30.73
CA LEU B 27 -32.49 38.61 -30.37
C LEU B 27 -31.74 39.93 -30.20
N LYS B 28 -31.95 40.86 -31.14
CA LYS B 28 -31.32 42.18 -31.06
C LYS B 28 -31.66 42.87 -29.75
N SER B 29 -32.92 42.79 -29.34
N SER B 29 -32.92 42.78 -29.33
CA SER B 29 -33.35 43.37 -28.07
CA SER B 29 -33.35 43.37 -28.07
C SER B 29 -32.60 42.77 -26.89
C SER B 29 -32.62 42.77 -26.87
N TYR B 30 -32.44 41.45 -26.88
CA TYR B 30 -31.74 40.78 -25.79
C TYR B 30 -30.25 41.11 -25.81
N PHE B 31 -29.61 41.06 -26.97
CA PHE B 31 -28.19 41.40 -27.10
C PHE B 31 -27.92 42.83 -26.61
N ALA B 32 -28.80 43.76 -26.95
CA ALA B 32 -28.63 45.16 -26.55
C ALA B 32 -28.83 45.38 -25.05
N SER B 33 -29.52 44.46 -24.39
CA SER B 33 -29.83 44.60 -22.96
C SER B 33 -28.72 44.04 -22.09
N GLY B 34 -27.64 43.60 -22.71
CA GLY B 34 -26.53 42.96 -22.01
C GLY B 34 -25.92 43.74 -20.88
N GLU B 35 -25.58 45.01 -21.12
CA GLU B 35 -24.95 45.85 -20.10
C GLU B 35 -25.84 46.02 -18.89
N LEU B 36 -27.12 46.29 -19.14
CA LEU B 36 -28.13 46.39 -18.10
C LEU B 36 -28.14 45.15 -17.20
N ARG B 37 -28.19 43.97 -17.81
CA ARG B 37 -28.37 42.74 -17.07
C ARG B 37 -27.14 42.37 -16.27
N VAL B 38 -25.98 42.51 -16.90
N VAL B 38 -25.96 42.52 -16.90
CA VAL B 38 -24.72 42.15 -16.27
CA VAL B 38 -24.71 42.14 -16.25
C VAL B 38 -24.42 43.06 -15.08
C VAL B 38 -24.40 43.07 -15.08
N ARG B 39 -24.65 44.36 -15.25
CA ARG B 39 -24.42 45.32 -14.15
C ARG B 39 -25.34 45.00 -12.97
N ALA B 40 -26.62 44.74 -13.25
CA ALA B 40 -27.55 44.43 -12.17
C ALA B 40 -27.15 43.14 -11.46
N ALA B 41 -26.72 42.13 -12.20
CA ALA B 41 -26.30 40.87 -11.60
C ALA B 41 -25.10 41.09 -10.67
N SER B 42 -24.16 41.94 -11.07
CA SER B 42 -22.99 42.23 -10.25
CA SER B 42 -23.00 42.20 -10.23
C SER B 42 -23.42 42.94 -8.97
N VAL B 43 -24.34 43.89 -9.10
CA VAL B 43 -24.79 44.66 -7.93
C VAL B 43 -25.53 43.78 -6.94
N ILE B 44 -26.43 42.93 -7.44
CA ILE B 44 -27.20 42.04 -6.58
C ILE B 44 -26.29 41.03 -5.87
N SER B 45 -25.32 40.47 -6.59
CA SER B 45 -24.39 39.51 -5.98
CA SER B 45 -24.43 39.50 -5.96
C SER B 45 -23.64 40.15 -4.81
N ALA B 46 -23.19 41.39 -5.03
CA ALA B 46 -22.40 42.09 -4.03
C ALA B 46 -23.24 42.50 -2.82
N ASN B 47 -24.55 42.60 -3.01
CA ASN B 47 -25.43 43.11 -1.97
C ASN B 47 -26.52 42.14 -1.53
N ALA B 48 -26.35 40.85 -1.87
CA ALA B 48 -27.42 39.87 -1.67
C ALA B 48 -27.89 39.75 -0.22
N ALA B 49 -26.95 39.75 0.72
CA ALA B 49 -27.33 39.58 2.13
C ALA B 49 -28.06 40.82 2.62
N THR B 50 -27.58 42.00 2.22
CA THR B 50 -28.20 43.26 2.64
C THR B 50 -29.62 43.40 2.10
N ILE B 51 -29.81 43.01 0.83
CA ILE B 51 -31.14 43.11 0.23
C ILE B 51 -32.16 42.26 1.01
N VAL B 52 -31.77 41.03 1.34
CA VAL B 52 -32.66 40.15 2.10
C VAL B 52 -32.92 40.68 3.52
N LYS B 53 -31.88 41.15 4.22
CA LYS B 53 -32.14 41.58 5.59
C LYS B 53 -33.03 42.84 5.60
N GLU B 54 -32.83 43.74 4.65
CA GLU B 54 -33.66 44.93 4.58
C GLU B 54 -35.11 44.60 4.20
N ALA B 55 -35.31 43.63 3.31
CA ALA B 55 -36.65 43.20 2.94
C ALA B 55 -37.40 42.57 4.12
N VAL B 56 -36.68 41.75 4.87
CA VAL B 56 -37.26 41.12 6.06
C VAL B 56 -37.65 42.17 7.11
N ALA B 57 -36.77 43.16 7.29
CA ALA B 57 -37.06 44.22 8.26
C ALA B 57 -38.32 44.99 7.88
N LYS B 58 -38.53 45.19 6.58
CA LYS B 58 -39.68 45.94 6.10
C LYS B 58 -40.99 45.15 6.18
N SER B 59 -40.91 43.85 5.95
CA SER B 59 -42.13 43.08 5.70
C SER B 59 -42.48 42.06 6.78
N LEU B 60 -41.51 41.59 7.55
CA LEU B 60 -41.78 40.49 8.47
C LEU B 60 -41.46 40.79 9.95
N LEU B 61 -40.43 41.57 10.21
CA LEU B 61 -40.02 41.78 11.60
C LEU B 61 -41.08 42.53 12.40
N TYR B 62 -41.11 42.21 13.70
CA TYR B 62 -42.05 42.79 14.68
C TYR B 62 -43.51 42.46 14.39
N SER B 63 -43.76 41.43 13.59
CA SER B 63 -45.13 41.06 13.28
C SER B 63 -45.49 39.71 13.93
N ASP B 64 -46.71 39.26 13.71
CA ASP B 64 -47.14 37.98 14.26
C ASP B 64 -46.28 36.82 13.78
N VAL B 65 -45.70 36.97 12.59
CA VAL B 65 -44.97 35.87 11.98
C VAL B 65 -43.75 35.46 12.82
N THR B 66 -43.14 36.41 13.52
CA THR B 66 -41.93 36.10 14.28
C THR B 66 -42.20 35.84 15.77
N ARG B 67 -43.46 35.80 16.15
CA ARG B 67 -43.84 35.51 17.53
C ARG B 67 -44.32 34.06 17.61
N PRO B 68 -44.35 33.47 18.83
CA PRO B 68 -44.85 32.11 19.01
C PRO B 68 -46.18 31.92 18.29
N GLY B 69 -46.29 30.84 17.51
CA GLY B 69 -47.50 30.59 16.74
C GLY B 69 -47.32 31.04 15.31
N GLY B 70 -46.34 31.91 15.09
CA GLY B 70 -45.98 32.36 13.75
C GLY B 70 -44.93 31.43 13.17
N MEN B 71 -44.85 31.37 11.85
CA MEN B 71 -44.04 30.37 11.18
C MEN B 71 -42.54 30.70 11.15
O MEN B 71 -41.71 29.87 10.76
CB MEN B 71 -44.50 30.06 9.76
CG MEN B 71 -43.95 28.77 9.18
OD1 MEN B 71 -43.27 28.82 8.13
ND2 MEN B 71 -44.20 27.60 9.85
CE2 MEN B 71 -43.73 26.32 9.36
N MET B 72 -42.17 31.92 11.54
CA MET B 72 -40.76 32.29 11.69
C MET B 72 -40.26 32.18 13.14
N TYR B 73 -41.15 31.83 14.06
CA TYR B 73 -40.70 31.65 15.45
C TYR B 73 -39.83 30.39 15.53
N THR B 74 -38.85 30.43 16.44
CA THR B 74 -37.73 29.47 16.60
C THR B 74 -36.61 29.89 15.66
N THR B 75 -35.37 29.85 16.16
CA THR B 75 -34.24 30.26 15.34
C THR B 75 -34.10 29.36 14.13
N ARG B 76 -34.48 28.09 14.26
CA ARG B 76 -34.39 27.15 13.14
CA ARG B 76 -34.42 27.13 13.16
C ARG B 76 -35.28 27.60 11.98
N ARG B 77 -36.53 27.98 12.28
CA ARG B 77 -37.44 28.44 11.22
C ARG B 77 -37.06 29.81 10.69
N TYR B 78 -36.62 30.69 11.58
CA TYR B 78 -36.15 32.00 11.14
C TYR B 78 -35.06 31.83 10.08
N ALA B 79 -34.06 30.99 10.39
CA ALA B 79 -32.96 30.79 9.46
C ALA B 79 -33.42 30.12 8.16
N ALA B 80 -34.36 29.18 8.25
CA ALA B 80 -34.88 28.53 7.05
C ALA B 80 -35.57 29.56 6.14
N CYS B 81 -36.31 30.50 6.73
CA CYS B 81 -37.00 31.51 5.95
C CYS B 81 -36.00 32.40 5.22
N ILE B 82 -34.99 32.88 5.93
CA ILE B 82 -33.92 33.67 5.31
C ILE B 82 -33.29 32.94 4.13
N ARG B 83 -33.05 31.65 4.31
CA ARG B 83 -32.49 30.81 3.25
CA ARG B 83 -32.50 30.81 3.25
C ARG B 83 -33.39 30.79 2.02
N ASP B 84 -34.71 30.68 2.22
CA ASP B 84 -35.67 30.75 1.11
C ASP B 84 -35.53 32.07 0.36
N LEU B 85 -35.45 33.17 1.10
CA LEU B 85 -35.35 34.47 0.46
C LEU B 85 -34.02 34.59 -0.31
N ASP B 86 -32.94 34.06 0.26
CA ASP B 86 -31.66 33.98 -0.46
C ASP B 86 -31.86 33.26 -1.79
N TYR B 87 -32.58 32.14 -1.76
CA TYR B 87 -32.90 31.37 -2.98
C TYR B 87 -33.67 32.20 -3.99
N TYR B 88 -34.76 32.83 -3.56
CA TYR B 88 -35.59 33.60 -4.49
C TYR B 88 -34.80 34.72 -5.17
N LEU B 89 -33.96 35.42 -4.40
CA LEU B 89 -33.17 36.49 -5.00
C LEU B 89 -32.16 35.94 -6.01
N ARG B 90 -31.46 34.87 -5.66
CA ARG B 90 -30.45 34.30 -6.54
C ARG B 90 -31.10 33.78 -7.82
N TYR B 91 -32.20 33.03 -7.69
CA TYR B 91 -32.84 32.48 -8.90
C TYR B 91 -33.51 33.57 -9.75
N ALA B 92 -34.07 34.60 -9.13
CA ALA B 92 -34.61 35.72 -9.91
C ALA B 92 -33.50 36.41 -10.69
N THR B 93 -32.32 36.53 -10.10
CA THR B 93 -31.17 37.13 -10.77
C THR B 93 -30.74 36.26 -11.97
N TYR B 94 -30.73 34.93 -11.81
CA TYR B 94 -30.48 34.02 -12.93
C TYR B 94 -31.48 34.28 -14.07
N ALA B 95 -32.77 34.34 -13.73
CA ALA B 95 -33.80 34.53 -14.74
C ALA B 95 -33.68 35.90 -15.42
N MET B 96 -33.36 36.93 -14.65
CA MET B 96 -33.13 38.26 -15.21
C MET B 96 -31.94 38.22 -16.18
N LEU B 97 -30.86 37.57 -15.78
CA LEU B 97 -29.69 37.47 -16.64
C LEU B 97 -30.05 36.72 -17.94
N ALA B 98 -30.87 35.68 -17.81
CA ALA B 98 -31.25 34.85 -18.95
C ALA B 98 -32.32 35.49 -19.81
N GLY B 99 -33.02 36.49 -19.25
CA GLY B 99 -34.17 37.07 -19.90
C GLY B 99 -35.27 36.05 -20.17
N ASP B 100 -35.41 35.09 -19.26
CA ASP B 100 -36.36 34.00 -19.46
C ASP B 100 -36.71 33.37 -18.12
N ALA B 101 -37.99 33.05 -17.91
CA ALA B 101 -38.46 32.55 -16.62
C ALA B 101 -38.37 31.04 -16.44
N SER B 102 -37.88 30.32 -17.46
CA SER B 102 -37.95 28.87 -17.42
C SER B 102 -37.18 28.26 -16.24
N ILE B 103 -36.05 28.86 -15.86
CA ILE B 103 -35.31 28.30 -14.72
C ILE B 103 -36.17 28.39 -13.44
N LEU B 104 -37.09 29.35 -13.39
CA LEU B 104 -37.96 29.46 -12.22
C LEU B 104 -38.97 28.31 -12.19
N ASP B 105 -39.57 28.00 -13.33
CA ASP B 105 -40.49 26.88 -13.40
C ASP B 105 -39.80 25.57 -13.06
N GLU B 106 -38.58 25.40 -13.55
CA GLU B 106 -37.90 24.11 -13.44
C GLU B 106 -37.25 23.88 -12.09
N ARG B 107 -36.73 24.94 -11.47
CA ARG B 107 -35.89 24.75 -10.30
C ARG B 107 -36.39 25.44 -9.04
N VAL B 108 -37.37 26.33 -9.16
CA VAL B 108 -37.92 26.98 -7.96
C VAL B 108 -39.34 26.51 -7.65
N LEU B 109 -40.23 26.67 -8.64
CA LEU B 109 -41.66 26.53 -8.40
C LEU B 109 -42.16 25.09 -8.40
N ASN B 110 -41.37 24.19 -8.98
CA ASN B 110 -41.75 22.78 -9.11
C ASN B 110 -42.08 22.12 -7.77
N GLY B 111 -43.36 21.90 -7.52
CA GLY B 111 -43.81 21.28 -6.28
C GLY B 111 -43.67 22.15 -5.03
N LEU B 112 -43.36 23.43 -5.22
CA LEU B 112 -43.08 24.32 -4.09
C LEU B 112 -44.34 24.62 -3.26
N LYS B 113 -45.43 24.92 -3.94
CA LYS B 113 -46.68 25.27 -3.29
C LYS B 113 -47.17 24.12 -2.39
N GLU B 114 -47.02 22.89 -2.88
CA GLU B 114 -47.44 21.72 -2.14
C GLU B 114 -46.53 21.50 -0.92
N THR B 115 -45.23 21.72 -1.11
CA THR B 115 -44.27 21.64 -0.01
C THR B 115 -44.63 22.62 1.10
N TYR B 116 -44.86 23.88 0.74
CA TYR B 116 -45.25 24.89 1.72
C TYR B 116 -46.54 24.55 2.44
N ASN B 117 -47.52 24.04 1.69
CA ASN B 117 -48.80 23.73 2.29
C ASN B 117 -48.68 22.57 3.26
N SER B 118 -47.85 21.58 2.93
CA SER B 118 -47.63 20.45 3.82
CA SER B 118 -47.64 20.45 3.82
C SER B 118 -46.95 20.88 5.11
N LEU B 119 -46.04 21.85 5.01
CA LEU B 119 -45.26 22.31 6.17
C LEU B 119 -45.95 23.39 6.97
N GLY B 120 -46.95 24.04 6.38
CA GLY B 120 -47.57 25.19 7.01
C GLY B 120 -46.80 26.50 6.84
N VAL B 121 -45.98 26.59 5.79
CA VAL B 121 -45.30 27.87 5.46
C VAL B 121 -46.32 28.82 4.83
N PRO B 122 -46.47 30.03 5.40
CA PRO B 122 -47.53 30.92 4.92
C PRO B 122 -47.21 31.53 3.56
N ILE B 123 -48.10 31.33 2.60
CA ILE B 123 -47.86 31.85 1.25
C ILE B 123 -47.94 33.37 1.23
N SER B 124 -49.00 33.91 1.83
CA SER B 124 -49.22 35.36 1.91
C SER B 124 -48.00 36.11 2.42
N SER B 125 -47.47 35.69 3.57
CA SER B 125 -46.30 36.36 4.13
C SER B 125 -45.05 36.17 3.28
N THR B 126 -44.91 35.01 2.65
CA THR B 126 -43.76 34.76 1.77
C THR B 126 -43.80 35.73 0.58
N VAL B 127 -44.97 35.87 -0.02
CA VAL B 127 -45.14 36.74 -1.17
C VAL B 127 -44.87 38.20 -0.75
N GLN B 128 -45.33 38.60 0.43
CA GLN B 128 -45.03 39.94 0.93
C GLN B 128 -43.53 40.20 1.04
N ALA B 129 -42.78 39.22 1.53
CA ALA B 129 -41.33 39.36 1.66
C ALA B 129 -40.65 39.42 0.29
N ILE B 130 -41.13 38.64 -0.67
CA ILE B 130 -40.55 38.68 -2.00
C ILE B 130 -40.82 40.04 -2.64
N GLN B 131 -42.03 40.56 -2.44
CA GLN B 131 -42.35 41.89 -2.96
CA GLN B 131 -42.37 41.89 -2.93
C GLN B 131 -41.45 42.94 -2.32
N ALA B 132 -41.11 42.76 -1.05
CA ALA B 132 -40.18 43.69 -0.39
C ALA B 132 -38.79 43.58 -1.00
N ILE B 133 -38.40 42.36 -1.34
CA ILE B 133 -37.13 42.14 -2.02
C ILE B 133 -37.11 42.90 -3.34
N LYS B 134 -38.23 42.86 -4.07
CA LYS B 134 -38.32 43.60 -5.33
C LYS B 134 -38.08 45.10 -5.14
N GLU B 135 -38.66 45.69 -4.10
CA GLU B 135 -38.54 47.12 -3.94
C GLU B 135 -37.14 47.52 -3.45
N VAL B 136 -36.55 46.72 -2.58
CA VAL B 136 -35.19 46.99 -2.10
C VAL B 136 -34.21 46.88 -3.28
N THR B 137 -34.37 45.80 -4.05
CA THR B 137 -33.52 45.58 -5.21
C THR B 137 -33.62 46.74 -6.19
N ALA B 138 -34.84 47.19 -6.48
CA ALA B 138 -35.02 48.32 -7.38
C ALA B 138 -34.32 49.59 -6.88
N SER B 139 -34.27 49.77 -5.55
CA SER B 139 -33.63 50.99 -5.01
C SER B 139 -32.13 50.97 -5.28
N LEU B 140 -31.55 49.79 -5.48
CA LEU B 140 -30.10 49.66 -5.70
C LEU B 140 -29.72 49.55 -7.16
N VAL B 141 -30.47 48.80 -7.96
CA VAL B 141 -30.05 48.58 -9.34
C VAL B 141 -30.62 49.62 -10.30
N GLY B 142 -31.48 50.50 -9.77
CA GLY B 142 -32.09 51.53 -10.58
C GLY B 142 -33.48 51.18 -11.06
N ALA B 143 -34.06 52.08 -11.84
CA ALA B 143 -35.43 51.91 -12.34
C ALA B 143 -35.52 50.83 -13.41
N ASP B 144 -34.63 50.89 -14.40
CA ASP B 144 -34.70 50.00 -15.57
C ASP B 144 -34.34 48.54 -15.28
N ALA B 145 -33.30 48.34 -14.49
CA ALA B 145 -32.92 46.98 -14.11
C ALA B 145 -33.93 46.48 -13.09
N GLY B 146 -34.47 47.42 -12.32
CA GLY B 146 -35.43 47.12 -11.29
C GLY B 146 -36.69 46.53 -11.89
N LYS B 147 -37.07 47.04 -13.06
CA LYS B 147 -38.24 46.53 -13.77
C LYS B 147 -38.06 45.09 -14.21
N GLU B 148 -36.89 44.77 -14.78
CA GLU B 148 -36.57 43.40 -15.18
C GLU B 148 -36.58 42.43 -14.00
N MET B 149 -35.89 42.80 -12.91
CA MET B 149 -35.91 41.97 -11.71
C MET B 149 -37.34 41.80 -11.22
N GLY B 150 -38.13 42.88 -11.31
CA GLY B 150 -39.52 42.84 -10.85
C GLY B 150 -40.34 41.81 -11.60
N VAL B 151 -40.07 41.66 -12.89
CA VAL B 151 -40.78 40.65 -13.71
C VAL B 151 -40.59 39.26 -13.10
N TYR B 152 -39.36 38.93 -12.74
CA TYR B 152 -39.03 37.57 -12.33
C TYR B 152 -39.35 37.32 -10.86
N LEU B 153 -39.23 38.35 -10.02
CA LEU B 153 -39.70 38.21 -8.65
C LEU B 153 -41.24 38.10 -8.62
N ASP B 154 -41.92 38.86 -9.48
CA ASP B 154 -43.38 38.77 -9.57
C ASP B 154 -43.77 37.39 -10.07
N TYR B 155 -42.95 36.84 -10.97
CA TYR B 155 -43.22 35.53 -11.54
C TYR B 155 -43.22 34.46 -10.45
N ILE B 156 -42.25 34.53 -9.55
CA ILE B 156 -42.19 33.58 -8.44
C ILE B 156 -43.45 33.72 -7.56
N CYS B 157 -43.85 34.96 -7.29
CA CYS B 157 -45.04 35.22 -6.47
C CYS B 157 -46.30 34.64 -7.11
N SER B 158 -46.44 34.84 -8.41
N SER B 158 -46.46 34.84 -8.42
CA SER B 158 -47.62 34.35 -9.11
CA SER B 158 -47.64 34.34 -9.09
C SER B 158 -47.65 32.82 -9.08
C SER B 158 -47.65 32.82 -9.10
N GLY B 159 -46.47 32.22 -9.13
CA GLY B 159 -46.34 30.78 -9.10
C GLY B 159 -46.69 30.15 -7.75
N LEU B 160 -46.58 30.95 -6.69
CA LEU B 160 -46.91 30.49 -5.34
C LEU B 160 -48.39 30.66 -5.02
N SER B 161 -49.03 31.59 -5.72
CA SER B 161 -50.41 31.93 -5.45
C SER B 161 -51.35 31.09 -6.30
N SER C 2 -37.05 14.29 25.50
CA SER C 2 -36.23 14.29 26.71
C SER C 2 -35.26 13.11 26.72
N VAL C 3 -34.69 12.86 27.90
CA VAL C 3 -33.88 11.67 28.14
C VAL C 3 -34.57 10.38 27.64
N VAL C 4 -35.88 10.31 27.80
CA VAL C 4 -36.63 9.13 27.41
C VAL C 4 -36.63 8.95 25.88
N SER C 5 -36.97 10.02 25.17
N SER C 5 -36.96 10.02 25.16
CA SER C 5 -36.98 10.03 23.70
CA SER C 5 -37.00 9.94 23.70
C SER C 5 -35.63 9.62 23.12
C SER C 5 -35.63 9.64 23.10
N GLN C 6 -34.57 10.16 23.72
CA GLN C 6 -33.21 9.86 23.26
C GLN C 6 -32.90 8.38 23.31
N VAL C 7 -33.28 7.73 24.40
CA VAL C 7 -33.10 6.29 24.52
C VAL C 7 -33.90 5.54 23.45
N ILE C 8 -35.14 5.98 23.25
CA ILE C 8 -36.03 5.30 22.30
C ILE C 8 -35.51 5.42 20.88
N LEU C 9 -35.00 6.60 20.52
CA LEU C 9 -34.45 6.80 19.19
C LEU C 9 -33.24 5.92 18.94
N GLN C 10 -32.39 5.76 19.96
CA GLN C 10 -31.24 4.87 19.84
C GLN C 10 -31.67 3.42 19.69
N ALA C 11 -32.66 3.01 20.48
CA ALA C 11 -33.15 1.65 20.40
C ALA C 11 -33.76 1.38 19.03
N ASP C 12 -34.55 2.32 18.54
CA ASP C 12 -35.24 2.13 17.27
C ASP C 12 -34.21 2.02 16.14
N ASP C 13 -33.18 2.86 16.20
CA ASP C 13 -32.09 2.82 15.25
C ASP C 13 -31.48 1.41 15.18
N GLN C 14 -31.42 0.73 16.31
CA GLN C 14 -30.81 -0.59 16.37
C GLN C 14 -31.86 -1.71 16.36
N LEU C 15 -33.10 -1.36 16.07
CA LEU C 15 -34.17 -2.37 15.91
C LEU C 15 -34.34 -3.24 17.16
N ARG C 16 -34.25 -2.63 18.33
CA ARG C 16 -34.20 -3.38 19.57
C ARG C 16 -35.02 -2.72 20.67
N TYR C 17 -35.26 -3.44 21.76
CA TYR C 17 -35.81 -2.82 22.97
C TYR C 17 -34.71 -2.06 23.69
N PRO C 18 -35.08 -1.09 24.54
CA PRO C 18 -34.06 -0.45 25.36
C PRO C 18 -33.35 -1.48 26.23
N THR C 19 -32.07 -1.25 26.50
CA THR C 19 -31.30 -2.17 27.33
C THR C 19 -31.62 -1.95 28.80
N SER C 20 -31.23 -2.90 29.64
CA SER C 20 -31.42 -2.77 31.08
C SER C 20 -30.72 -1.50 31.58
N GLY C 21 -29.54 -1.22 31.04
CA GLY C 21 -28.82 0.00 31.39
C GLY C 21 -29.56 1.26 31.00
N GLU C 22 -30.13 1.28 29.79
CA GLU C 22 -30.87 2.43 29.32
C GLU C 22 -32.13 2.65 30.17
N LEU C 23 -32.76 1.55 30.57
CA LEU C 23 -33.96 1.63 31.39
C LEU C 23 -33.64 2.15 32.80
N LYS C 24 -32.50 1.73 33.36
CA LYS C 24 -32.05 2.24 34.66
C LYS C 24 -31.80 3.73 34.60
N GLY C 25 -31.27 4.20 33.47
CA GLY C 25 -31.03 5.61 33.26
C GLY C 25 -32.31 6.41 33.20
N ILE C 26 -33.33 5.84 32.56
CA ILE C 26 -34.64 6.45 32.49
C ILE C 26 -35.26 6.52 33.90
N GLN C 27 -35.19 5.41 34.64
CA GLN C 27 -35.73 5.36 36.00
CA GLN C 27 -35.76 5.42 35.98
C GLN C 27 -35.09 6.45 36.86
N ALA C 28 -33.77 6.57 36.77
CA ALA C 28 -33.05 7.57 37.55
C ALA C 28 -33.47 9.00 37.16
N PHE C 29 -33.66 9.25 35.88
CA PHE C 29 -34.11 10.56 35.44
C PHE C 29 -35.48 10.89 35.99
N LEU C 30 -36.40 9.94 35.90
CA LEU C 30 -37.79 10.23 36.25
C LEU C 30 -37.98 10.44 37.76
N THR C 31 -37.07 9.93 38.60
CA THR C 31 -37.18 10.19 40.04
C THR C 31 -36.67 11.59 40.43
N THR C 32 -36.06 12.29 39.48
CA THR C 32 -35.53 13.62 39.76
C THR C 32 -36.49 14.72 39.30
N GLY C 33 -37.74 14.35 39.03
CA GLY C 33 -38.71 15.28 38.51
C GLY C 33 -39.03 16.44 39.43
N ALA C 34 -39.21 16.15 40.71
CA ALA C 34 -39.64 17.18 41.67
C ALA C 34 -38.61 18.32 41.75
N GLN C 35 -37.33 17.98 41.73
CA GLN C 35 -36.26 18.98 41.73
C GLN C 35 -36.32 19.88 40.51
N ARG C 36 -36.58 19.28 39.35
CA ARG C 36 -36.57 20.03 38.10
C ARG C 36 -37.73 20.99 38.04
N ILE C 37 -38.88 20.55 38.54
CA ILE C 37 -40.04 21.41 38.61
C ILE C 37 -39.81 22.58 39.57
N ARG C 38 -39.16 22.32 40.70
CA ARG C 38 -38.83 23.39 41.64
C ARG C 38 -37.92 24.45 41.00
N ILE C 39 -36.93 23.99 40.24
CA ILE C 39 -36.03 24.92 39.56
C ILE C 39 -36.79 25.73 38.52
N ALA C 40 -37.63 25.06 37.72
CA ALA C 40 -38.35 25.74 36.65
C ALA C 40 -39.26 26.82 37.23
N GLU C 41 -39.94 26.49 38.32
CA GLU C 41 -40.87 27.46 38.90
C GLU C 41 -40.14 28.63 39.57
N THR C 42 -38.98 28.37 40.15
CA THR C 42 -38.21 29.45 40.76
C THR C 42 -37.71 30.44 39.71
N LEU C 43 -37.21 29.93 38.58
CA LEU C 43 -36.73 30.80 37.53
C LEU C 43 -37.89 31.57 36.91
N ALA C 44 -39.02 30.90 36.68
CA ALA C 44 -40.18 31.56 36.11
C ALA C 44 -40.68 32.68 37.02
N GLU C 45 -40.78 32.41 38.31
CA GLU C 45 -41.27 33.40 39.28
C GLU C 45 -40.38 34.61 39.38
N ASN C 46 -39.10 34.41 39.13
CA ASN C 46 -38.13 35.48 39.29
C ASN C 46 -37.63 36.05 37.98
N GLU C 47 -38.38 35.83 36.90
CA GLU C 47 -37.91 36.27 35.58
C GLU C 47 -37.56 37.74 35.50
N LYS C 48 -38.45 38.59 36.01
CA LYS C 48 -38.25 40.04 35.87
C LYS C 48 -36.98 40.46 36.59
N LYS C 49 -36.81 39.95 37.81
CA LYS C 49 -35.64 40.25 38.62
C LYS C 49 -34.34 39.75 37.97
N ILE C 50 -34.38 38.52 37.47
CA ILE C 50 -33.23 37.90 36.81
C ILE C 50 -32.83 38.66 35.56
N VAL C 51 -33.79 38.96 34.70
CA VAL C 51 -33.50 39.72 33.48
C VAL C 51 -32.99 41.13 33.79
N ASP C 52 -33.54 41.77 34.83
CA ASP C 52 -33.08 43.11 35.18
C ASP C 52 -31.64 43.12 35.65
N GLN C 53 -31.28 42.18 36.51
CA GLN C 53 -29.89 42.07 36.97
C GLN C 53 -28.97 41.81 35.80
N ALA C 54 -29.39 40.90 34.91
CA ALA C 54 -28.58 40.52 33.75
C ALA C 54 -28.37 41.69 32.80
N GLN C 55 -29.44 42.39 32.43
CA GLN C 55 -29.29 43.48 31.47
C GLN C 55 -28.45 44.62 32.05
N LYS C 56 -28.58 44.87 33.36
CA LYS C 56 -27.75 45.88 33.98
C LYS C 56 -26.26 45.56 33.83
N GLN C 57 -25.89 44.30 34.05
CA GLN C 57 -24.49 43.92 33.91
C GLN C 57 -24.06 43.95 32.44
N LEU C 58 -24.93 43.46 31.56
CA LEU C 58 -24.65 43.43 30.12
C LEU C 58 -24.28 44.81 29.57
N PHE C 59 -25.12 45.80 29.86
CA PHE C 59 -24.94 47.10 29.24
C PHE C 59 -23.95 47.96 30.02
N LYS C 60 -23.55 47.52 31.21
CA LYS C 60 -22.38 48.13 31.84
C LYS C 60 -21.11 47.73 31.08
N LYS C 61 -21.08 46.49 30.61
CA LYS C 61 -19.93 45.97 29.86
C LYS C 61 -19.93 46.50 28.43
N HIS C 62 -21.12 46.57 27.85
CA HIS C 62 -21.31 46.97 26.45
C HIS C 62 -22.24 48.19 26.28
N PRO C 63 -21.84 49.37 26.79
CA PRO C 63 -22.70 50.54 26.62
C PRO C 63 -22.84 50.93 25.16
N GLU C 64 -21.90 50.51 24.33
CA GLU C 64 -21.94 50.86 22.92
C GLU C 64 -23.17 50.25 22.23
N TYR C 65 -23.70 49.16 22.78
CA TYR C 65 -24.90 48.57 22.19
C TYR C 65 -26.11 49.51 22.27
N ARG C 66 -26.11 50.44 23.23
CA ARG C 66 -27.23 51.37 23.38
C ARG C 66 -26.83 52.80 22.97
N ALA C 67 -25.65 52.94 22.37
CA ALA C 67 -25.22 54.23 21.81
C ALA C 67 -25.66 54.31 20.34
N PRO C 68 -25.65 55.52 19.75
CA PRO C 68 -26.07 55.56 18.34
C PRO C 68 -25.28 54.60 17.46
N GLY C 69 -25.97 53.95 16.54
CA GLY C 69 -25.34 52.96 15.69
C GLY C 69 -25.29 51.58 16.35
N GLY C 70 -25.57 51.54 17.66
CA GLY C 70 -25.60 50.26 18.37
C GLY C 70 -26.89 49.52 18.07
N ASN C 71 -26.85 48.18 18.16
CA ASN C 71 -27.99 47.37 17.74
C ASN C 71 -29.20 47.55 18.66
N ALA C 72 -28.94 47.93 19.91
CA ALA C 72 -30.01 48.09 20.89
C ALA C 72 -30.29 49.56 21.19
N TYR C 73 -29.89 50.44 20.27
CA TYR C 73 -30.12 51.88 20.43
C TYR C 73 -31.61 52.16 20.37
N GLY C 74 -32.10 52.97 21.31
CA GLY C 74 -33.51 53.33 21.34
C GLY C 74 -34.39 52.33 22.08
N GLN C 75 -35.48 52.85 22.65
CA GLN C 75 -36.36 52.03 23.48
C GLN C 75 -36.93 50.77 22.82
N ARG C 76 -37.47 50.84 21.61
CA ARG C 76 -38.09 49.65 21.01
CA ARG C 76 -38.09 49.64 21.02
C ARG C 76 -37.06 48.53 20.90
N GLN C 77 -35.83 48.88 20.50
CA GLN C 77 -34.83 47.86 20.26
CA GLN C 77 -34.84 47.84 20.25
C GLN C 77 -34.32 47.28 21.59
N TYR C 78 -34.07 48.17 22.55
CA TYR C 78 -33.65 47.72 23.89
C TYR C 78 -34.70 46.79 24.51
N ASN C 79 -35.97 47.16 24.40
CA ASN C 79 -37.03 46.31 24.93
C ASN C 79 -37.07 44.95 24.24
N GLN C 80 -36.70 44.90 22.96
CA GLN C 80 -36.71 43.62 22.27
C GLN C 80 -35.56 42.74 22.77
N CYS C 81 -34.44 43.36 23.15
CA CYS C 81 -33.37 42.60 23.80
C CYS C 81 -33.86 41.97 25.11
N LEU C 82 -34.57 42.74 25.92
CA LEU C 82 -35.08 42.21 27.19
C LEU C 82 -36.07 41.07 26.93
N ARG C 83 -36.85 41.21 25.85
CA ARG C 83 -37.77 40.16 25.41
C ARG C 83 -36.99 38.88 25.13
N ASP C 84 -35.95 38.97 24.30
CA ASP C 84 -35.09 37.82 24.00
C ASP C 84 -34.51 37.19 25.26
N TYR C 85 -34.08 38.04 26.19
CA TYR C 85 -33.55 37.55 27.46
C TYR C 85 -34.55 36.63 28.18
N GLY C 86 -35.80 37.07 28.29
CA GLY C 86 -36.85 36.28 28.93
C GLY C 86 -37.09 34.98 28.18
N TRP C 87 -36.97 35.03 26.86
CA TRP C 87 -37.14 33.81 26.07
C TRP C 87 -36.04 32.79 26.34
N TYR C 88 -34.79 33.23 26.47
CA TYR C 88 -33.71 32.25 26.72
C TYR C 88 -33.82 31.70 28.14
N LEU C 89 -34.27 32.52 29.08
CA LEU C 89 -34.52 32.01 30.43
C LEU C 89 -35.59 30.91 30.39
N ARG C 90 -36.63 31.16 29.62
CA ARG C 90 -37.71 30.18 29.45
C ARG C 90 -37.18 28.89 28.83
N LEU C 91 -36.33 29.01 27.81
CA LEU C 91 -35.78 27.80 27.20
C LEU C 91 -34.94 27.00 28.20
N VAL C 92 -34.19 27.69 29.06
CA VAL C 92 -33.43 26.98 30.09
C VAL C 92 -34.35 26.17 31.01
N THR C 93 -35.52 26.71 31.38
CA THR C 93 -36.42 25.91 32.20
C THR C 93 -36.88 24.67 31.44
N TYR C 94 -37.08 24.78 30.13
CA TYR C 94 -37.46 23.60 29.33
C TYR C 94 -36.37 22.54 29.39
N GLY C 95 -35.11 22.97 29.24
CA GLY C 95 -33.97 22.07 29.28
C GLY C 95 -33.86 21.33 30.60
N VAL C 96 -34.03 22.06 31.70
CA VAL C 96 -33.98 21.47 33.04
C VAL C 96 -35.07 20.41 33.21
N LEU C 97 -36.27 20.70 32.73
CA LEU C 97 -37.39 19.75 32.84
C LEU C 97 -37.18 18.51 31.97
N ALA C 98 -36.56 18.68 30.82
CA ALA C 98 -36.34 17.58 29.87
C ALA C 98 -35.10 16.77 30.21
N GLY C 99 -34.19 17.36 30.99
CA GLY C 99 -32.97 16.69 31.37
C GLY C 99 -31.94 16.63 30.26
N ASN C 100 -32.17 17.40 29.18
CA ASN C 100 -31.18 17.52 28.13
C ASN C 100 -31.37 18.82 27.35
N LYS C 101 -30.49 19.07 26.38
CA LYS C 101 -30.42 20.35 25.69
CA LYS C 101 -30.44 20.36 25.71
C LYS C 101 -31.39 20.47 24.53
N GLU C 102 -32.08 19.37 24.22
CA GLU C 102 -32.90 19.31 23.02
C GLU C 102 -33.92 20.46 22.88
N PRO C 103 -34.74 20.75 23.91
CA PRO C 103 -35.70 21.83 23.69
C PRO C 103 -35.05 23.20 23.53
N ILE C 104 -33.85 23.38 24.07
CA ILE C 104 -33.11 24.63 23.91
C ILE C 104 -32.58 24.72 22.48
N GLU C 105 -32.04 23.61 22.00
CA GLU C 105 -31.38 23.60 20.70
C GLU C 105 -32.38 23.81 19.57
N THR C 106 -33.51 23.10 19.61
CA THR C 106 -34.46 23.14 18.52
C THR C 106 -35.19 24.49 18.42
N THR C 107 -35.33 25.19 19.56
CA THR C 107 -36.08 26.45 19.53
C THR C 107 -35.15 27.66 19.45
N GLY C 108 -34.00 27.59 20.13
CA GLY C 108 -33.20 28.79 20.27
C GLY C 108 -31.75 28.75 19.81
N LEU C 109 -31.26 27.61 19.32
CA LEU C 109 -29.85 27.55 18.91
C LEU C 109 -29.61 27.20 17.42
N ILE C 110 -30.31 26.22 16.89
CA ILE C 110 -30.14 25.92 15.46
C ILE C 110 -30.52 27.15 14.65
N GLY C 111 -29.58 27.66 13.87
CA GLY C 111 -29.79 28.86 13.07
C GLY C 111 -29.65 30.18 13.81
N VAL C 112 -29.26 30.14 15.09
CA VAL C 112 -29.22 31.36 15.91
C VAL C 112 -28.21 32.37 15.38
N LYS C 113 -27.09 31.90 14.84
CA LYS C 113 -26.10 32.83 14.34
C LYS C 113 -26.58 33.49 13.04
N GLU C 114 -27.20 32.69 12.17
CA GLU C 114 -27.78 33.24 10.95
C GLU C 114 -28.84 34.30 11.28
N MET C 115 -29.67 34.03 12.28
CA MET C 115 -30.68 35.00 12.66
C MET C 115 -30.07 36.30 13.19
N TYR C 116 -29.20 36.20 14.20
CA TYR C 116 -28.71 37.44 14.80
C TYR C 116 -27.79 38.19 13.85
N ASN C 117 -27.06 37.49 13.00
CA ASN C 117 -26.30 38.18 11.95
C ASN C 117 -27.22 38.99 11.03
N SER C 118 -28.37 38.41 10.69
CA SER C 118 -29.31 39.09 9.80
CA SER C 118 -29.33 39.07 9.82
C SER C 118 -29.93 40.31 10.50
N LEU C 119 -29.93 40.28 11.83
CA LEU C 119 -30.48 41.36 12.64
C LEU C 119 -29.41 42.39 13.05
N ASN C 120 -28.15 42.13 12.68
CA ASN C 120 -27.01 42.95 13.11
C ASN C 120 -26.86 43.02 14.62
N VAL C 121 -27.26 41.96 15.30
CA VAL C 121 -26.97 41.80 16.74
C VAL C 121 -25.69 41.01 16.90
N PRO C 122 -24.70 41.57 17.59
CA PRO C 122 -23.41 40.86 17.66
C PRO C 122 -23.52 39.53 18.42
N VAL C 123 -23.09 38.44 17.81
CA VAL C 123 -23.18 37.15 18.47
C VAL C 123 -22.27 37.09 19.73
N PRO C 124 -21.06 37.67 19.66
CA PRO C 124 -20.31 37.76 20.93
C PRO C 124 -21.06 38.54 22.01
N GLY C 125 -21.91 39.48 21.62
CA GLY C 125 -22.77 40.19 22.56
C GLY C 125 -23.75 39.24 23.22
N MET C 126 -24.28 38.32 22.44
CA MET C 126 -25.22 37.32 22.96
C MET C 126 -24.49 36.36 23.90
N VAL C 127 -23.26 35.99 23.56
CA VAL C 127 -22.47 35.16 24.46
C VAL C 127 -22.31 35.86 25.82
N ASP C 128 -21.97 37.16 25.79
CA ASP C 128 -21.81 37.92 27.02
C ASP C 128 -23.15 38.04 27.75
N ALA C 129 -24.23 38.19 27.00
CA ALA C 129 -25.57 38.36 27.60
C ALA C 129 -25.99 37.10 28.38
N VAL C 130 -25.80 35.94 27.77
CA VAL C 130 -26.26 34.71 28.43
C VAL C 130 -25.33 34.41 29.62
N THR C 131 -24.07 34.78 29.51
CA THR C 131 -23.13 34.60 30.62
C THR C 131 -23.64 35.31 31.88
N VAL C 132 -24.10 36.55 31.75
CA VAL C 132 -24.55 37.27 32.96
C VAL C 132 -26.00 36.90 33.32
N LEU C 133 -26.75 36.36 32.36
CA LEU C 133 -28.05 35.78 32.65
C LEU C 133 -27.88 34.57 33.58
N LYS C 134 -26.92 33.72 33.23
CA LYS C 134 -26.53 32.59 34.08
C LYS C 134 -26.18 33.05 35.50
N ASP C 135 -25.35 34.07 35.63
CA ASP C 135 -24.99 34.58 36.95
C ASP C 135 -26.22 34.98 37.76
N ALA C 136 -27.14 35.71 37.14
CA ALA C 136 -28.31 36.22 37.83
C ALA C 136 -29.25 35.09 38.25
N ALA C 137 -29.50 34.16 37.33
CA ALA C 137 -30.38 33.02 37.58
C ALA C 137 -29.86 32.07 38.66
N LEU C 138 -28.59 31.70 38.57
CA LEU C 138 -28.04 30.72 39.52
C LEU C 138 -27.99 31.29 40.94
N GLY C 139 -27.88 32.61 41.03
CA GLY C 139 -27.84 33.29 42.32
C GLY C 139 -29.11 33.16 43.14
N LEU C 140 -30.20 32.76 42.49
CA LEU C 140 -31.49 32.61 43.16
C LEU C 140 -31.81 31.16 43.51
N LEU C 141 -30.88 30.26 43.17
CA LEU C 141 -31.06 28.85 43.46
C LEU C 141 -30.16 28.41 44.59
N SER C 142 -30.53 27.30 45.22
CA SER C 142 -29.64 26.64 46.17
C SER C 142 -28.39 26.16 45.45
N ALA C 143 -27.34 25.87 46.22
CA ALA C 143 -26.08 25.41 45.64
C ALA C 143 -26.29 24.18 44.77
N GLU C 144 -27.07 23.23 45.29
CA GLU C 144 -27.38 21.99 44.58
C GLU C 144 -28.12 22.27 43.28
N ASP C 145 -29.14 23.13 43.36
CA ASP C 145 -29.95 23.43 42.17
C ASP C 145 -29.18 24.27 41.16
N ALA C 146 -28.28 25.12 41.63
CA ALA C 146 -27.42 25.89 40.72
C ALA C 146 -26.52 24.95 39.92
N ASN C 147 -25.97 23.94 40.58
CA ASN C 147 -25.12 22.96 39.91
C ASN C 147 -25.88 22.18 38.86
N GLU C 148 -27.15 21.90 39.14
CA GLU C 148 -28.01 21.16 38.21
C GLU C 148 -28.32 22.01 36.97
N THR C 149 -28.40 23.31 37.18
CA THR C 149 -28.90 24.23 36.16
C THR C 149 -27.79 24.80 35.29
N ALA C 150 -26.60 24.98 35.88
CA ALA C 150 -25.49 25.62 35.17
C ALA C 150 -25.19 25.02 33.78
N PRO C 151 -25.20 23.68 33.64
CA PRO C 151 -24.86 23.19 32.29
C PRO C 151 -25.83 23.59 31.17
N TYR C 152 -27.06 23.93 31.50
CA TYR C 152 -27.99 24.34 30.45
C TYR C 152 -27.63 25.73 29.94
N PHE C 153 -27.25 26.62 30.84
CA PHE C 153 -26.72 27.92 30.43
C PHE C 153 -25.41 27.73 29.65
N ASP C 154 -24.55 26.85 30.15
CA ASP C 154 -23.24 26.64 29.54
C ASP C 154 -23.39 26.13 28.12
N TYR C 155 -24.40 25.29 27.90
CA TYR C 155 -24.62 24.75 26.55
C TYR C 155 -24.94 25.88 25.57
N ILE C 156 -25.79 26.82 25.97
CA ILE C 156 -26.11 27.98 25.14
C ILE C 156 -24.87 28.83 24.86
N ILE C 157 -24.13 29.13 25.92
CA ILE C 157 -22.93 29.92 25.79
C ILE C 157 -21.91 29.28 24.85
N GLN C 158 -21.68 27.98 25.01
CA GLN C 158 -20.72 27.29 24.17
C GLN C 158 -21.20 27.25 22.72
N PHE C 159 -22.50 27.05 22.52
CA PHE C 159 -23.05 26.98 21.18
C PHE C 159 -22.84 28.29 20.45
N MET C 160 -23.14 29.40 21.12
CA MET C 160 -23.01 30.71 20.50
C MET C 160 -21.53 31.14 20.32
N SER C 161 -20.62 30.45 21.00
CA SER C 161 -19.20 30.75 20.87
C SER C 161 -18.53 30.01 19.69
N HIS C 162 -18.98 28.78 19.44
CA HIS C 162 -18.26 27.83 18.57
C HIS C 162 -18.98 27.47 17.28
N HIS C 163 -18.25 27.54 16.17
CA HIS C 163 -18.77 27.20 14.83
C HIS C 163 -20.01 28.02 14.48
N MET D 1 -40.43 12.50 16.80
CA MET D 1 -41.20 11.98 17.93
C MET D 1 -41.07 12.90 19.14
N GLN D 2 -42.03 12.80 20.06
CA GLN D 2 -41.92 13.44 21.36
C GLN D 2 -42.29 12.43 22.42
N ASP D 3 -41.71 12.58 23.62
CA ASP D 3 -42.24 11.88 24.79
C ASP D 3 -43.19 12.84 25.50
N ALA D 4 -43.75 12.40 26.62
CA ALA D 4 -44.80 13.16 27.31
C ALA D 4 -44.31 14.51 27.83
N ILE D 5 -43.03 14.59 28.14
CA ILE D 5 -42.47 15.84 28.66
C ILE D 5 -42.33 16.85 27.53
N THR D 6 -41.76 16.42 26.41
CA THR D 6 -41.56 17.33 25.28
C THR D 6 -42.92 17.80 24.74
N ALA D 7 -43.94 16.94 24.80
CA ALA D 7 -45.28 17.34 24.35
C ALA D 7 -45.82 18.51 25.17
N VAL D 8 -45.65 18.44 26.48
CA VAL D 8 -46.11 19.51 27.35
C VAL D 8 -45.26 20.78 27.13
N ILE D 9 -43.95 20.60 26.98
CA ILE D 9 -43.07 21.72 26.68
C ILE D 9 -43.48 22.41 25.38
N ASN D 10 -43.74 21.63 24.33
CA ASN D 10 -44.12 22.23 23.05
C ASN D 10 -45.42 23.02 23.10
N SER D 11 -46.39 22.54 23.89
CA SER D 11 -47.65 23.25 24.04
C SER D 11 -47.44 24.61 24.69
N ALA D 12 -46.45 24.69 25.57
CA ALA D 12 -46.12 25.95 26.23
C ALA D 12 -45.32 26.84 25.29
N ASP D 13 -44.37 26.23 24.58
CA ASP D 13 -43.44 26.99 23.75
C ASP D 13 -44.16 27.72 22.64
N VAL D 14 -45.15 27.07 22.01
CA VAL D 14 -45.86 27.67 20.88
C VAL D 14 -46.74 28.86 21.33
N GLN D 15 -46.89 29.02 22.64
CA GLN D 15 -47.55 30.19 23.23
C GLN D 15 -46.56 31.18 23.82
N GLY D 16 -45.29 30.79 23.86
CA GLY D 16 -44.26 31.63 24.46
C GLY D 16 -44.39 31.73 25.97
N LYS D 17 -44.82 30.64 26.60
CA LYS D 17 -45.10 30.62 28.04
C LYS D 17 -44.22 29.67 28.83
N TYR D 18 -43.90 30.05 30.06
CA TYR D 18 -43.41 29.08 31.04
C TYR D 18 -44.55 28.10 31.33
N LEU D 19 -44.21 26.89 31.75
CA LEU D 19 -45.23 25.89 32.09
C LEU D 19 -46.03 26.33 33.31
N ASP D 20 -47.36 26.35 33.18
CA ASP D 20 -48.19 26.75 34.31
C ASP D 20 -48.49 25.55 35.21
N GLY D 21 -49.35 25.76 36.20
CA GLY D 21 -49.66 24.72 37.16
C GLY D 21 -50.22 23.46 36.54
N ALA D 22 -51.14 23.60 35.59
CA ALA D 22 -51.73 22.47 34.90
C ALA D 22 -50.69 21.67 34.14
N ALA D 23 -49.77 22.39 33.50
CA ALA D 23 -48.68 21.76 32.77
C ALA D 23 -47.75 21.00 33.72
N MET D 24 -47.40 21.63 34.84
CA MET D 24 -46.54 20.97 35.82
C MET D 24 -47.22 19.73 36.38
N ASP D 25 -48.54 19.77 36.55
CA ASP D 25 -49.28 18.59 37.01
C ASP D 25 -49.19 17.43 36.03
N LYS D 26 -49.20 17.72 34.73
CA LYS D 26 -49.01 16.68 33.73
C LYS D 26 -47.62 16.06 33.84
N LEU D 27 -46.61 16.89 34.03
CA LEU D 27 -45.25 16.39 34.18
C LEU D 27 -45.13 15.52 35.44
N LYS D 28 -45.70 15.99 36.54
CA LYS D 28 -45.67 15.22 37.78
C LYS D 28 -46.26 13.82 37.61
N SER D 29 -47.37 13.74 36.88
N SER D 29 -47.37 13.75 36.89
CA SER D 29 -48.00 12.45 36.62
CA SER D 29 -48.02 12.46 36.60
C SER D 29 -47.08 11.52 35.84
C SER D 29 -47.10 11.53 35.83
N TYR D 30 -46.41 12.07 34.83
CA TYR D 30 -45.51 11.26 34.01
C TYR D 30 -44.29 10.82 34.81
N PHE D 31 -43.68 11.76 35.55
CA PHE D 31 -42.52 11.43 36.38
C PHE D 31 -42.86 10.32 37.39
N ALA D 32 -44.05 10.40 37.99
CA ALA D 32 -44.47 9.41 38.98
C ALA D 32 -44.74 8.04 38.38
N SER D 33 -45.01 7.99 37.08
CA SER D 33 -45.35 6.74 36.41
C SER D 33 -44.12 5.97 35.95
N GLY D 34 -42.94 6.50 36.26
CA GLY D 34 -41.68 5.94 35.79
C GLY D 34 -41.45 4.48 36.10
N GLU D 35 -41.70 4.09 37.35
CA GLU D 35 -41.47 2.71 37.78
C GLU D 35 -42.36 1.75 37.02
N LEU D 36 -43.63 2.11 36.89
CA LEU D 36 -44.59 1.32 36.14
C LEU D 36 -44.11 1.09 34.70
N ARG D 37 -43.66 2.14 34.03
CA ARG D 37 -43.33 2.07 32.61
C ARG D 37 -42.05 1.29 32.38
N VAL D 38 -41.06 1.53 33.23
N VAL D 38 -41.06 1.52 33.23
CA VAL D 38 -39.78 0.87 33.08
CA VAL D 38 -39.76 0.86 33.07
C VAL D 38 -39.90 -0.63 33.35
C VAL D 38 -39.86 -0.64 33.37
N ARG D 39 -40.63 -0.99 34.40
CA ARG D 39 -40.83 -2.42 34.72
C ARG D 39 -41.54 -3.13 33.56
N ALA D 40 -42.58 -2.50 33.02
CA ALA D 40 -43.32 -3.12 31.92
C ALA D 40 -42.44 -3.29 30.67
N ALA D 41 -41.63 -2.29 30.37
CA ALA D 41 -40.72 -2.38 29.23
C ALA D 41 -39.74 -3.53 29.39
N SER D 42 -39.22 -3.73 30.60
CA SER D 42 -38.29 -4.82 30.86
CA SER D 42 -38.27 -4.82 30.82
C SER D 42 -38.98 -6.16 30.67
N VAL D 43 -40.21 -6.27 31.17
CA VAL D 43 -40.95 -7.53 31.08
C VAL D 43 -41.26 -7.86 29.63
N ILE D 44 -41.70 -6.86 28.87
CA ILE D 44 -42.05 -7.09 27.48
C ILE D 44 -40.83 -7.45 26.65
N SER D 45 -39.72 -6.76 26.86
CA SER D 45 -38.49 -7.07 26.14
CA SER D 45 -38.51 -7.08 26.10
C SER D 45 -38.08 -8.53 26.35
N ALA D 46 -38.19 -8.97 27.60
CA ALA D 46 -37.74 -10.32 27.96
C ALA D 46 -38.67 -11.40 27.42
N ASN D 47 -39.91 -11.01 27.14
CA ASN D 47 -40.94 -11.97 26.76
C ASN D 47 -41.54 -11.71 25.38
N ALA D 48 -40.85 -10.90 24.57
CA ALA D 48 -41.43 -10.41 23.32
C ALA D 48 -41.82 -11.53 22.35
N ALA D 49 -40.98 -12.55 22.22
CA ALA D 49 -41.28 -13.63 21.28
C ALA D 49 -42.46 -14.47 21.78
N THR D 50 -42.50 -14.72 23.09
CA THR D 50 -43.59 -15.50 23.69
C THR D 50 -44.94 -14.79 23.55
N ILE D 51 -44.94 -13.48 23.78
CA ILE D 51 -46.18 -12.71 23.66
C ILE D 51 -46.76 -12.82 22.25
N VAL D 52 -45.90 -12.67 21.24
CA VAL D 52 -46.36 -12.76 19.85
C VAL D 52 -46.83 -14.18 19.51
N LYS D 53 -46.08 -15.21 19.90
CA LYS D 53 -46.51 -16.55 19.49
C LYS D 53 -47.83 -16.94 20.18
N GLU D 54 -48.01 -16.52 21.44
CA GLU D 54 -49.26 -16.79 22.14
C GLU D 54 -50.44 -16.01 21.53
N ALA D 55 -50.20 -14.78 21.12
CA ALA D 55 -51.25 -13.98 20.47
C ALA D 55 -51.69 -14.62 19.15
N VAL D 56 -50.71 -15.07 18.37
CA VAL D 56 -50.98 -15.73 17.10
C VAL D 56 -51.78 -17.01 17.31
N ALA D 57 -51.39 -17.78 18.31
CA ALA D 57 -52.09 -19.03 18.62
C ALA D 57 -53.56 -18.76 18.96
N LYS D 58 -53.83 -17.67 19.66
CA LYS D 58 -55.20 -17.34 20.06
C LYS D 58 -56.06 -16.79 18.92
N SER D 59 -55.45 -16.05 18.00
CA SER D 59 -56.23 -15.25 17.06
C SER D 59 -56.15 -15.67 15.60
N LEU D 60 -55.08 -16.36 15.20
CA LEU D 60 -54.87 -16.64 13.77
C LEU D 60 -54.72 -18.11 13.43
N LEU D 61 -54.12 -18.91 14.31
CA LEU D 61 -53.84 -20.31 13.97
C LEU D 61 -55.12 -21.12 13.81
N TYR D 62 -55.02 -22.13 12.94
CA TYR D 62 -56.11 -23.03 12.57
C TYR D 62 -57.31 -22.33 11.95
N SER D 63 -57.10 -21.14 11.39
CA SER D 63 -58.20 -20.39 10.78
C SER D 63 -57.98 -20.32 9.27
N ASP D 64 -58.92 -19.68 8.57
CA ASP D 64 -58.79 -19.53 7.12
C ASP D 64 -57.54 -18.79 6.72
N VAL D 65 -57.05 -17.94 7.62
CA VAL D 65 -55.93 -17.06 7.30
C VAL D 65 -54.65 -17.87 7.00
N THR D 66 -54.49 -19.02 7.66
CA THR D 66 -53.28 -19.81 7.47
C THR D 66 -53.43 -20.93 6.44
N ARG D 67 -54.59 -21.01 5.79
CA ARG D 67 -54.81 -22.02 4.75
C ARG D 67 -54.67 -21.39 3.38
N PRO D 68 -54.47 -22.20 2.31
CA PRO D 68 -54.36 -21.64 0.95
C PRO D 68 -55.47 -20.66 0.67
N GLY D 69 -55.14 -19.51 0.12
CA GLY D 69 -56.10 -18.46 -0.14
C GLY D 69 -56.11 -17.42 0.95
N GLY D 70 -55.57 -17.80 2.12
CA GLY D 70 -55.42 -16.88 3.25
C GLY D 70 -54.07 -16.20 3.17
N MEN D 71 -53.96 -15.03 3.78
CA MEN D 71 -52.80 -14.18 3.60
C MEN D 71 -51.56 -14.59 4.41
O MEN D 71 -50.46 -14.06 4.23
CB MEN D 71 -53.07 -12.70 3.87
CG MEN D 71 -52.04 -11.74 3.31
OD1 MEN D 71 -51.44 -10.97 4.09
ND2 MEN D 71 -51.81 -11.73 1.95
CE2 MEN D 71 -50.88 -10.86 1.30
N MET D 72 -51.74 -15.54 5.34
CA MET D 72 -50.59 -16.12 6.05
C MET D 72 -50.12 -17.45 5.45
N TYR D 73 -50.80 -17.93 4.42
CA TYR D 73 -50.34 -19.15 3.76
C TYR D 73 -49.02 -18.86 3.02
N THR D 74 -48.15 -19.87 2.99
CA THR D 74 -46.73 -19.85 2.57
C THR D 74 -45.89 -19.42 3.75
N THR D 75 -44.73 -20.08 3.92
CA THR D 75 -43.86 -19.77 5.03
C THR D 75 -43.35 -18.33 4.94
N ARG D 76 -43.16 -17.84 3.72
CA ARG D 76 -42.71 -16.46 3.53
CA ARG D 76 -42.72 -16.47 3.50
C ARG D 76 -43.69 -15.45 4.12
N ARG D 77 -44.99 -15.65 3.85
CA ARG D 77 -45.99 -14.72 4.39
C ARG D 77 -46.22 -14.94 5.87
N TYR D 78 -46.20 -16.19 6.30
CA TYR D 78 -46.29 -16.46 7.73
C TYR D 78 -45.22 -15.68 8.49
N ALA D 79 -43.99 -15.76 8.02
CA ALA D 79 -42.87 -15.11 8.69
C ALA D 79 -42.99 -13.58 8.63
N ALA D 80 -43.47 -13.07 7.49
CA ALA D 80 -43.68 -11.62 7.36
C ALA D 80 -44.72 -11.12 8.36
N CYS D 81 -45.78 -11.91 8.56
CA CYS D 81 -46.81 -11.54 9.51
C CYS D 81 -46.27 -11.48 10.94
N ILE D 82 -45.52 -12.51 11.33
CA ILE D 82 -44.86 -12.52 12.65
C ILE D 82 -43.98 -11.30 12.86
N ARG D 83 -43.26 -10.94 11.81
CA ARG D 83 -42.39 -9.77 11.85
CA ARG D 83 -42.40 -9.76 11.84
C ARG D 83 -43.21 -8.50 12.11
N ASP D 84 -44.35 -8.36 11.45
CA ASP D 84 -45.24 -7.21 11.69
C ASP D 84 -45.62 -7.15 13.16
N LEU D 85 -46.00 -8.31 13.72
CA LEU D 85 -46.46 -8.32 15.11
C LEU D 85 -45.31 -7.96 16.06
N ASP D 86 -44.10 -8.45 15.75
CA ASP D 86 -42.90 -8.03 16.50
C ASP D 86 -42.77 -6.50 16.49
N TYR D 87 -42.94 -5.91 15.30
CA TYR D 87 -42.92 -4.44 15.15
C TYR D 87 -43.95 -3.76 16.03
N TYR D 88 -45.20 -4.20 15.94
CA TYR D 88 -46.28 -3.56 16.69
C TYR D 88 -46.01 -3.60 18.18
N LEU D 89 -45.56 -4.74 18.68
CA LEU D 89 -45.24 -4.85 20.11
C LEU D 89 -44.08 -3.92 20.52
N ARG D 90 -43.00 -3.91 19.73
CA ARG D 90 -41.84 -3.09 20.06
C ARG D 90 -42.22 -1.60 20.03
N TYR D 91 -42.91 -1.16 18.98
CA TYR D 91 -43.27 0.27 18.90
C TYR D 91 -44.32 0.67 19.93
N ALA D 92 -45.28 -0.21 20.26
CA ALA D 92 -46.22 0.10 21.32
C ALA D 92 -45.47 0.25 22.65
N THR D 93 -44.44 -0.57 22.86
CA THR D 93 -43.64 -0.47 24.08
C THR D 93 -42.87 0.87 24.11
N TYR D 94 -42.34 1.30 22.97
CA TYR D 94 -41.72 2.64 22.89
C TYR D 94 -42.73 3.72 23.28
N ALA D 95 -43.92 3.65 22.71
CA ALA D 95 -44.94 4.67 22.96
C ALA D 95 -45.36 4.67 24.42
N MET D 96 -45.50 3.48 25.01
CA MET D 96 -45.85 3.37 26.41
C MET D 96 -44.77 4.00 27.29
N LEU D 97 -43.52 3.71 26.97
CA LEU D 97 -42.39 4.24 27.72
C LEU D 97 -42.37 5.77 27.62
N ALA D 98 -42.66 6.29 26.42
CA ALA D 98 -42.68 7.73 26.17
C ALA D 98 -43.93 8.41 26.71
N GLY D 99 -44.97 7.64 27.00
CA GLY D 99 -46.26 8.20 27.36
C GLY D 99 -46.84 9.10 26.27
N ASP D 100 -46.56 8.75 25.01
CA ASP D 100 -46.98 9.58 23.90
C ASP D 100 -47.04 8.74 22.62
N ALA D 101 -48.10 8.92 21.82
CA ALA D 101 -48.29 8.11 20.63
C ALA D 101 -47.61 8.63 19.37
N SER D 102 -46.88 9.74 19.46
CA SER D 102 -46.36 10.36 18.25
C SER D 102 -45.43 9.43 17.46
N ILE D 103 -44.64 8.61 18.14
CA ILE D 103 -43.76 7.69 17.41
C ILE D 103 -44.59 6.70 16.58
N LEU D 104 -45.82 6.42 17.00
CA LEU D 104 -46.67 5.52 16.23
C LEU D 104 -47.12 6.18 14.93
N ASP D 105 -47.49 7.45 15.00
CA ASP D 105 -47.87 8.20 13.82
C ASP D 105 -46.72 8.32 12.84
N GLU D 106 -45.53 8.58 13.37
CA GLU D 106 -44.38 8.91 12.54
C GLU D 106 -43.69 7.68 11.94
N ARG D 107 -43.67 6.58 12.69
CA ARG D 107 -42.84 5.45 12.27
C ARG D 107 -43.61 4.14 12.06
N VAL D 108 -44.87 4.07 12.46
CA VAL D 108 -45.65 2.85 12.20
C VAL D 108 -46.76 3.09 11.17
N LEU D 109 -47.62 4.06 11.44
CA LEU D 109 -48.87 4.21 10.71
C LEU D 109 -48.73 4.93 9.38
N ASN D 110 -47.64 5.67 9.22
CA ASN D 110 -47.37 6.46 8.02
C ASN D 110 -47.39 5.63 6.74
N GLY D 111 -48.47 5.76 5.97
CA GLY D 111 -48.63 5.04 4.71
C GLY D 111 -48.90 3.55 4.85
N LEU D 112 -49.15 3.10 6.07
CA LEU D 112 -49.26 1.67 6.36
C LEU D 112 -50.54 1.04 5.78
N LYS D 113 -51.66 1.74 5.97
CA LYS D 113 -52.95 1.29 5.47
C LYS D 113 -52.93 1.12 3.93
N GLU D 114 -52.30 2.05 3.24
CA GLU D 114 -52.16 2.02 1.80
C GLU D 114 -51.30 0.83 1.37
N THR D 115 -50.20 0.61 2.10
CA THR D 115 -49.32 -0.52 1.85
C THR D 115 -50.06 -1.84 1.99
N TYR D 116 -50.80 -2.00 3.09
CA TYR D 116 -51.56 -3.24 3.28
C TYR D 116 -52.62 -3.43 2.21
N ASN D 117 -53.32 -2.37 1.83
N ASN D 117 -53.33 -2.37 1.85
CA ASN D 117 -54.38 -2.51 0.85
CA ASN D 117 -54.36 -2.47 0.83
C ASN D 117 -53.83 -2.84 -0.54
C ASN D 117 -53.76 -2.94 -0.49
N SER D 118 -52.63 -2.35 -0.85
CA SER D 118 -51.97 -2.68 -2.12
CA SER D 118 -51.98 -2.69 -2.12
C SER D 118 -51.48 -4.13 -2.14
N LEU D 119 -51.07 -4.65 -0.99
CA LEU D 119 -50.56 -6.01 -0.89
C LEU D 119 -51.62 -7.06 -0.66
N GLY D 120 -52.81 -6.64 -0.23
CA GLY D 120 -53.85 -7.59 0.16
C GLY D 120 -53.69 -8.14 1.56
N VAL D 121 -53.00 -7.42 2.43
CA VAL D 121 -52.88 -7.81 3.84
C VAL D 121 -54.19 -7.46 4.56
N PRO D 122 -54.83 -8.46 5.20
CA PRO D 122 -56.15 -8.20 5.77
C PRO D 122 -56.11 -7.33 7.03
N ILE D 123 -56.82 -6.21 7.00
CA ILE D 123 -56.81 -5.31 8.15
C ILE D 123 -57.50 -5.93 9.36
N SER D 124 -58.69 -6.50 9.12
CA SER D 124 -59.48 -7.12 10.18
C SER D 124 -58.68 -8.14 10.98
N SER D 125 -58.02 -9.06 10.28
CA SER D 125 -57.23 -10.10 10.95
C SER D 125 -56.00 -9.53 11.66
N THR D 126 -55.39 -8.51 11.07
CA THR D 126 -54.25 -7.86 11.72
C THR D 126 -54.69 -7.22 13.05
N VAL D 127 -55.83 -6.54 13.02
CA VAL D 127 -56.33 -5.88 14.21
C VAL D 127 -56.68 -6.93 15.27
N GLN D 128 -57.26 -8.05 14.86
CA GLN D 128 -57.55 -9.12 15.82
C GLN D 128 -56.27 -9.64 16.50
N ALA D 129 -55.20 -9.78 15.74
CA ALA D 129 -53.94 -10.26 16.30
C ALA D 129 -53.33 -9.22 17.26
N ILE D 130 -53.43 -7.94 16.92
CA ILE D 130 -52.89 -6.92 17.81
C ILE D 130 -53.70 -6.88 19.11
N GLN D 131 -55.01 -7.02 18.98
CA GLN D 131 -55.87 -7.10 20.18
C GLN D 131 -55.48 -8.30 21.04
N ALA D 132 -55.11 -9.41 20.41
CA ALA D 132 -54.65 -10.59 21.16
C ALA D 132 -53.34 -10.29 21.87
N ILE D 133 -52.47 -9.55 21.20
CA ILE D 133 -51.23 -9.09 21.82
C ILE D 133 -51.51 -8.26 23.07
N LYS D 134 -52.52 -7.38 22.99
CA LYS D 134 -52.88 -6.58 24.15
C LYS D 134 -53.25 -7.43 25.35
N GLU D 135 -54.04 -8.48 25.11
CA GLU D 135 -54.53 -9.26 26.22
C GLU D 135 -53.42 -10.15 26.80
N VAL D 136 -52.56 -10.70 25.95
CA VAL D 136 -51.45 -11.51 26.44
C VAL D 136 -50.47 -10.64 27.23
N THR D 137 -50.18 -9.46 26.70
CA THR D 137 -49.30 -8.52 27.38
C THR D 137 -49.86 -8.17 28.75
N ALA D 138 -51.16 -7.87 28.82
CA ALA D 138 -51.78 -7.51 30.10
C ALA D 138 -51.65 -8.63 31.12
N SER D 139 -51.70 -9.88 30.65
CA SER D 139 -51.61 -11.02 31.57
C SER D 139 -50.24 -11.08 32.23
N LEU D 140 -49.23 -10.52 31.56
CA LEU D 140 -47.85 -10.56 32.08
C LEU D 140 -47.44 -9.30 32.84
N VAL D 141 -47.81 -8.12 32.35
CA VAL D 141 -47.31 -6.89 33.01
C VAL D 141 -48.25 -6.41 34.10
N GLY D 142 -49.40 -7.05 34.21
CA GLY D 142 -50.38 -6.69 35.23
C GLY D 142 -51.50 -5.82 34.70
N ALA D 143 -52.43 -5.45 35.58
CA ALA D 143 -53.59 -4.65 35.18
C ALA D 143 -53.21 -3.22 34.79
N ASP D 144 -52.41 -2.57 35.63
CA ASP D 144 -52.12 -1.14 35.46
C ASP D 144 -51.19 -0.82 34.28
N ALA D 145 -50.16 -1.63 34.10
CA ALA D 145 -49.28 -1.43 32.96
C ALA D 145 -50.00 -1.92 31.71
N GLY D 146 -50.86 -2.91 31.91
CA GLY D 146 -51.64 -3.50 30.84
C GLY D 146 -52.54 -2.44 30.22
N LYS D 147 -53.09 -1.56 31.05
CA LYS D 147 -53.92 -0.46 30.56
C LYS D 147 -53.15 0.51 29.67
N GLU D 148 -51.96 0.91 30.12
CA GLU D 148 -51.10 1.78 29.33
C GLU D 148 -50.72 1.15 27.99
N MET D 149 -50.26 -0.10 28.02
CA MET D 149 -49.93 -0.77 26.76
C MET D 149 -51.17 -0.84 25.87
N GLY D 150 -52.33 -1.05 26.48
CA GLY D 150 -53.58 -1.16 25.74
C GLY D 150 -53.91 0.12 24.98
N VAL D 151 -53.60 1.27 25.58
CA VAL D 151 -53.83 2.55 24.91
C VAL D 151 -53.08 2.59 23.58
N TYR D 152 -51.82 2.16 23.59
CA TYR D 152 -50.96 2.33 22.41
C TYR D 152 -51.18 1.20 21.39
N LEU D 153 -51.52 0.00 21.86
CA LEU D 153 -51.88 -1.05 20.91
C LEU D 153 -53.23 -0.71 20.24
N ASP D 154 -54.15 -0.16 21.02
CA ASP D 154 -55.45 0.26 20.48
C ASP D 154 -55.23 1.39 19.48
N TYR D 155 -54.26 2.26 19.77
CA TYR D 155 -53.96 3.38 18.88
C TYR D 155 -53.54 2.89 17.50
N ILE D 156 -52.70 1.86 17.47
CA ILE D 156 -52.26 1.28 16.20
C ILE D 156 -53.47 0.71 15.45
N CYS D 157 -54.33 -0.01 16.17
CA CYS D 157 -55.52 -0.58 15.55
C CYS D 157 -56.44 0.48 14.96
N SER D 158 -56.65 1.57 15.69
N SER D 158 -56.65 1.58 15.68
CA SER D 158 -57.50 2.65 15.20
CA SER D 158 -57.51 2.64 15.19
C SER D 158 -56.89 3.28 13.96
C SER D 158 -56.90 3.32 13.98
N GLY D 159 -55.56 3.36 13.94
CA GLY D 159 -54.85 3.93 12.82
C GLY D 159 -54.94 3.09 11.55
N LEU D 160 -55.20 1.80 11.70
CA LEU D 160 -55.32 0.89 10.57
C LEU D 160 -56.72 0.84 10.01
N SER D 161 -57.69 1.24 10.83
CA SER D 161 -59.09 1.13 10.49
C SER D 161 -59.59 2.43 9.88
N SER E 2 -40.00 -21.26 -13.62
CA SER E 2 -39.27 -22.47 -13.95
C SER E 2 -37.91 -22.15 -14.55
N VAL E 3 -37.30 -23.17 -15.12
CA VAL E 3 -36.05 -23.01 -15.88
C VAL E 3 -36.14 -21.88 -16.92
N VAL E 4 -37.31 -21.72 -17.52
CA VAL E 4 -37.49 -20.70 -18.56
C VAL E 4 -37.40 -19.29 -17.97
N SER E 5 -38.16 -19.03 -16.91
CA SER E 5 -38.17 -17.70 -16.31
C SER E 5 -36.80 -17.33 -15.75
N GLN E 6 -36.07 -18.32 -15.24
CA GLN E 6 -34.70 -18.08 -14.76
C GLN E 6 -33.79 -17.56 -15.87
N VAL E 7 -33.88 -18.16 -17.05
CA VAL E 7 -33.09 -17.70 -18.18
C VAL E 7 -33.50 -16.26 -18.54
N ILE E 8 -34.80 -16.03 -18.58
CA ILE E 8 -35.33 -14.73 -18.99
C ILE E 8 -34.89 -13.63 -18.02
N LEU E 9 -34.89 -13.94 -16.72
CA LEU E 9 -34.48 -12.95 -15.73
C LEU E 9 -33.00 -12.58 -15.88
N GLN E 10 -32.16 -13.56 -16.20
CA GLN E 10 -30.74 -13.30 -16.42
C GLN E 10 -30.54 -12.47 -17.68
N ALA E 11 -31.27 -12.80 -18.73
CA ALA E 11 -31.18 -12.05 -19.98
C ALA E 11 -31.62 -10.61 -19.76
N ASP E 12 -32.72 -10.43 -19.05
CA ASP E 12 -33.26 -9.09 -18.84
C ASP E 12 -32.29 -8.26 -18.02
N ASP E 13 -31.68 -8.90 -17.02
CA ASP E 13 -30.67 -8.26 -16.20
C ASP E 13 -29.52 -7.71 -17.04
N GLN E 14 -29.20 -8.39 -18.13
CA GLN E 14 -28.11 -7.98 -18.99
C GLN E 14 -28.61 -7.32 -20.27
N LEU E 15 -29.88 -6.93 -20.30
CA LEU E 15 -30.44 -6.15 -21.40
C LEU E 15 -30.24 -6.82 -22.76
N ARG E 16 -30.42 -8.14 -22.79
CA ARG E 16 -30.08 -8.91 -23.97
C ARG E 16 -31.09 -10.02 -24.24
N TYR E 17 -31.03 -10.60 -25.44
CA TYR E 17 -31.80 -11.80 -25.73
C TYR E 17 -31.12 -12.99 -25.07
N PRO E 18 -31.88 -14.07 -24.82
CA PRO E 18 -31.21 -15.29 -24.34
C PRO E 18 -30.15 -15.76 -25.33
N THR E 19 -29.09 -16.38 -24.82
CA THR E 19 -28.01 -16.85 -25.68
C THR E 19 -28.40 -18.17 -26.34
N SER E 20 -27.65 -18.58 -27.35
CA SER E 20 -27.87 -19.88 -27.98
C SER E 20 -27.78 -20.99 -26.94
N GLY E 21 -26.81 -20.89 -26.05
CA GLY E 21 -26.67 -21.86 -24.96
C GLY E 21 -27.86 -21.92 -24.03
N GLU E 22 -28.38 -20.76 -23.64
CA GLU E 22 -29.54 -20.69 -22.75
C GLU E 22 -30.77 -21.27 -23.43
N LEU E 23 -30.89 -21.03 -24.73
CA LEU E 23 -32.02 -21.52 -25.51
C LEU E 23 -31.97 -23.05 -25.66
N LYS E 24 -30.76 -23.58 -25.85
CA LYS E 24 -30.56 -25.03 -25.91
C LYS E 24 -30.96 -25.69 -24.59
N GLY E 25 -30.66 -25.01 -23.48
CA GLY E 25 -31.01 -25.49 -22.17
C GLY E 25 -32.51 -25.52 -21.96
N ILE E 26 -33.18 -24.49 -22.46
CA ILE E 26 -34.63 -24.43 -22.38
C ILE E 26 -35.23 -25.56 -23.23
N GLN E 27 -34.71 -25.74 -24.44
CA GLN E 27 -35.17 -26.78 -25.34
CA GLN E 27 -35.24 -26.79 -25.30
C GLN E 27 -35.09 -28.15 -24.66
N ALA E 28 -33.94 -28.41 -24.04
CA ALA E 28 -33.71 -29.68 -23.37
C ALA E 28 -34.68 -29.89 -22.21
N PHE E 29 -34.91 -28.84 -21.41
CA PHE E 29 -35.87 -28.94 -20.32
C PHE E 29 -37.27 -29.25 -20.83
N LEU E 30 -37.70 -28.56 -21.88
CA LEU E 30 -39.09 -28.70 -22.33
C LEU E 30 -39.37 -30.08 -22.95
N THR E 31 -38.34 -30.80 -23.41
CA THR E 31 -38.57 -32.16 -23.93
C THR E 31 -38.67 -33.21 -22.83
N THR E 32 -38.40 -32.82 -21.59
CA THR E 32 -38.46 -33.75 -20.46
C THR E 32 -39.79 -33.64 -19.71
N GLY E 33 -40.76 -32.97 -20.33
CA GLY E 33 -42.05 -32.73 -19.69
C GLY E 33 -42.84 -33.97 -19.31
N ALA E 34 -42.87 -34.94 -20.22
CA ALA E 34 -43.67 -36.14 -19.99
C ALA E 34 -43.21 -36.89 -18.74
N GLN E 35 -41.90 -36.99 -18.55
CA GLN E 35 -41.35 -37.64 -17.36
C GLN E 35 -41.75 -36.93 -16.08
N ARG E 36 -41.72 -35.60 -16.11
CA ARG E 36 -42.01 -34.82 -14.91
C ARG E 36 -43.47 -34.97 -14.53
N ILE E 37 -44.32 -35.02 -15.53
CA ILE E 37 -45.75 -35.19 -15.29
C ILE E 37 -46.04 -36.58 -14.73
N ARG E 38 -45.37 -37.60 -15.24
CA ARG E 38 -45.54 -38.96 -14.71
C ARG E 38 -45.12 -39.04 -13.24
N ILE E 39 -44.00 -38.41 -12.91
CA ILE E 39 -43.55 -38.37 -11.52
C ILE E 39 -44.55 -37.65 -10.63
N ALA E 40 -45.04 -36.50 -11.09
CA ALA E 40 -45.97 -35.71 -10.30
C ALA E 40 -47.25 -36.48 -10.03
N GLU E 41 -47.77 -37.17 -11.05
CA GLU E 41 -49.00 -37.91 -10.88
C GLU E 41 -48.81 -39.14 -9.99
N THR E 42 -47.64 -39.77 -10.06
CA THR E 42 -47.38 -40.94 -9.22
C THR E 42 -47.32 -40.53 -7.74
N LEU E 43 -46.68 -39.41 -7.44
CA LEU E 43 -46.60 -38.98 -6.05
C LEU E 43 -47.97 -38.52 -5.54
N ALA E 44 -48.71 -37.81 -6.38
CA ALA E 44 -50.05 -37.37 -6.00
C ALA E 44 -50.96 -38.54 -5.70
N GLU E 45 -50.94 -39.54 -6.58
CA GLU E 45 -51.78 -40.73 -6.45
C GLU E 45 -51.47 -41.52 -5.20
N ASN E 46 -50.22 -41.47 -4.78
CA ASN E 46 -49.79 -42.27 -3.64
C ASN E 46 -49.57 -41.47 -2.38
N GLU E 47 -50.13 -40.27 -2.32
CA GLU E 47 -49.88 -39.39 -1.16
C GLU E 47 -50.17 -40.05 0.18
N LYS E 48 -51.34 -40.67 0.31
CA LYS E 48 -51.73 -41.21 1.60
C LYS E 48 -50.78 -42.30 2.07
N LYS E 49 -50.40 -43.16 1.13
CA LYS E 49 -49.48 -44.26 1.41
C LYS E 49 -48.09 -43.75 1.76
N ILE E 50 -47.61 -42.76 1.00
CA ILE E 50 -46.32 -42.16 1.23
C ILE E 50 -46.23 -41.47 2.60
N VAL E 51 -47.23 -40.64 2.92
CA VAL E 51 -47.26 -39.95 4.20
C VAL E 51 -47.37 -40.96 5.36
N ASP E 52 -48.15 -42.02 5.17
CA ASP E 52 -48.29 -43.02 6.24
C ASP E 52 -46.96 -43.73 6.55
N GLN E 53 -46.26 -44.17 5.50
CA GLN E 53 -44.96 -44.80 5.70
C GLN E 53 -44.01 -43.83 6.41
N ALA E 54 -44.00 -42.58 5.93
CA ALA E 54 -43.10 -41.56 6.46
C ALA E 54 -43.39 -41.27 7.94
N GLN E 55 -44.64 -41.02 8.29
CA GLN E 55 -44.96 -40.70 9.68
C GLN E 55 -44.68 -41.87 10.62
N LYS E 56 -44.89 -43.10 10.15
CA LYS E 56 -44.56 -44.26 10.97
C LYS E 56 -43.07 -44.28 11.32
N GLN E 57 -42.21 -44.03 10.34
CA GLN E 57 -40.77 -44.01 10.60
C GLN E 57 -40.39 -42.81 11.47
N LEU E 58 -40.97 -41.65 11.18
CA LEU E 58 -40.67 -40.44 11.93
C LEU E 58 -40.91 -40.61 13.43
N PHE E 59 -42.08 -41.12 13.78
CA PHE E 59 -42.45 -41.21 15.19
C PHE E 59 -41.91 -42.48 15.86
N LYS E 60 -41.39 -43.42 15.08
CA LYS E 60 -40.59 -44.48 15.69
C LYS E 60 -39.26 -43.90 16.18
N LYS E 61 -38.72 -42.94 15.42
CA LYS E 61 -37.46 -42.30 15.77
C LYS E 61 -37.64 -41.26 16.88
N HIS E 62 -38.75 -40.53 16.81
CA HIS E 62 -39.05 -39.44 17.72
C HIS E 62 -40.38 -39.61 18.46
N PRO E 63 -40.52 -40.66 19.29
CA PRO E 63 -41.78 -40.86 20.00
C PRO E 63 -42.07 -39.71 20.97
N GLU E 64 -41.02 -39.00 21.37
CA GLU E 64 -41.20 -37.89 22.31
C GLU E 64 -42.06 -36.77 21.71
N TYR E 65 -42.11 -36.67 20.37
CA TYR E 65 -42.96 -35.65 19.75
C TYR E 65 -44.45 -35.88 20.03
N ARG E 66 -44.84 -37.13 20.33
CA ARG E 66 -46.24 -37.44 20.61
C ARG E 66 -46.46 -37.77 22.09
N ALA E 67 -45.44 -37.54 22.90
CA ALA E 67 -45.57 -37.69 24.35
C ALA E 67 -45.99 -36.35 24.96
N PRO E 68 -46.47 -36.35 26.22
CA PRO E 68 -46.87 -35.06 26.80
C PRO E 68 -45.76 -34.04 26.74
N GLY E 69 -46.12 -32.80 26.41
CA GLY E 69 -45.13 -31.74 26.23
C GLY E 69 -44.51 -31.74 24.85
N GLY E 70 -44.76 -32.80 24.08
CA GLY E 70 -44.25 -32.87 22.70
C GLY E 70 -45.10 -32.03 21.77
N ASN E 71 -44.52 -31.54 20.68
CA ASN E 71 -45.23 -30.59 19.82
C ASN E 71 -46.42 -31.23 19.11
N ALA E 72 -46.37 -32.56 18.91
CA ALA E 72 -47.41 -33.28 18.17
C ALA E 72 -48.28 -34.11 19.12
N TYR E 73 -48.25 -33.76 20.40
CA TYR E 73 -49.05 -34.47 21.40
C TYR E 73 -50.53 -34.24 21.12
N GLY E 74 -51.32 -35.31 21.13
CA GLY E 74 -52.75 -35.19 20.91
C GLY E 74 -53.15 -35.23 19.44
N GLN E 75 -54.34 -35.75 19.17
CA GLN E 75 -54.81 -35.94 17.80
C GLN E 75 -54.82 -34.71 16.90
N ARG E 76 -55.34 -33.57 17.36
CA ARG E 76 -55.40 -32.40 16.48
CA ARG E 76 -55.41 -32.40 16.46
C ARG E 76 -54.01 -32.01 16.01
N GLN E 77 -53.03 -32.05 16.91
CA GLN E 77 -51.69 -31.59 16.57
CA GLN E 77 -51.70 -31.59 16.56
C GLN E 77 -51.01 -32.63 15.65
N TYR E 78 -51.14 -33.90 15.99
CA TYR E 78 -50.59 -34.97 15.15
C TYR E 78 -51.18 -34.90 13.73
N ASN E 79 -52.48 -34.69 13.63
CA ASN E 79 -53.09 -34.60 12.31
C ASN E 79 -52.59 -33.39 11.54
N GLN E 80 -52.20 -32.34 12.26
CA GLN E 80 -51.68 -31.16 11.54
C GLN E 80 -50.28 -31.45 11.01
N CYS E 81 -49.52 -32.28 11.73
CA CYS E 81 -48.24 -32.74 11.17
C CYS E 81 -48.43 -33.52 9.87
N LEU E 82 -49.40 -34.42 9.86
CA LEU E 82 -49.69 -35.20 8.65
C LEU E 82 -50.13 -34.27 7.52
N ARG E 83 -50.86 -33.22 7.86
CA ARG E 83 -51.27 -32.20 6.89
C ARG E 83 -50.03 -31.57 6.27
N ASP E 84 -49.09 -31.10 7.11
CA ASP E 84 -47.85 -30.50 6.64
C ASP E 84 -47.08 -31.47 5.73
N TYR E 85 -47.03 -32.74 6.12
CA TYR E 85 -46.36 -33.75 5.31
C TYR E 85 -46.90 -33.78 3.87
N GLY E 86 -48.23 -33.79 3.74
CA GLY E 86 -48.87 -33.80 2.43
C GLY E 86 -48.54 -32.53 1.66
N TRP E 87 -48.44 -31.41 2.37
CA TRP E 87 -48.09 -30.15 1.71
C TRP E 87 -46.67 -30.17 1.13
N TYR E 88 -45.70 -30.70 1.88
CA TYR E 88 -44.33 -30.75 1.34
C TYR E 88 -44.23 -31.74 0.19
N LEU E 89 -44.99 -32.84 0.23
CA LEU E 89 -44.99 -33.75 -0.91
C LEU E 89 -45.51 -33.00 -2.14
N ARG E 90 -46.57 -32.22 -1.95
CA ARG E 90 -47.16 -31.44 -3.04
C ARG E 90 -46.14 -30.43 -3.60
N LEU E 91 -45.38 -29.78 -2.72
CA LEU E 91 -44.38 -28.81 -3.20
C LEU E 91 -43.29 -29.51 -4.02
N VAL E 92 -42.89 -30.71 -3.61
CA VAL E 92 -41.91 -31.47 -4.38
C VAL E 92 -42.42 -31.72 -5.79
N THR E 93 -43.71 -32.03 -5.95
CA THR E 93 -44.22 -32.24 -7.30
C THR E 93 -44.13 -30.94 -8.11
N TYR E 94 -44.35 -29.80 -7.46
CA TYR E 94 -44.20 -28.52 -8.17
C TYR E 94 -42.77 -28.31 -8.65
N GLY E 95 -41.80 -28.62 -7.77
CA GLY E 95 -40.39 -28.50 -8.12
C GLY E 95 -40.00 -29.37 -9.30
N VAL E 96 -40.48 -30.61 -9.30
CA VAL E 96 -40.20 -31.53 -10.41
C VAL E 96 -40.78 -31.01 -11.73
N LEU E 97 -41.98 -30.44 -11.68
CA LEU E 97 -42.62 -29.91 -12.90
C LEU E 97 -41.90 -28.67 -13.42
N ALA E 98 -41.38 -27.84 -12.52
CA ALA E 98 -40.72 -26.59 -12.87
C ALA E 98 -39.26 -26.80 -13.25
N GLY E 99 -38.70 -27.94 -12.84
CA GLY E 99 -37.30 -28.23 -13.10
C GLY E 99 -36.34 -27.42 -12.23
N ASN E 100 -36.85 -26.77 -11.19
CA ASN E 100 -35.98 -26.10 -10.23
C ASN E 100 -36.68 -25.94 -8.88
N LYS E 101 -35.97 -25.39 -7.91
CA LYS E 101 -36.41 -25.34 -6.51
CA LYS E 101 -36.46 -25.39 -6.53
C LYS E 101 -37.37 -24.21 -6.21
N GLU E 102 -37.50 -23.29 -7.16
CA GLU E 102 -38.23 -22.05 -6.94
C GLU E 102 -39.64 -22.21 -6.33
N PRO E 103 -40.49 -23.09 -6.90
CA PRO E 103 -41.82 -23.16 -6.26
C PRO E 103 -41.78 -23.77 -4.85
N ILE E 104 -40.77 -24.57 -4.55
CA ILE E 104 -40.62 -25.11 -3.19
C ILE E 104 -40.17 -24.00 -2.25
N GLU E 105 -39.21 -23.20 -2.72
CA GLU E 105 -38.59 -22.19 -1.87
C GLU E 105 -39.57 -21.09 -1.51
N THR E 106 -40.29 -20.58 -2.50
CA THR E 106 -41.16 -19.43 -2.29
C THR E 106 -42.39 -19.79 -1.44
N THR E 107 -42.82 -21.05 -1.47
CA THR E 107 -44.02 -21.42 -0.71
C THR E 107 -43.68 -22.08 0.63
N GLY E 108 -42.61 -22.88 0.68
CA GLY E 108 -42.36 -23.69 1.85
C GLY E 108 -41.02 -23.57 2.55
N LEU E 109 -40.11 -22.74 2.05
CA LEU E 109 -38.80 -22.65 2.69
C LEU E 109 -38.42 -21.25 3.21
N ILE E 110 -38.63 -20.21 2.43
CA ILE E 110 -38.34 -18.87 2.94
C ILE E 110 -39.20 -18.62 4.19
N GLY E 111 -38.53 -18.35 5.31
CA GLY E 111 -39.22 -18.12 6.57
C GLY E 111 -39.66 -19.37 7.32
N VAL E 112 -39.29 -20.55 6.80
CA VAL E 112 -39.76 -21.79 7.40
C VAL E 112 -39.26 -21.97 8.83
N LYS E 113 -38.03 -21.54 9.12
CA LYS E 113 -37.54 -21.70 10.47
C LYS E 113 -38.21 -20.75 11.44
N GLU E 114 -38.44 -19.51 11.00
CA GLU E 114 -39.17 -18.55 11.81
C GLU E 114 -40.58 -19.08 12.14
N MET E 115 -41.23 -19.67 11.15
CA MET E 115 -42.56 -20.22 11.36
C MET E 115 -42.53 -21.37 12.36
N TYR E 116 -41.71 -22.38 12.11
CA TYR E 116 -41.76 -23.54 12.98
C TYR E 116 -41.23 -23.24 14.38
N ASN E 117 -40.25 -22.35 14.50
CA ASN E 117 -39.85 -21.88 15.83
C ASN E 117 -41.01 -21.22 16.58
N SER E 118 -41.82 -20.46 15.87
CA SER E 118 -42.95 -19.78 16.49
CA SER E 118 -42.96 -19.77 16.46
C SER E 118 -44.00 -20.79 16.93
N LEU E 119 -44.03 -21.95 16.26
CA LEU E 119 -44.97 -23.01 16.56
C LEU E 119 -44.43 -24.03 17.57
N ASN E 120 -43.18 -23.86 17.97
CA ASN E 120 -42.49 -24.82 18.85
C ASN E 120 -42.38 -26.21 18.24
N VAL E 121 -42.32 -26.27 16.92
CA VAL E 121 -42.00 -27.52 16.20
C VAL E 121 -40.50 -27.56 15.97
N PRO E 122 -39.83 -28.62 16.45
CA PRO E 122 -38.36 -28.67 16.29
C PRO E 122 -37.94 -28.73 14.81
N VAL E 123 -37.11 -27.78 14.38
CA VAL E 123 -36.67 -27.80 13.00
C VAL E 123 -35.83 -29.06 12.69
N PRO E 124 -34.97 -29.51 13.62
CA PRO E 124 -34.33 -30.81 13.35
C PRO E 124 -35.33 -31.96 13.19
N GLY E 125 -36.50 -31.86 13.82
CA GLY E 125 -37.57 -32.82 13.61
C GLY E 125 -38.10 -32.75 12.20
N MET E 126 -38.20 -31.54 11.66
CA MET E 126 -38.64 -31.37 10.27
C MET E 126 -37.60 -31.93 9.30
N VAL E 127 -36.31 -31.76 9.61
CA VAL E 127 -35.26 -32.34 8.78
C VAL E 127 -35.42 -33.87 8.75
N ASP E 128 -35.61 -34.45 9.93
CA ASP E 128 -35.78 -35.90 10.02
C ASP E 128 -37.07 -36.32 9.30
N ALA E 129 -38.11 -35.50 9.39
CA ALA E 129 -39.39 -35.82 8.76
C ALA E 129 -39.29 -35.89 7.24
N VAL E 130 -38.62 -34.90 6.65
CA VAL E 130 -38.56 -34.85 5.20
C VAL E 130 -37.60 -35.93 4.71
N THR E 131 -36.61 -36.29 5.53
CA THR E 131 -35.69 -37.36 5.17
C THR E 131 -36.45 -38.67 4.97
N VAL E 132 -37.39 -39.00 5.86
CA VAL E 132 -38.09 -40.27 5.68
C VAL E 132 -39.28 -40.14 4.71
N LEU E 133 -39.71 -38.91 4.45
CA LEU E 133 -40.67 -38.66 3.38
C LEU E 133 -40.03 -38.98 2.02
N LYS E 134 -38.80 -38.49 1.85
CA LYS E 134 -37.99 -38.82 0.69
C LYS E 134 -37.88 -40.34 0.48
N ASP E 135 -37.54 -41.06 1.55
CA ASP E 135 -37.42 -42.51 1.45
C ASP E 135 -38.70 -43.16 0.92
N ALA E 136 -39.84 -42.76 1.49
CA ALA E 136 -41.12 -43.36 1.15
C ALA E 136 -41.53 -43.04 -0.30
N ALA E 137 -41.38 -41.78 -0.68
CA ALA E 137 -41.71 -41.32 -2.04
C ALA E 137 -40.84 -41.95 -3.11
N LEU E 138 -39.52 -41.94 -2.92
CA LEU E 138 -38.62 -42.46 -3.94
C LEU E 138 -38.83 -43.96 -4.15
N GLY E 139 -39.29 -44.64 -3.09
CA GLY E 139 -39.55 -46.07 -3.15
C GLY E 139 -40.63 -46.48 -4.13
N LEU E 140 -41.47 -45.52 -4.53
CA LEU E 140 -42.58 -45.80 -5.42
C LEU E 140 -42.29 -45.41 -6.86
N LEU E 141 -41.08 -44.90 -7.08
CA LEU E 141 -40.66 -44.50 -8.41
C LEU E 141 -39.66 -45.49 -9.00
N SER E 142 -39.53 -45.47 -10.31
CA SER E 142 -38.47 -46.21 -10.98
C SER E 142 -37.12 -45.63 -10.57
N ALA E 143 -36.05 -46.38 -10.81
CA ALA E 143 -34.71 -45.92 -10.46
C ALA E 143 -34.40 -44.59 -11.10
N GLU E 144 -34.74 -44.48 -12.38
CA GLU E 144 -34.52 -43.27 -13.16
C GLU E 144 -35.28 -42.09 -12.58
N ASP E 145 -36.57 -42.31 -12.27
CA ASP E 145 -37.41 -41.23 -11.76
C ASP E 145 -37.03 -40.84 -10.33
N ALA E 146 -36.59 -41.82 -9.54
CA ALA E 146 -36.14 -41.52 -8.18
C ALA E 146 -34.90 -40.64 -8.20
N ASN E 147 -33.99 -40.89 -9.13
CA ASN E 147 -32.82 -40.04 -9.29
C ASN E 147 -33.18 -38.62 -9.73
N GLU E 148 -34.21 -38.49 -10.55
CA GLU E 148 -34.69 -37.18 -11.00
C GLU E 148 -35.31 -36.40 -9.85
N THR E 149 -35.92 -37.13 -8.92
CA THR E 149 -36.76 -36.53 -7.88
C THR E 149 -35.98 -36.25 -6.60
N ALA E 150 -34.99 -37.09 -6.31
CA ALA E 150 -34.21 -36.96 -5.07
C ALA E 150 -33.67 -35.55 -4.78
N PRO E 151 -33.13 -34.83 -5.80
CA PRO E 151 -32.62 -33.48 -5.49
C PRO E 151 -33.63 -32.50 -4.92
N TYR E 152 -34.91 -32.67 -5.22
CA TYR E 152 -35.91 -31.75 -4.71
C TYR E 152 -36.14 -31.99 -3.21
N PHE E 153 -36.15 -33.25 -2.80
CA PHE E 153 -36.19 -33.55 -1.37
C PHE E 153 -34.92 -33.05 -0.69
N ASP E 154 -33.79 -33.27 -1.34
CA ASP E 154 -32.49 -32.93 -0.75
C ASP E 154 -32.39 -31.44 -0.51
N TYR E 155 -32.99 -30.66 -1.42
CA TYR E 155 -32.96 -29.22 -1.30
C TYR E 155 -33.70 -28.75 -0.06
N ILE E 156 -34.86 -29.35 0.20
CA ILE E 156 -35.64 -29.06 1.41
C ILE E 156 -34.84 -29.43 2.66
N ILE E 157 -34.29 -30.64 2.67
CA ILE E 157 -33.53 -31.13 3.80
C ILE E 157 -32.33 -30.24 4.10
N GLN E 158 -31.62 -29.83 3.05
CA GLN E 158 -30.43 -29.01 3.24
C GLN E 158 -30.83 -27.64 3.75
N PHE E 159 -31.91 -27.09 3.20
CA PHE E 159 -32.37 -25.76 3.59
C PHE E 159 -32.71 -25.75 5.09
N MET E 160 -33.42 -26.77 5.54
CA MET E 160 -33.85 -26.83 6.93
C MET E 160 -32.70 -27.14 7.91
N SER E 161 -31.57 -27.62 7.38
CA SER E 161 -30.42 -27.92 8.22
C SER E 161 -29.55 -26.69 8.51
N HIS E 162 -29.74 -25.63 7.72
CA HIS E 162 -28.80 -24.49 7.69
C HIS E 162 -29.43 -23.12 7.88
N HIS E 163 -28.78 -22.30 8.71
CA HIS E 163 -29.13 -20.88 8.89
C HIS E 163 -30.54 -20.74 9.50
N MET F 1 -42.26 -12.09 -12.18
CA MET F 1 -42.76 -12.69 -13.40
C MET F 1 -43.06 -14.18 -13.18
N GLN F 2 -43.91 -14.74 -14.03
CA GLN F 2 -44.06 -16.18 -14.10
C GLN F 2 -43.98 -16.61 -15.56
N ASP F 3 -43.54 -17.84 -15.78
CA ASP F 3 -43.73 -18.46 -17.09
C ASP F 3 -45.00 -19.31 -17.02
N ALA F 4 -45.33 -19.97 -18.11
CA ALA F 4 -46.57 -20.73 -18.23
C ALA F 4 -46.69 -21.84 -17.20
N ILE F 5 -45.56 -22.43 -16.84
CA ILE F 5 -45.57 -23.52 -15.86
C ILE F 5 -45.83 -22.99 -14.46
N THR F 6 -45.11 -21.94 -14.08
CA THR F 6 -45.32 -21.36 -12.76
C THR F 6 -46.75 -20.82 -12.59
N ALA F 7 -47.33 -20.28 -13.66
CA ALA F 7 -48.71 -19.80 -13.59
C ALA F 7 -49.69 -20.91 -13.24
N VAL F 8 -49.51 -22.08 -13.87
CA VAL F 8 -50.40 -23.21 -13.59
C VAL F 8 -50.14 -23.74 -12.18
N ILE F 9 -48.86 -23.81 -11.79
CA ILE F 9 -48.53 -24.23 -10.41
C ILE F 9 -49.18 -23.31 -9.38
N ASN F 10 -49.07 -21.99 -9.59
CA ASN F 10 -49.64 -21.04 -8.63
C ASN F 10 -51.16 -21.17 -8.49
N SER F 11 -51.84 -21.43 -9.60
CA SER F 11 -53.29 -21.62 -9.58
C SER F 11 -53.67 -22.82 -8.72
N ALA F 12 -52.82 -23.84 -8.72
CA ALA F 12 -53.04 -25.03 -7.90
C ALA F 12 -52.65 -24.76 -6.44
N ASP F 13 -51.52 -24.08 -6.27
CA ASP F 13 -50.99 -23.84 -4.93
C ASP F 13 -51.96 -23.03 -4.07
N VAL F 14 -52.58 -22.01 -4.65
CA VAL F 14 -53.47 -21.14 -3.89
C VAL F 14 -54.75 -21.87 -3.45
N GLN F 15 -54.97 -23.07 -3.99
CA GLN F 15 -56.06 -23.95 -3.58
C GLN F 15 -55.56 -25.11 -2.71
N GLY F 16 -54.26 -25.22 -2.56
CA GLY F 16 -53.68 -26.33 -1.81
C GLY F 16 -53.85 -27.66 -2.51
N LYS F 17 -53.79 -27.65 -3.85
CA LYS F 17 -54.05 -28.86 -4.64
C LYS F 17 -52.86 -29.31 -5.49
N TYR F 18 -52.75 -30.63 -5.67
CA TYR F 18 -51.92 -31.17 -6.73
C TYR F 18 -52.54 -30.77 -8.06
N LEU F 19 -51.73 -30.68 -9.12
CA LEU F 19 -52.27 -30.32 -10.43
C LEU F 19 -53.18 -31.43 -10.94
N ASP F 20 -54.41 -31.07 -11.32
CA ASP F 20 -55.32 -32.07 -11.85
C ASP F 20 -55.11 -32.26 -13.35
N GLY F 21 -55.97 -33.05 -13.97
CA GLY F 21 -55.85 -33.38 -15.38
C GLY F 21 -55.84 -32.17 -16.30
N ALA F 22 -56.75 -31.23 -16.07
CA ALA F 22 -56.82 -30.02 -16.87
C ALA F 22 -55.55 -29.19 -16.74
N ALA F 23 -55.01 -29.15 -15.53
CA ALA F 23 -53.75 -28.44 -15.28
C ALA F 23 -52.60 -29.13 -16.01
N MET F 24 -52.55 -30.45 -15.93
CA MET F 24 -51.50 -31.20 -16.63
C MET F 24 -51.61 -31.02 -18.14
N ASP F 25 -52.83 -30.89 -18.65
CA ASP F 25 -53.03 -30.65 -20.08
C ASP F 25 -52.44 -29.31 -20.51
N LYS F 26 -52.56 -28.29 -19.65
CA LYS F 26 -51.94 -27.00 -19.95
C LYS F 26 -50.42 -27.11 -20.00
N LEU F 27 -49.85 -27.86 -19.06
CA LEU F 27 -48.40 -28.07 -19.05
C LEU F 27 -47.95 -28.82 -20.30
N LYS F 28 -48.68 -29.87 -20.66
CA LYS F 28 -48.34 -30.64 -21.87
C LYS F 28 -48.31 -29.76 -23.11
N SER F 29 -49.27 -28.84 -23.23
N SER F 29 -49.27 -28.86 -23.22
CA SER F 29 -49.31 -27.92 -24.36
CA SER F 29 -49.33 -27.92 -24.34
C SER F 29 -48.09 -27.02 -24.39
C SER F 29 -48.08 -27.03 -24.38
N TYR F 30 -47.68 -26.52 -23.23
CA TYR F 30 -46.53 -25.63 -23.16
C TYR F 30 -45.25 -26.38 -23.46
N PHE F 31 -45.06 -27.55 -22.84
CA PHE F 31 -43.89 -28.39 -23.10
C PHE F 31 -43.76 -28.70 -24.60
N ALA F 32 -44.88 -29.04 -25.24
CA ALA F 32 -44.88 -29.41 -26.66
C ALA F 32 -44.56 -28.23 -27.57
N SER F 33 -44.77 -27.01 -27.07
CA SER F 33 -44.57 -25.81 -27.89
C SER F 33 -43.14 -25.32 -27.84
N GLY F 34 -42.29 -26.07 -27.15
CA GLY F 34 -40.92 -25.65 -26.92
C GLY F 34 -40.10 -25.34 -28.17
N GLU F 35 -40.16 -26.23 -29.16
CA GLU F 35 -39.40 -26.04 -30.39
C GLU F 35 -39.80 -24.78 -31.12
N LEU F 36 -41.11 -24.57 -31.24
CA LEU F 36 -41.67 -23.36 -31.82
C LEU F 36 -41.09 -22.09 -31.18
N ARG F 37 -41.12 -22.06 -29.84
CA ARG F 37 -40.78 -20.84 -29.10
C ARG F 37 -39.29 -20.56 -29.17
N VAL F 38 -38.48 -21.60 -29.01
N VAL F 38 -38.47 -21.61 -29.02
CA VAL F 38 -37.04 -21.45 -29.00
CA VAL F 38 -37.03 -21.43 -29.00
C VAL F 38 -36.53 -21.02 -30.37
C VAL F 38 -36.49 -21.04 -30.39
N ARG F 39 -37.06 -21.63 -31.43
CA ARG F 39 -36.65 -21.26 -32.80
C ARG F 39 -36.99 -19.80 -33.08
N ALA F 40 -38.19 -19.38 -32.70
CA ALA F 40 -38.61 -17.99 -32.91
C ALA F 40 -37.71 -17.02 -32.13
N ALA F 41 -37.39 -17.38 -30.89
CA ALA F 41 -36.52 -16.51 -30.08
C ALA F 41 -35.15 -16.35 -30.76
N SER F 42 -34.63 -17.42 -31.32
CA SER F 42 -33.33 -17.37 -31.99
CA SER F 42 -33.32 -17.35 -31.97
C SER F 42 -33.40 -16.48 -33.22
N VAL F 43 -34.47 -16.64 -33.99
CA VAL F 43 -34.64 -15.84 -35.22
C VAL F 43 -34.78 -14.36 -34.91
N ILE F 44 -35.61 -14.03 -33.92
CA ILE F 44 -35.81 -12.63 -33.54
C ILE F 44 -34.53 -12.00 -33.01
N SER F 45 -33.80 -12.73 -32.16
CA SER F 45 -32.54 -12.23 -31.64
C SER F 45 -31.56 -11.86 -32.76
N ALA F 46 -31.46 -12.75 -33.74
CA ALA F 46 -30.52 -12.56 -34.84
C ALA F 46 -30.93 -11.41 -35.75
N ASN F 47 -32.22 -11.09 -35.76
CA ASN F 47 -32.75 -10.11 -36.69
C ASN F 47 -33.40 -8.89 -36.03
N ALA F 48 -33.09 -8.67 -34.77
CA ALA F 48 -33.83 -7.65 -33.98
C ALA F 48 -33.71 -6.24 -34.59
N ALA F 49 -32.52 -5.86 -35.03
CA ALA F 49 -32.33 -4.51 -35.55
C ALA F 49 -33.07 -4.36 -36.88
N THR F 50 -33.02 -5.38 -37.73
CA THR F 50 -33.71 -5.36 -39.02
C THR F 50 -35.22 -5.24 -38.86
N ILE F 51 -35.77 -6.01 -37.93
CA ILE F 51 -37.20 -5.99 -37.69
C ILE F 51 -37.68 -4.58 -37.31
N VAL F 52 -36.96 -3.94 -36.40
CA VAL F 52 -37.33 -2.58 -35.97
C VAL F 52 -37.18 -1.56 -37.12
N LYS F 53 -36.06 -1.66 -37.84
CA LYS F 53 -35.79 -0.77 -38.97
C LYS F 53 -36.89 -0.85 -40.01
N GLU F 54 -37.28 -2.07 -40.37
CA GLU F 54 -38.34 -2.28 -41.36
C GLU F 54 -39.72 -1.83 -40.86
N ALA F 55 -40.02 -2.05 -39.58
CA ALA F 55 -41.30 -1.61 -39.02
C ALA F 55 -41.42 -0.07 -39.04
N VAL F 56 -40.33 0.59 -38.70
CA VAL F 56 -40.31 2.06 -38.68
C VAL F 56 -40.49 2.59 -40.10
N ALA F 57 -39.83 1.96 -41.07
CA ALA F 57 -39.96 2.39 -42.45
C ALA F 57 -41.40 2.27 -42.94
N LYS F 58 -42.10 1.22 -42.50
CA LYS F 58 -43.48 1.00 -42.90
C LYS F 58 -44.46 1.96 -42.24
N SER F 59 -44.21 2.31 -40.98
CA SER F 59 -45.25 2.95 -40.17
C SER F 59 -44.98 4.40 -39.78
N LEU F 60 -43.72 4.84 -39.75
CA LEU F 60 -43.42 6.17 -39.23
C LEU F 60 -42.66 7.08 -40.18
N LEU F 61 -41.80 6.52 -41.03
CA LEU F 61 -40.96 7.37 -41.88
C LEU F 61 -41.80 8.12 -42.92
N TYR F 62 -41.30 9.31 -43.26
CA TYR F 62 -41.92 10.23 -44.21
C TYR F 62 -43.30 10.73 -43.77
N SER F 63 -43.60 10.67 -42.47
CA SER F 63 -44.88 11.12 -41.97
C SER F 63 -44.69 12.37 -41.12
N ASP F 64 -45.79 12.91 -40.62
CA ASP F 64 -45.72 14.09 -39.74
C ASP F 64 -44.87 13.84 -38.51
N VAL F 65 -44.81 12.58 -38.09
CA VAL F 65 -44.13 12.24 -36.85
C VAL F 65 -42.64 12.60 -36.89
N THR F 66 -42.02 12.49 -38.07
CA THR F 66 -40.59 12.76 -38.17
C THR F 66 -40.26 14.17 -38.65
N ARG F 67 -41.28 15.01 -38.83
CA ARG F 67 -41.05 16.41 -39.20
C ARG F 67 -41.15 17.30 -37.96
N PRO F 68 -40.64 18.54 -38.03
CA PRO F 68 -40.74 19.46 -36.90
C PRO F 68 -42.17 19.53 -36.37
N GLY F 69 -42.32 19.41 -35.06
CA GLY F 69 -43.64 19.41 -34.45
C GLY F 69 -44.09 17.99 -34.17
N GLY F 70 -43.45 17.03 -34.82
CA GLY F 70 -43.72 15.63 -34.59
C GLY F 70 -42.77 15.11 -33.51
N MEN F 71 -43.14 14.04 -32.83
CA MEN F 71 -42.44 13.60 -31.64
C MEN F 71 -41.14 12.83 -31.92
O MEN F 71 -40.35 12.56 -31.02
CB MEN F 71 -43.31 12.76 -30.69
CG MEN F 71 -42.73 12.64 -29.29
OD1 MEN F 71 -42.51 11.50 -28.82
ND2 MEN F 71 -42.47 13.79 -28.59
CE2 MEN F 71 -41.94 13.79 -27.26
N MET F 72 -40.92 12.46 -33.19
CA MET F 72 -39.64 11.85 -33.59
C MET F 72 -38.65 12.85 -34.20
N TYR F 73 -39.06 14.10 -34.35
CA TYR F 73 -38.13 15.12 -34.84
C TYR F 73 -37.05 15.37 -33.77
N THR F 74 -35.84 15.67 -34.26
CA THR F 74 -34.56 15.74 -33.52
C THR F 74 -33.97 14.35 -33.45
N THR F 75 -32.66 14.25 -33.65
CA THR F 75 -32.00 12.96 -33.62
C THR F 75 -32.13 12.32 -32.25
N ARG F 76 -32.15 13.14 -31.19
CA ARG F 76 -32.31 12.62 -29.83
CA ARG F 76 -32.33 12.65 -29.82
C ARG F 76 -33.63 11.86 -29.68
N ARG F 77 -34.73 12.44 -30.15
CA ARG F 77 -36.03 11.76 -30.02
C ARG F 77 -36.14 10.60 -30.97
N TYR F 78 -35.60 10.75 -32.17
CA TYR F 78 -35.60 9.65 -33.11
C TYR F 78 -34.95 8.41 -32.46
N ALA F 79 -33.77 8.59 -31.89
CA ALA F 79 -33.05 7.48 -31.28
C ALA F 79 -33.79 6.92 -30.07
N ALA F 80 -34.42 7.79 -29.28
CA ALA F 80 -35.20 7.32 -28.13
C ALA F 80 -36.36 6.43 -28.59
N CYS F 81 -37.02 6.82 -29.69
CA CYS F 81 -38.12 6.03 -30.22
C CYS F 81 -37.65 4.64 -30.65
N ILE F 82 -36.56 4.59 -31.40
CA ILE F 82 -35.96 3.32 -31.81
C ILE F 82 -35.68 2.43 -30.62
N ARG F 83 -35.13 3.04 -29.58
CA ARG F 83 -34.82 2.33 -28.34
C ARG F 83 -36.08 1.72 -27.70
N ASP F 84 -37.18 2.47 -27.71
CA ASP F 84 -38.47 1.94 -27.23
C ASP F 84 -38.87 0.70 -28.02
N LEU F 85 -38.76 0.78 -29.35
CA LEU F 85 -39.15 -0.33 -30.20
C LEU F 85 -38.26 -1.56 -29.94
N ASP F 86 -36.96 -1.33 -29.74
CA ASP F 86 -36.05 -2.41 -29.36
C ASP F 86 -36.55 -3.09 -28.08
N TYR F 87 -36.94 -2.28 -27.09
CA TYR F 87 -37.54 -2.78 -25.84
C TYR F 87 -38.77 -3.63 -26.07
N TYR F 88 -39.74 -3.09 -26.82
CA TYR F 88 -41.00 -3.82 -27.04
C TYR F 88 -40.75 -5.18 -27.69
N LEU F 89 -39.87 -5.22 -28.69
CA LEU F 89 -39.56 -6.47 -29.35
C LEU F 89 -38.88 -7.47 -28.39
N ARG F 90 -37.90 -7.00 -27.62
CA ARG F 90 -37.18 -7.88 -26.72
C ARG F 90 -38.13 -8.44 -25.64
N TYR F 91 -38.93 -7.58 -25.03
CA TYR F 91 -39.83 -8.05 -23.96
C TYR F 91 -40.97 -8.92 -24.51
N ALA F 92 -41.49 -8.61 -25.70
CA ALA F 92 -42.47 -9.50 -26.31
C ALA F 92 -41.88 -10.89 -26.55
N THR F 93 -40.61 -10.93 -26.94
CA THR F 93 -39.92 -12.21 -27.17
C THR F 93 -39.77 -12.97 -25.84
N TYR F 94 -39.45 -12.26 -24.75
CA TYR F 94 -39.42 -12.88 -23.42
C TYR F 94 -40.78 -13.52 -23.11
N ALA F 95 -41.85 -12.73 -23.28
CA ALA F 95 -43.18 -13.18 -22.95
C ALA F 95 -43.61 -14.36 -23.83
N MET F 96 -43.24 -14.34 -25.10
CA MET F 96 -43.53 -15.45 -25.99
C MET F 96 -42.80 -16.70 -25.54
N LEU F 97 -41.53 -16.54 -25.16
CA LEU F 97 -40.75 -17.68 -24.68
C LEU F 97 -41.37 -18.25 -23.40
N ALA F 98 -41.82 -17.37 -22.51
CA ALA F 98 -42.43 -17.78 -21.24
C ALA F 98 -43.85 -18.28 -21.40
N GLY F 99 -44.48 -17.98 -22.54
CA GLY F 99 -45.88 -18.28 -22.74
C GLY F 99 -46.77 -17.60 -21.69
N ASP F 100 -46.37 -16.40 -21.28
CA ASP F 100 -47.08 -15.70 -20.22
C ASP F 100 -46.80 -14.20 -20.31
N ALA F 101 -47.84 -13.38 -20.15
CA ALA F 101 -47.68 -11.93 -20.29
C ALA F 101 -47.25 -11.18 -19.03
N SER F 102 -47.03 -11.90 -17.93
CA SER F 102 -46.77 -11.22 -16.65
C SER F 102 -45.55 -10.32 -16.71
N ILE F 103 -44.50 -10.74 -17.42
CA ILE F 103 -43.31 -9.90 -17.48
C ILE F 103 -43.65 -8.57 -18.17
N LEU F 104 -44.66 -8.56 -19.03
CA LEU F 104 -45.05 -7.30 -19.68
C LEU F 104 -45.73 -6.34 -18.70
N ASP F 105 -46.59 -6.88 -17.85
CA ASP F 105 -47.24 -6.06 -16.83
C ASP F 105 -46.21 -5.51 -15.85
N GLU F 106 -45.24 -6.33 -15.49
CA GLU F 106 -44.33 -5.98 -14.41
C GLU F 106 -43.20 -5.07 -14.85
N ARG F 107 -42.73 -5.24 -16.08
CA ARG F 107 -41.51 -4.57 -16.49
C ARG F 107 -41.67 -3.65 -17.69
N VAL F 108 -42.79 -3.72 -18.39
CA VAL F 108 -42.99 -2.82 -19.54
C VAL F 108 -44.08 -1.79 -19.26
N LEU F 109 -45.27 -2.27 -18.93
CA LEU F 109 -46.46 -1.41 -18.92
C LEU F 109 -46.62 -0.60 -17.63
N ASN F 110 -45.90 -0.98 -16.58
CA ASN F 110 -46.00 -0.34 -15.28
C ASN F 110 -45.67 1.15 -15.31
N GLY F 111 -46.70 1.98 -15.27
CA GLY F 111 -46.53 3.43 -15.28
C GLY F 111 -46.17 4.02 -16.64
N LEU F 112 -46.23 3.19 -17.68
CA LEU F 112 -45.76 3.59 -19.00
C LEU F 112 -46.68 4.62 -19.67
N LYS F 113 -47.98 4.38 -19.59
CA LYS F 113 -48.97 5.28 -20.17
C LYS F 113 -48.82 6.71 -19.60
N GLU F 114 -48.62 6.78 -18.29
CA GLU F 114 -48.50 8.06 -17.60
C GLU F 114 -47.20 8.76 -18.01
N THR F 115 -46.14 7.98 -18.14
CA THR F 115 -44.85 8.50 -18.59
C THR F 115 -44.98 9.10 -19.99
N TYR F 116 -45.59 8.37 -20.91
CA TYR F 116 -45.79 8.87 -22.26
C TYR F 116 -46.66 10.12 -22.30
N ASN F 117 -47.72 10.16 -21.49
N ASN F 117 -47.73 10.14 -21.51
CA ASN F 117 -48.61 11.31 -21.55
CA ASN F 117 -48.61 11.29 -21.48
C ASN F 117 -47.97 12.56 -20.92
C ASN F 117 -47.86 12.53 -21.00
N SER F 118 -47.08 12.36 -19.94
CA SER F 118 -46.33 13.47 -19.37
CA SER F 118 -46.33 13.47 -19.38
C SER F 118 -45.31 14.03 -20.37
N LEU F 119 -44.72 13.15 -21.17
CA LEU F 119 -43.69 13.56 -22.13
C LEU F 119 -44.24 14.02 -23.47
N GLY F 120 -45.51 13.70 -23.74
CA GLY F 120 -46.07 13.98 -25.05
C GLY F 120 -45.70 12.97 -26.12
N VAL F 121 -45.37 11.74 -25.71
CA VAL F 121 -45.12 10.66 -26.67
C VAL F 121 -46.46 10.14 -27.20
N PRO F 122 -46.65 10.14 -28.52
CA PRO F 122 -47.96 9.80 -29.07
C PRO F 122 -48.27 8.31 -28.95
N ILE F 123 -49.39 7.99 -28.33
CA ILE F 123 -49.77 6.59 -28.14
C ILE F 123 -50.17 5.93 -29.47
N SER F 124 -50.99 6.64 -30.24
CA SER F 124 -51.48 6.14 -31.53
C SER F 124 -50.33 5.72 -32.44
N SER F 125 -49.37 6.61 -32.63
CA SER F 125 -48.22 6.30 -33.49
C SER F 125 -47.35 5.18 -32.93
N THR F 126 -47.18 5.14 -31.60
CA THR F 126 -46.43 4.05 -30.98
C THR F 126 -47.10 2.69 -31.27
N VAL F 127 -48.42 2.65 -31.08
CA VAL F 127 -49.14 1.40 -31.30
C VAL F 127 -49.05 1.00 -32.78
N GLN F 128 -49.14 1.95 -33.69
CA GLN F 128 -48.97 1.65 -35.12
C GLN F 128 -47.61 1.01 -35.40
N ALA F 129 -46.56 1.52 -34.76
CA ALA F 129 -45.22 0.98 -34.98
C ALA F 129 -45.09 -0.43 -34.40
N ILE F 130 -45.70 -0.67 -33.24
CA ILE F 130 -45.65 -2.00 -32.65
C ILE F 130 -46.42 -2.99 -33.53
N GLN F 131 -47.54 -2.56 -34.06
CA GLN F 131 -48.29 -3.39 -35.00
C GLN F 131 -47.45 -3.72 -36.23
N ALA F 132 -46.66 -2.76 -36.70
CA ALA F 132 -45.78 -3.00 -37.83
C ALA F 132 -44.71 -4.02 -37.45
N ILE F 133 -44.21 -3.92 -36.23
CA ILE F 133 -43.26 -4.89 -35.71
C ILE F 133 -43.86 -6.30 -35.74
N LYS F 134 -45.13 -6.42 -35.34
CA LYS F 134 -45.81 -7.70 -35.39
C LYS F 134 -45.83 -8.29 -36.80
N GLU F 135 -46.11 -7.48 -37.80
CA GLU F 135 -46.24 -8.03 -39.14
C GLU F 135 -44.87 -8.38 -39.73
N VAL F 136 -43.85 -7.57 -39.46
CA VAL F 136 -42.49 -7.88 -39.94
C VAL F 136 -41.99 -9.16 -39.28
N THR F 137 -42.20 -9.26 -37.96
CA THR F 137 -41.79 -10.45 -37.22
C THR F 137 -42.47 -11.68 -37.79
N ALA F 138 -43.78 -11.58 -38.06
CA ALA F 138 -44.51 -12.72 -38.60
C ALA F 138 -43.95 -13.15 -39.95
N SER F 139 -43.47 -12.21 -40.75
CA SER F 139 -42.95 -12.56 -42.07
C SER F 139 -41.67 -13.40 -41.95
N LEU F 140 -40.97 -13.26 -40.83
CA LEU F 140 -39.71 -13.99 -40.61
C LEU F 140 -39.86 -15.29 -39.82
N VAL F 141 -40.68 -15.28 -38.77
CA VAL F 141 -40.74 -16.47 -37.90
C VAL F 141 -41.79 -17.48 -38.36
N GLY F 142 -42.56 -17.08 -39.37
CA GLY F 142 -43.61 -17.93 -39.90
C GLY F 142 -44.98 -17.60 -39.34
N ALA F 143 -45.98 -18.35 -39.78
CA ALA F 143 -47.36 -18.12 -39.37
C ALA F 143 -47.59 -18.47 -37.90
N ASP F 144 -47.14 -19.67 -37.51
CA ASP F 144 -47.44 -20.21 -36.17
C ASP F 144 -46.73 -19.47 -35.04
N ALA F 145 -45.46 -19.15 -35.25
CA ALA F 145 -44.70 -18.42 -34.24
C ALA F 145 -45.17 -16.98 -34.27
N GLY F 146 -45.56 -16.54 -35.46
CA GLY F 146 -46.02 -15.18 -35.69
C GLY F 146 -47.25 -14.90 -34.85
N LYS F 147 -48.12 -15.91 -34.75
CA LYS F 147 -49.35 -15.78 -33.95
C LYS F 147 -49.04 -15.59 -32.47
N GLU F 148 -48.13 -16.39 -31.92
CA GLU F 148 -47.70 -16.26 -30.54
C GLU F 148 -47.06 -14.89 -30.25
N MET F 149 -46.13 -14.47 -31.11
CA MET F 149 -45.56 -13.13 -30.94
C MET F 149 -46.65 -12.07 -31.03
N GLY F 150 -47.64 -12.29 -31.89
CA GLY F 150 -48.72 -11.34 -32.07
C GLY F 150 -49.53 -11.14 -30.80
N VAL F 151 -49.74 -12.22 -30.06
CA VAL F 151 -50.46 -12.14 -28.77
C VAL F 151 -49.78 -11.13 -27.83
N TYR F 152 -48.46 -11.22 -27.74
CA TYR F 152 -47.74 -10.43 -26.74
C TYR F 152 -47.47 -9.02 -27.24
N LEU F 153 -47.27 -8.85 -28.54
CA LEU F 153 -47.15 -7.51 -29.07
C LEU F 153 -48.51 -6.79 -28.97
N ASP F 154 -49.61 -7.51 -29.24
CA ASP F 154 -50.94 -6.94 -29.08
C ASP F 154 -51.20 -6.59 -27.62
N TYR F 155 -50.68 -7.41 -26.72
CA TYR F 155 -50.85 -7.20 -25.28
C TYR F 155 -50.26 -5.85 -24.87
N ILE F 156 -49.07 -5.56 -25.38
CA ILE F 156 -48.41 -4.28 -25.08
C ILE F 156 -49.26 -3.13 -25.60
N CYS F 157 -49.77 -3.26 -26.83
CA CYS F 157 -50.61 -2.22 -27.42
C CYS F 157 -51.88 -1.97 -26.60
N SER F 158 -52.52 -3.04 -26.16
N SER F 158 -52.53 -3.03 -26.15
CA SER F 158 -53.74 -2.89 -25.37
CA SER F 158 -53.76 -2.86 -25.39
C SER F 158 -53.44 -2.18 -24.07
C SER F 158 -53.46 -2.22 -24.03
N GLY F 159 -52.26 -2.45 -23.52
CA GLY F 159 -51.83 -1.86 -22.26
C GLY F 159 -51.54 -0.38 -22.35
N LEU F 160 -51.25 0.10 -23.56
CA LEU F 160 -50.98 1.52 -23.80
C LEU F 160 -52.25 2.30 -24.08
N SER F 161 -53.28 1.58 -24.51
CA SER F 161 -54.53 2.21 -24.93
C SER F 161 -55.49 2.29 -23.75
N SER G 2 31.45 -6.31 34.51
CA SER G 2 30.42 -6.02 35.49
C SER G 2 29.49 -4.93 35.01
N VAL G 3 28.74 -4.36 35.95
CA VAL G 3 27.92 -3.18 35.70
C VAL G 3 28.71 -2.03 35.03
N VAL G 4 29.97 -1.88 35.41
CA VAL G 4 30.79 -0.79 34.86
C VAL G 4 31.08 -1.03 33.36
N SER G 5 31.53 -2.24 33.01
CA SER G 5 31.85 -2.53 31.62
C SER G 5 30.61 -2.46 30.73
N GLN G 6 29.46 -2.86 31.28
CA GLN G 6 28.17 -2.74 30.60
C GLN G 6 27.91 -1.31 30.14
N VAL G 7 28.08 -0.37 31.05
CA VAL G 7 27.89 1.05 30.73
C VAL G 7 28.91 1.50 29.66
N ILE G 8 30.16 1.09 29.84
CA ILE G 8 31.21 1.52 28.93
C ILE G 8 30.94 1.00 27.51
N LEU G 9 30.47 -0.24 27.39
CA LEU G 9 30.19 -0.81 26.08
C LEU G 9 29.07 -0.05 25.37
N GLN G 10 28.05 0.36 26.11
CA GLN G 10 26.95 1.13 25.53
C GLN G 10 27.42 2.51 25.09
N ALA G 11 28.24 3.14 25.91
CA ALA G 11 28.77 4.46 25.59
C ALA G 11 29.64 4.39 24.34
N ASP G 12 30.49 3.38 24.28
CA ASP G 12 31.40 3.24 23.15
C ASP G 12 30.62 2.99 21.87
N ASP G 13 29.56 2.20 21.98
CA ASP G 13 28.67 1.93 20.86
C ASP G 13 28.08 3.22 20.30
N GLN G 14 27.86 4.20 21.17
CA GLN G 14 27.28 5.47 20.76
C GLN G 14 28.33 6.58 20.64
N LEU G 15 29.62 6.21 20.68
CA LEU G 15 30.72 7.16 20.47
C LEU G 15 30.68 8.33 21.45
N ARG G 16 30.33 8.04 22.69
CA ARG G 16 30.10 9.09 23.67
C ARG G 16 30.67 8.74 25.04
N TYR G 17 30.72 9.74 25.91
CA TYR G 17 31.03 9.49 27.32
C TYR G 17 29.80 8.92 28.02
N PRO G 18 30.00 8.23 29.15
CA PRO G 18 28.83 7.80 29.93
C PRO G 18 27.98 9.00 30.35
N THR G 19 26.67 8.82 30.41
CA THR G 19 25.77 9.90 30.80
C THR G 19 25.82 10.10 32.31
N SER G 20 25.31 11.24 32.78
CA SER G 20 25.23 11.48 34.22
C SER G 20 24.41 10.37 34.88
N GLY G 21 23.35 9.94 34.22
CA GLY G 21 22.54 8.83 34.72
C GLY G 21 23.30 7.52 34.85
N GLU G 22 24.11 7.21 33.84
CA GLU G 22 24.89 5.98 33.86
C GLU G 22 25.95 6.01 34.94
N LEU G 23 26.53 7.19 35.15
CA LEU G 23 27.56 7.37 36.16
C LEU G 23 26.96 7.26 37.57
N LYS G 24 25.76 7.79 37.75
CA LYS G 24 25.02 7.64 39.01
C LYS G 24 24.79 6.16 39.33
N GLY G 25 24.46 5.38 38.29
CA GLY G 25 24.24 3.96 38.45
C GLY G 25 25.51 3.21 38.83
N ILE G 26 26.62 3.65 38.25
CA ILE G 26 27.90 3.05 38.59
C ILE G 26 28.26 3.38 40.05
N GLN G 27 28.04 4.63 40.45
CA GLN G 27 28.32 5.07 41.82
CA GLN G 27 28.36 5.01 41.83
C GLN G 27 27.53 4.20 42.82
N ALA G 28 26.25 4.02 42.53
CA ALA G 28 25.40 3.24 43.41
C ALA G 28 25.87 1.79 43.50
N PHE G 29 26.28 1.22 42.38
CA PHE G 29 26.78 -0.15 42.38
C PHE G 29 28.03 -0.27 43.24
N LEU G 30 28.97 0.65 43.06
CA LEU G 30 30.26 0.52 43.72
C LEU G 30 30.18 0.73 45.24
N THR G 31 29.14 1.39 45.74
CA THR G 31 28.99 1.54 47.19
C THR G 31 28.39 0.29 47.85
N THR G 32 27.94 -0.66 47.04
CA THR G 32 27.34 -1.89 47.57
C THR G 32 28.32 -3.06 47.60
N GLY G 33 29.61 -2.75 47.47
CA GLY G 33 30.63 -3.77 47.39
C GLY G 33 30.76 -4.63 48.63
N ALA G 34 30.72 -4.01 49.80
CA ALA G 34 30.92 -4.73 51.05
C ALA G 34 29.89 -5.83 51.24
N GLN G 35 28.64 -5.55 50.88
CA GLN G 35 27.57 -6.55 50.98
C GLN G 35 27.84 -7.72 50.06
N ARG G 36 28.28 -7.43 48.85
CA ARG G 36 28.50 -8.47 47.85
C ARG G 36 29.63 -9.38 48.28
N ILE G 37 30.66 -8.80 48.85
CA ILE G 37 31.78 -9.58 49.37
C ILE G 37 31.35 -10.47 50.54
N ARG G 38 30.51 -9.95 51.43
CA ARG G 38 30.00 -10.76 52.55
C ARG G 38 29.21 -11.97 52.04
N ILE G 39 28.36 -11.75 51.05
CA ILE G 39 27.58 -12.83 50.46
C ILE G 39 28.50 -13.88 49.84
N ALA G 40 29.48 -13.42 49.06
CA ALA G 40 30.38 -14.34 48.37
C ALA G 40 31.15 -15.19 49.36
N GLU G 41 31.64 -14.59 50.44
CA GLU G 41 32.44 -15.33 51.41
C GLU G 41 31.57 -16.33 52.20
N THR G 42 30.32 -15.95 52.49
CA THR G 42 29.41 -16.84 53.20
C THR G 42 29.09 -18.08 52.37
N LEU G 43 28.85 -17.89 51.08
CA LEU G 43 28.55 -19.03 50.23
C LEU G 43 29.78 -19.90 50.04
N ALA G 44 30.94 -19.27 49.85
CA ALA G 44 32.19 -20.02 49.72
C ALA G 44 32.46 -20.85 50.97
N GLU G 45 32.30 -20.22 52.14
CA GLU G 45 32.59 -20.89 53.41
C GLU G 45 31.68 -22.07 53.66
N ASN G 46 30.46 -21.99 53.12
CA ASN G 46 29.47 -23.02 53.38
C ASN G 46 29.21 -23.93 52.19
N GLU G 47 30.15 -23.97 51.25
CA GLU G 47 29.94 -24.77 50.04
C GLU G 47 29.57 -26.23 50.30
N LYS G 48 30.33 -26.90 51.17
CA LYS G 48 30.11 -28.33 51.37
C LYS G 48 28.73 -28.57 51.97
N LYS G 49 28.36 -27.75 52.94
CA LYS G 49 27.05 -27.84 53.58
C LYS G 49 25.92 -27.58 52.59
N ILE G 50 26.08 -26.54 51.78
CA ILE G 50 25.07 -26.15 50.79
C ILE G 50 24.88 -27.23 49.72
N VAL G 51 25.99 -27.70 49.16
CA VAL G 51 25.91 -28.76 48.15
C VAL G 51 25.32 -30.06 48.74
N ASP G 52 25.66 -30.39 49.98
CA ASP G 52 25.10 -31.59 50.60
C ASP G 52 23.58 -31.52 50.79
N GLN G 53 23.09 -30.39 51.32
CA GLN G 53 21.64 -30.21 51.45
C GLN G 53 20.97 -30.31 50.08
N ALA G 54 21.56 -29.64 49.09
CA ALA G 54 21.01 -29.60 47.75
C ALA G 54 20.93 -30.99 47.11
N GLN G 55 22.04 -31.72 47.13
CA GLN G 55 22.05 -33.03 46.48
C GLN G 55 21.09 -34.00 47.18
N LYS G 56 20.99 -33.89 48.50
CA LYS G 56 20.03 -34.74 49.22
C LYS G 56 18.61 -34.52 48.72
N GLN G 57 18.22 -33.25 48.55
CA GLN G 57 16.89 -32.95 48.05
C GLN G 57 16.75 -33.38 46.58
N LEU G 58 17.78 -33.11 45.78
CA LEU G 58 17.73 -33.47 44.36
C LEU G 58 17.46 -34.96 44.14
N PHE G 59 18.22 -35.81 44.82
CA PHE G 59 18.11 -37.25 44.56
C PHE G 59 16.97 -37.91 45.35
N LYS G 60 16.38 -37.16 46.28
CA LYS G 60 15.11 -37.61 46.83
C LYS G 60 14.00 -37.48 45.77
N LYS G 61 14.08 -36.41 44.98
CA LYS G 61 13.10 -36.15 43.93
C LYS G 61 13.35 -37.02 42.71
N HIS G 62 14.63 -37.22 42.39
CA HIS G 62 15.05 -37.95 41.20
C HIS G 62 15.96 -39.14 41.52
N PRO G 63 15.45 -40.14 42.27
CA PRO G 63 16.29 -41.30 42.57
C PRO G 63 16.68 -42.06 41.31
N GLU G 64 15.91 -41.88 40.24
CA GLU G 64 16.20 -42.61 39.01
C GLU G 64 17.55 -42.18 38.41
N TYR G 65 18.01 -40.96 38.75
CA TYR G 65 19.31 -40.52 38.25
C TYR G 65 20.47 -41.37 38.80
N ARG G 66 20.28 -42.00 39.96
CA ARG G 66 21.33 -42.83 40.54
C ARG G 66 21.01 -44.33 40.45
N ALA G 67 19.96 -44.65 39.71
CA ALA G 67 19.61 -46.04 39.44
C ALA G 67 20.31 -46.50 38.16
N PRO G 68 20.37 -47.81 37.91
CA PRO G 68 21.05 -48.24 36.68
C PRO G 68 20.45 -47.57 35.45
N GLY G 69 21.31 -47.19 34.52
CA GLY G 69 20.87 -46.47 33.35
C GLY G 69 20.71 -44.98 33.59
N GLY G 70 20.75 -44.56 34.85
CA GLY G 70 20.66 -43.14 35.18
C GLY G 70 21.99 -42.44 34.94
N ASN G 71 21.97 -41.14 34.66
CA ASN G 71 23.19 -40.43 34.28
C ASN G 71 24.20 -40.36 35.42
N ALA G 72 23.71 -40.38 36.66
CA ALA G 72 24.59 -40.26 37.84
C ALA G 72 24.79 -41.60 38.56
N TYR G 73 24.55 -42.69 37.84
CA TYR G 73 24.74 -44.02 38.41
C TYR G 73 26.20 -44.28 38.70
N GLY G 74 26.49 -44.78 39.89
CA GLY G 74 27.87 -45.08 40.26
C GLY G 74 28.60 -43.90 40.88
N GLN G 75 29.54 -44.20 41.76
CA GLN G 75 30.23 -43.16 42.51
C GLN G 75 30.98 -42.11 41.66
N ARG G 76 31.73 -42.50 40.63
CA ARG G 76 32.47 -41.51 39.86
CA ARG G 76 32.48 -41.50 39.88
C ARG G 76 31.52 -40.49 39.24
N GLN G 77 30.39 -40.97 38.74
CA GLN G 77 29.45 -40.08 38.06
CA GLN G 77 29.46 -40.07 38.06
C GLN G 77 28.72 -39.20 39.07
N TYR G 78 28.26 -39.80 40.16
CA TYR G 78 27.63 -39.02 41.24
C TYR G 78 28.57 -37.93 41.75
N ASN G 79 29.84 -38.28 41.97
CA ASN G 79 30.79 -37.28 42.46
C ASN G 79 31.00 -36.16 41.45
N GLN G 80 30.86 -36.46 40.16
CA GLN G 80 31.03 -35.41 39.16
C GLN G 80 29.82 -34.46 39.20
N CYS G 81 28.64 -34.99 39.51
CA CYS G 81 27.49 -34.11 39.74
C CYS G 81 27.75 -33.14 40.90
N LEU G 82 28.25 -33.66 42.02
CA LEU G 82 28.54 -32.80 43.17
C LEU G 82 29.59 -31.75 42.80
N ARG G 83 30.53 -32.13 41.94
CA ARG G 83 31.55 -31.21 41.44
C ARG G 83 30.87 -30.06 40.67
N ASP G 84 29.99 -30.40 39.74
CA ASP G 84 29.24 -29.39 38.97
C ASP G 84 28.46 -28.48 39.91
N TYR G 85 27.84 -29.07 40.93
CA TYR G 85 27.09 -28.27 41.91
C TYR G 85 27.96 -27.16 42.52
N GLY G 86 29.18 -27.54 42.92
CA GLY G 86 30.09 -26.60 43.56
C GLY G 86 30.50 -25.53 42.55
N TRP G 87 30.63 -25.92 41.29
CA TRP G 87 30.96 -24.94 40.25
C TRP G 87 29.86 -23.91 40.05
N TYR G 88 28.60 -24.32 40.03
CA TYR G 88 27.52 -23.34 39.84
C TYR G 88 27.38 -22.44 41.05
N LEU G 89 27.64 -22.97 42.26
CA LEU G 89 27.62 -22.10 43.44
C LEU G 89 28.70 -21.03 43.30
N ARG G 90 29.87 -21.43 42.81
CA ARG G 90 30.98 -20.51 42.60
C ARG G 90 30.62 -19.45 41.56
N LEU G 91 29.97 -19.85 40.47
CA LEU G 91 29.55 -18.85 39.48
C LEU G 91 28.56 -17.84 40.05
N VAL G 92 27.65 -18.31 40.91
CA VAL G 92 26.72 -17.38 41.55
C VAL G 92 27.49 -16.32 42.37
N THR G 93 28.55 -16.73 43.07
CA THR G 93 29.31 -15.72 43.82
C THR G 93 29.93 -14.70 42.86
N TYR G 94 30.35 -15.14 41.67
CA TYR G 94 30.89 -14.21 40.68
C TYR G 94 29.84 -13.20 40.23
N GLY G 95 28.63 -13.69 39.97
CA GLY G 95 27.52 -12.84 39.56
C GLY G 95 27.19 -11.79 40.61
N VAL G 96 27.14 -12.21 41.87
CA VAL G 96 26.86 -11.29 42.98
C VAL G 96 27.92 -10.19 43.06
N LEU G 97 29.20 -10.55 42.89
CA LEU G 97 30.29 -9.57 42.95
C LEU G 97 30.26 -8.60 41.77
N ALA G 98 29.86 -9.08 40.60
CA ALA G 98 29.85 -8.29 39.37
C ALA G 98 28.60 -7.45 39.24
N GLY G 99 27.57 -7.83 39.98
CA GLY G 99 26.31 -7.12 39.94
C GLY G 99 25.48 -7.41 38.70
N ASN G 100 25.88 -8.41 37.92
CA ASN G 100 25.09 -8.84 36.79
C ASN G 100 25.40 -10.30 36.43
N LYS G 101 24.71 -10.83 35.42
CA LYS G 101 24.73 -12.25 35.10
CA LYS G 101 24.76 -12.26 35.14
C LYS G 101 25.90 -12.65 34.21
N GLU G 102 26.64 -11.67 33.72
CA GLU G 102 27.67 -11.90 32.72
C GLU G 102 28.68 -13.00 33.09
N PRO G 103 29.27 -12.97 34.30
CA PRO G 103 30.25 -14.04 34.59
C PRO G 103 29.61 -15.43 34.66
N ILE G 104 28.33 -15.49 35.01
CA ILE G 104 27.62 -16.77 35.02
C ILE G 104 27.35 -17.24 33.60
N GLU G 105 26.93 -16.31 32.74
CA GLU G 105 26.54 -16.69 31.39
C GLU G 105 27.72 -17.15 30.55
N THR G 106 28.82 -16.42 30.62
CA THR G 106 29.96 -16.72 29.76
C THR G 106 30.66 -18.03 30.17
N THR G 107 30.59 -18.38 31.44
CA THR G 107 31.29 -19.59 31.89
C THR G 107 30.37 -20.80 31.97
N GLY G 108 29.12 -20.60 32.39
CA GLY G 108 28.27 -21.74 32.68
C GLY G 108 26.94 -21.85 31.97
N LEU G 109 26.57 -20.89 31.12
CA LEU G 109 25.26 -20.99 30.46
C LEU G 109 25.30 -21.05 28.93
N ILE G 110 26.11 -20.22 28.27
CA ILE G 110 26.20 -20.33 26.82
C ILE G 110 26.70 -21.73 26.47
N GLY G 111 25.91 -22.46 25.70
CA GLY G 111 26.24 -23.82 25.30
C GLY G 111 25.93 -24.90 26.32
N VAL G 112 25.30 -24.52 27.44
CA VAL G 112 25.09 -25.47 28.54
C VAL G 112 24.19 -26.62 28.11
N LYS G 113 23.20 -26.34 27.27
CA LYS G 113 22.30 -27.40 26.86
C LYS G 113 23.00 -28.35 25.89
N GLU G 114 23.78 -27.79 24.97
CA GLU G 114 24.55 -28.62 24.05
C GLU G 114 25.51 -29.52 24.84
N MET G 115 26.15 -28.98 25.87
CA MET G 115 27.05 -29.79 26.69
C MET G 115 26.33 -30.92 27.42
N TYR G 116 25.30 -30.60 28.20
CA TYR G 116 24.67 -31.64 29.01
C TYR G 116 23.92 -32.64 28.14
N ASN G 117 23.37 -32.21 27.01
CA ASN G 117 22.80 -33.16 26.06
C ASN G 117 23.86 -34.16 25.58
N SER G 118 25.05 -33.65 25.31
CA SER G 118 26.13 -34.51 24.82
CA SER G 118 26.15 -34.49 24.83
C SER G 118 26.57 -35.49 25.91
N LEU G 119 26.34 -35.11 27.17
CA LEU G 119 26.70 -35.94 28.31
C LEU G 119 25.56 -36.86 28.78
N ASN G 120 24.40 -36.75 28.13
CA ASN G 120 23.19 -37.46 28.54
C ASN G 120 22.75 -37.13 29.96
N VAL G 121 23.05 -35.91 30.39
CA VAL G 121 22.52 -35.39 31.67
C VAL G 121 21.23 -34.61 31.36
N PRO G 122 20.11 -35.00 31.98
CA PRO G 122 18.85 -34.32 31.64
C PRO G 122 18.86 -32.84 32.02
N VAL G 123 18.58 -31.96 31.07
CA VAL G 123 18.57 -30.54 31.39
C VAL G 123 17.45 -30.20 32.40
N PRO G 124 16.26 -30.81 32.28
CA PRO G 124 15.29 -30.57 33.37
C PRO G 124 15.79 -31.03 34.74
N GLY G 125 16.70 -32.01 34.78
CA GLY G 125 17.33 -32.41 36.03
C GLY G 125 18.22 -31.30 36.57
N MET G 126 18.91 -30.61 35.65
CA MET G 126 19.75 -29.48 36.04
C MET G 126 18.89 -28.32 36.54
N VAL G 127 17.75 -28.09 35.91
CA VAL G 127 16.81 -27.06 36.39
C VAL G 127 16.40 -27.38 37.83
N ASP G 128 16.03 -28.64 38.06
CA ASP G 128 15.64 -29.06 39.40
C ASP G 128 16.82 -28.97 40.38
N ALA G 129 18.03 -29.29 39.91
CA ALA G 129 19.21 -29.23 40.76
C ALA G 129 19.52 -27.82 41.25
N VAL G 130 19.47 -26.84 40.34
CA VAL G 130 19.81 -25.48 40.73
C VAL G 130 18.70 -24.89 41.60
N THR G 131 17.46 -25.34 41.38
CA THR G 131 16.35 -24.87 42.20
C THR G 131 16.59 -25.21 43.67
N VAL G 132 17.07 -26.42 43.98
CA VAL G 132 17.27 -26.78 45.38
C VAL G 132 18.64 -26.31 45.89
N LEU G 133 19.57 -26.03 44.98
CA LEU G 133 20.80 -25.35 45.35
C LEU G 133 20.47 -23.94 45.86
N LYS G 134 19.62 -23.24 45.12
CA LYS G 134 19.09 -21.95 45.56
C LYS G 134 18.49 -22.00 46.97
N ASP G 135 17.61 -22.98 47.20
CA ASP G 135 17.00 -23.15 48.51
C ASP G 135 18.05 -23.26 49.61
N ALA G 136 19.05 -24.10 49.39
CA ALA G 136 20.05 -24.40 50.41
C ALA G 136 20.93 -23.18 50.68
N ALA G 137 21.36 -22.51 49.61
CA ALA G 137 22.24 -21.33 49.71
C ALA G 137 21.54 -20.15 50.36
N LEU G 138 20.30 -19.84 49.94
CA LEU G 138 19.62 -18.67 50.48
C LEU G 138 19.30 -18.84 51.96
N GLY G 139 19.14 -20.09 52.40
CA GLY G 139 18.85 -20.38 53.79
C GLY G 139 19.95 -20.00 54.77
N LEU G 140 21.14 -19.75 54.24
CA LEU G 140 22.29 -19.41 55.07
C LEU G 140 22.57 -17.91 55.05
N LEU G 141 21.76 -17.16 54.32
CA LEU G 141 21.92 -15.72 54.24
C LEU G 141 20.83 -15.01 55.03
N SER G 142 21.10 -13.77 55.42
CA SER G 142 20.07 -12.91 55.98
C SER G 142 18.98 -12.68 54.93
N ALA G 143 17.82 -12.21 55.37
CA ALA G 143 16.71 -11.97 54.46
C ALA G 143 17.10 -10.99 53.36
N GLU G 144 17.78 -9.92 53.76
CA GLU G 144 18.24 -8.90 52.83
C GLU G 144 19.21 -9.49 51.80
N ASP G 145 20.17 -10.29 52.28
CA ASP G 145 21.17 -10.87 51.39
C ASP G 145 20.58 -11.96 50.50
N ALA G 146 19.59 -12.68 51.01
CA ALA G 146 18.91 -13.70 50.20
C ALA G 146 18.16 -13.05 49.04
N ASN G 147 17.50 -11.92 49.31
CA ASN G 147 16.82 -11.18 48.23
C ASN G 147 17.80 -10.67 47.18
N GLU G 148 19.01 -10.30 47.62
CA GLU G 148 20.03 -9.81 46.70
C GLU G 148 20.57 -10.94 45.82
N THR G 149 20.56 -12.14 46.37
CA THR G 149 21.24 -13.27 45.74
C THR G 149 20.31 -14.11 44.88
N ALA G 150 19.04 -14.18 45.28
CA ALA G 150 18.04 -14.99 44.56
C ALA G 150 18.01 -14.77 43.03
N PRO G 151 18.09 -13.51 42.55
CA PRO G 151 18.04 -13.32 41.09
C PRO G 151 19.15 -14.01 40.30
N TYR G 152 20.31 -14.24 40.92
CA TYR G 152 21.39 -14.90 40.21
C TYR G 152 21.11 -16.39 40.04
N PHE G 153 20.52 -17.01 41.05
CA PHE G 153 20.05 -18.38 40.90
C PHE G 153 18.93 -18.44 39.87
N ASP G 154 18.01 -17.48 39.95
CA ASP G 154 16.83 -17.48 39.09
C ASP G 154 17.24 -17.39 37.62
N TYR G 155 18.29 -16.62 37.36
CA TYR G 155 18.76 -16.45 35.98
C TYR G 155 19.23 -17.77 35.41
N ILE G 156 19.99 -18.54 36.21
CA ILE G 156 20.44 -19.87 35.80
C ILE G 156 19.25 -20.80 35.52
N ILE G 157 18.32 -20.84 36.47
CA ILE G 157 17.14 -21.66 36.34
C ILE G 157 16.31 -21.31 35.10
N GLN G 158 16.11 -20.03 34.86
CA GLN G 158 15.31 -19.61 33.72
C GLN G 158 16.05 -19.94 32.42
N PHE G 159 17.36 -19.71 32.40
CA PHE G 159 18.16 -20.00 31.21
C PHE G 159 18.04 -21.49 30.85
N MET G 160 18.18 -22.35 31.84
CA MET G 160 18.14 -23.78 31.57
C MET G 160 16.73 -24.30 31.26
N SER G 161 15.71 -23.49 31.53
CA SER G 161 14.32 -23.88 31.24
C SER G 161 13.89 -23.53 29.81
N HIS G 162 14.39 -22.40 29.29
CA HIS G 162 13.87 -21.79 28.06
C HIS G 162 14.82 -21.86 26.88
N HIS G 163 14.34 -22.35 25.75
CA HIS G 163 15.15 -22.50 24.55
C HIS G 163 15.26 -21.19 23.76
N MET H 1 36.40 -6.77 26.42
CA MET H 1 36.97 -5.95 27.50
C MET H 1 36.60 -6.52 28.86
N GLN H 2 37.38 -6.18 29.87
CA GLN H 2 37.01 -6.45 31.25
C GLN H 2 37.17 -5.17 32.05
N ASP H 3 36.39 -5.02 33.11
CA ASP H 3 36.69 -4.02 34.12
C ASP H 3 37.48 -4.71 35.25
N ALA H 4 37.81 -3.96 36.28
CA ALA H 4 38.69 -4.46 37.33
C ALA H 4 38.10 -5.66 38.09
N ILE H 5 36.78 -5.68 38.20
CA ILE H 5 36.10 -6.78 38.89
C ILE H 5 36.16 -8.06 38.06
N THR H 6 35.80 -7.95 36.78
CA THR H 6 35.81 -9.10 35.89
C THR H 6 37.23 -9.68 35.76
N ALA H 7 38.24 -8.80 35.78
CA ALA H 7 39.62 -9.26 35.71
C ALA H 7 39.98 -10.16 36.88
N VAL H 8 39.58 -9.75 38.09
CA VAL H 8 39.88 -10.54 39.28
C VAL H 8 39.06 -11.84 39.29
N ILE H 9 37.80 -11.75 38.87
CA ILE H 9 36.96 -12.94 38.73
C ILE H 9 37.59 -13.93 37.73
N ASN H 10 38.05 -13.45 36.59
CA ASN H 10 38.63 -14.35 35.58
C ASN H 10 39.87 -15.08 36.09
N SER H 11 40.70 -14.39 36.86
CA SER H 11 41.90 -14.98 37.43
C SER H 11 41.56 -16.13 38.38
N ALA H 12 40.42 -16.01 39.05
CA ALA H 12 39.94 -17.07 39.94
C ALA H 12 39.31 -18.20 39.15
N ASP H 13 38.50 -17.82 38.16
CA ASP H 13 37.73 -18.80 37.39
C ASP H 13 38.63 -19.78 36.67
N VAL H 14 39.73 -19.28 36.10
CA VAL H 14 40.62 -20.13 35.32
C VAL H 14 41.39 -21.12 36.22
N GLN H 15 41.28 -20.93 37.53
CA GLN H 15 41.80 -21.90 38.50
C GLN H 15 40.70 -22.73 39.14
N GLY H 16 39.45 -22.40 38.81
CA GLY H 16 38.31 -23.06 39.43
C GLY H 16 38.17 -22.74 40.90
N LYS H 17 38.51 -21.50 41.28
CA LYS H 17 38.51 -21.10 42.69
C LYS H 17 37.53 -20.00 43.04
N TYR H 18 36.99 -20.07 44.25
CA TYR H 18 36.36 -18.89 44.84
C TYR H 18 37.42 -17.83 45.06
N LEU H 19 37.02 -16.57 45.08
CA LEU H 19 37.99 -15.49 45.32
C LEU H 19 38.53 -15.56 46.73
N ASP H 20 39.86 -15.59 46.86
CA ASP H 20 40.46 -15.64 48.19
C ASP H 20 40.63 -14.24 48.77
N GLY H 21 41.29 -14.16 49.92
CA GLY H 21 41.45 -12.90 50.62
C GLY H 21 42.13 -11.82 49.80
N ALA H 22 43.22 -12.18 49.13
CA ALA H 22 43.95 -11.24 48.30
C ALA H 22 43.09 -10.72 47.15
N ALA H 23 42.28 -11.61 46.60
CA ALA H 23 41.38 -11.23 45.51
C ALA H 23 40.30 -10.28 46.02
N MET H 24 39.75 -10.59 47.19
CA MET H 24 38.73 -9.71 47.78
C MET H 24 39.31 -8.35 48.12
N ASP H 25 40.58 -8.30 48.53
CA ASP H 25 41.26 -7.03 48.80
C ASP H 25 41.35 -6.17 47.54
N LYS H 26 41.59 -6.80 46.39
CA LYS H 26 41.61 -6.07 45.12
C LYS H 26 40.24 -5.48 44.79
N LEU H 27 39.19 -6.26 45.02
CA LEU H 27 37.84 -5.77 44.78
C LEU H 27 37.51 -4.60 45.71
N LYS H 28 37.83 -4.74 46.99
CA LYS H 28 37.60 -3.67 47.95
C LYS H 28 38.26 -2.36 47.52
N SER H 29 39.49 -2.46 47.02
N SER H 29 39.49 -2.46 47.02
CA SER H 29 40.20 -1.29 46.53
CA SER H 29 40.21 -1.30 46.54
C SER H 29 39.46 -0.61 45.38
C SER H 29 39.48 -0.61 45.38
N TYR H 30 38.97 -1.42 44.45
CA TYR H 30 38.24 -0.87 43.30
C TYR H 30 36.89 -0.27 43.72
N PHE H 31 36.14 -0.99 44.56
CA PHE H 31 34.85 -0.47 45.05
C PHE H 31 35.03 0.87 45.78
N ALA H 32 36.08 0.99 46.59
CA ALA H 32 36.35 2.21 47.34
C ALA H 32 36.76 3.38 46.45
N SER H 33 37.25 3.07 45.25
CA SER H 33 37.76 4.11 44.34
C SER H 33 36.65 4.68 43.46
N GLY H 34 35.42 4.23 43.71
CA GLY H 34 34.28 4.62 42.90
C GLY H 34 34.04 6.11 42.76
N GLU H 35 34.01 6.84 43.88
CA GLU H 35 33.75 8.28 43.86
C GLU H 35 34.80 9.02 43.04
N LEU H 36 36.05 8.67 43.26
CA LEU H 36 37.17 9.22 42.51
C LEU H 36 36.96 9.07 41.00
N ARG H 37 36.62 7.86 40.56
CA ARG H 37 36.55 7.55 39.13
C ARG H 37 35.36 8.22 38.47
N VAL H 38 34.22 8.16 39.14
N VAL H 38 34.21 8.18 39.14
CA VAL H 38 32.99 8.72 38.59
CA VAL H 38 32.98 8.74 38.57
C VAL H 38 33.09 10.25 38.47
C VAL H 38 33.07 10.26 38.48
N ARG H 39 33.63 10.90 39.49
CA ARG H 39 33.80 12.36 39.46
C ARG H 39 34.73 12.76 38.32
N ALA H 40 35.85 12.06 38.17
CA ALA H 40 36.79 12.38 37.10
C ALA H 40 36.15 12.17 35.73
N ALA H 41 35.38 11.10 35.57
CA ALA H 41 34.70 10.85 34.29
C ALA H 41 33.73 11.98 33.95
N SER H 42 33.01 12.48 34.95
CA SER H 42 32.07 13.57 34.74
CA SER H 42 32.06 13.56 34.71
C SER H 42 32.81 14.84 34.32
N VAL H 43 33.93 15.11 34.99
CA VAL H 43 34.70 16.32 34.69
C VAL H 43 35.29 16.26 33.29
N ILE H 44 35.87 15.12 32.91
CA ILE H 44 36.47 14.97 31.60
C ILE H 44 35.41 15.09 30.49
N SER H 45 34.25 14.46 30.69
CA SER H 45 33.18 14.53 29.69
CA SER H 45 33.20 14.53 29.67
C SER H 45 32.77 15.97 29.45
N ALA H 46 32.63 16.73 30.53
CA ALA H 46 32.18 18.12 30.46
C ALA H 46 33.24 19.02 29.82
N ASN H 47 34.49 18.60 29.87
CA ASN H 47 35.59 19.45 29.42
C ASN H 47 36.42 18.85 28.28
N ALA H 48 35.89 17.83 27.62
CA ALA H 48 36.68 17.05 26.65
C ALA H 48 37.25 17.91 25.52
N ALA H 49 36.46 18.82 24.98
CA ALA H 49 36.94 19.62 23.86
C ALA H 49 38.03 20.59 24.33
N THR H 50 37.84 21.19 25.50
CA THR H 50 38.83 22.12 26.05
C THR H 50 40.15 21.44 26.36
N ILE H 51 40.09 20.24 26.93
CA ILE H 51 41.31 19.51 27.24
C ILE H 51 42.15 19.25 25.98
N VAL H 52 41.50 18.82 24.91
CA VAL H 52 42.20 18.55 23.66
C VAL H 52 42.75 19.86 23.04
N LYS H 53 41.97 20.93 23.02
CA LYS H 53 42.49 22.12 22.36
C LYS H 53 43.67 22.70 23.15
N GLU H 54 43.61 22.64 24.48
CA GLU H 54 44.72 23.13 25.28
C GLU H 54 45.98 22.27 25.13
N ALA H 55 45.79 20.95 25.03
CA ALA H 55 46.92 20.05 24.81
C ALA H 55 47.61 20.31 23.47
N VAL H 56 46.80 20.51 22.43
CA VAL H 56 47.32 20.81 21.10
C VAL H 56 48.09 22.12 21.10
N ALA H 57 47.54 23.13 21.79
CA ALA H 57 48.21 24.43 21.85
C ALA H 57 49.57 24.32 22.52
N LYS H 58 49.67 23.44 23.53
CA LYS H 58 50.94 23.28 24.26
C LYS H 58 51.97 22.48 23.49
N SER H 59 51.53 21.50 22.72
CA SER H 59 52.45 20.50 22.19
C SER H 59 52.65 20.53 20.68
N LEU H 60 51.68 21.04 19.93
CA LEU H 60 51.75 20.94 18.48
C LEU H 60 51.70 22.26 17.71
N LEU H 61 50.94 23.23 18.22
CA LEU H 61 50.78 24.49 17.46
C LEU H 61 52.09 25.25 17.33
N TYR H 62 52.19 25.98 16.22
CA TYR H 62 53.34 26.80 15.85
C TYR H 62 54.62 26.00 15.63
N SER H 63 54.49 24.70 15.41
CA SER H 63 55.67 23.86 15.20
C SER H 63 55.72 23.38 13.75
N ASP H 64 56.75 22.61 13.42
CA ASP H 64 56.88 22.06 12.08
C ASP H 64 55.70 21.20 11.68
N VAL H 65 55.05 20.60 12.66
CA VAL H 65 53.98 19.64 12.38
C VAL H 65 52.80 20.31 11.65
N THR H 66 52.55 21.59 11.92
CA THR H 66 51.40 22.27 11.32
C THR H 66 51.76 23.09 10.08
N ARG H 67 53.01 22.99 9.65
CA ARG H 67 53.45 23.71 8.44
C ARG H 67 53.53 22.72 7.29
N PRO H 68 53.55 23.21 6.03
CA PRO H 68 53.69 22.33 4.87
C PRO H 68 54.83 21.33 5.06
N GLY H 69 54.56 20.06 4.81
CA GLY H 69 55.55 19.03 5.02
C GLY H 69 55.33 18.33 6.35
N GLY H 70 54.60 18.98 7.23
CA GLY H 70 54.23 18.39 8.51
C GLY H 70 52.90 17.68 8.36
N MEN H 71 52.65 16.71 9.24
CA MEN H 71 51.53 15.81 9.07
C MEN H 71 50.18 16.39 9.50
O MEN H 71 49.12 15.80 9.28
CB MEN H 71 51.73 14.45 9.77
CG MEN H 71 50.78 13.36 9.29
OD1 MEN H 71 50.04 12.81 10.12
ND2 MEN H 71 50.79 13.01 7.97
CE2 MEN H 71 49.94 11.97 7.44
N MET H 72 50.20 17.55 10.16
CA MET H 72 48.96 18.26 10.48
C MET H 72 48.63 19.37 9.48
N TYR H 73 49.49 19.58 8.49
CA TYR H 73 49.17 20.58 7.46
C TYR H 73 48.01 20.05 6.60
N THR H 74 47.19 21.00 6.13
CA THR H 74 45.88 20.80 5.45
C THR H 74 44.82 20.69 6.53
N THR H 75 43.69 21.35 6.31
CA THR H 75 42.61 21.33 7.29
C THR H 75 42.10 19.91 7.49
N ARG H 76 42.14 19.10 6.44
CA ARG H 76 41.68 17.71 6.55
CA ARG H 76 41.69 17.70 6.51
C ARG H 76 42.51 16.92 7.54
N ARG H 77 43.83 17.05 7.48
CA ARG H 77 44.71 16.34 8.42
C ARG H 77 44.65 16.94 9.82
N TYR H 78 44.57 18.27 9.90
CA TYR H 78 44.42 18.92 11.20
C TYR H 78 43.20 18.33 11.92
N ALA H 79 42.07 18.28 11.23
CA ALA H 79 40.84 17.77 11.84
C ALA H 79 40.95 16.29 12.20
N ALA H 80 41.61 15.51 11.35
CA ALA H 80 41.80 14.08 11.64
C ALA H 80 42.63 13.89 12.93
N CYS H 81 43.64 14.73 13.11
CA CYS H 81 44.49 14.64 14.30
C CYS H 81 43.70 14.95 15.56
N ILE H 82 42.92 16.03 15.52
CA ILE H 82 42.04 16.38 16.65
C ILE H 82 41.12 15.23 17.00
N ARG H 83 40.56 14.59 15.97
CA ARG H 83 39.68 13.44 16.17
CA ARG H 83 39.68 13.44 16.17
C ARG H 83 40.39 12.30 16.89
N ASP H 84 41.64 12.03 16.52
CA ASP H 84 42.45 11.01 17.21
C ASP H 84 42.58 11.36 18.69
N LEU H 85 42.89 12.61 18.99
CA LEU H 85 43.07 13.03 20.38
C LEU H 85 41.75 12.89 21.14
N ASP H 86 40.62 13.25 20.50
CA ASP H 86 39.30 13.03 21.09
C ASP H 86 39.14 11.55 21.45
N TYR H 87 39.53 10.66 20.54
CA TYR H 87 39.50 9.21 20.78
C TYR H 87 40.33 8.80 21.98
N TYR H 88 41.60 9.22 22.01
CA TYR H 88 42.49 8.83 23.10
C TYR H 88 41.95 9.27 24.46
N LEU H 89 41.42 10.49 24.54
CA LEU H 89 40.88 10.96 25.82
C LEU H 89 39.65 10.15 26.24
N ARG H 90 38.74 9.90 25.30
CA ARG H 90 37.52 9.18 25.62
C ARG H 90 37.85 7.74 26.04
N TYR H 91 38.71 7.06 25.29
CA TYR H 91 39.05 5.67 25.64
C TYR H 91 39.87 5.58 26.92
N ALA H 92 40.76 6.54 27.18
CA ALA H 92 41.48 6.55 28.45
C ALA H 92 40.52 6.72 29.62
N THR H 93 39.48 7.55 29.43
CA THR H 93 38.46 7.75 30.46
C THR H 93 37.69 6.44 30.71
N TYR H 94 37.34 5.71 29.63
CA TYR H 94 36.73 4.38 29.79
C TYR H 94 37.62 3.46 30.64
N ALA H 95 38.90 3.40 30.29
CA ALA H 95 39.82 2.52 31.00
C ALA H 95 39.99 2.94 32.47
N MET H 96 40.06 4.25 32.72
CA MET H 96 40.12 4.75 34.08
C MET H 96 38.87 4.35 34.86
N LEU H 97 37.71 4.51 34.25
CA LEU H 97 36.46 4.14 34.90
C LEU H 97 36.45 2.63 35.20
N ALA H 98 36.97 1.84 34.27
CA ALA H 98 36.97 0.38 34.41
C ALA H 98 38.08 -0.11 35.34
N GLY H 99 39.07 0.75 35.58
CA GLY H 99 40.26 0.34 36.32
C GLY H 99 41.00 -0.79 35.63
N ASP H 100 40.99 -0.79 34.30
CA ASP H 100 41.58 -1.89 33.54
C ASP H 100 41.91 -1.43 32.13
N ALA H 101 43.08 -1.83 31.61
CA ALA H 101 43.54 -1.33 30.31
C ALA H 101 43.07 -2.15 29.11
N SER H 102 42.30 -3.22 29.35
CA SER H 102 41.97 -4.14 28.26
C SER H 102 41.22 -3.47 27.11
N ILE H 103 40.34 -2.51 27.41
CA ILE H 103 39.61 -1.86 26.32
C ILE H 103 40.62 -1.11 25.42
N LEU H 104 41.75 -0.71 25.97
CA LEU H 104 42.75 -0.02 25.15
C LEU H 104 43.42 -0.99 24.17
N ASP H 105 43.77 -2.18 24.65
CA ASP H 105 44.34 -3.20 23.79
C ASP H 105 43.37 -3.60 22.69
N GLU H 106 42.10 -3.75 23.05
CA GLU H 106 41.12 -4.31 22.14
C GLU H 106 40.59 -3.31 21.12
N ARG H 107 40.45 -2.05 21.51
CA ARG H 107 39.73 -1.10 20.68
C ARG H 107 40.54 0.11 20.25
N VAL H 108 41.70 0.34 20.85
CA VAL H 108 42.54 1.47 20.44
C VAL H 108 43.82 1.01 19.73
N LEU H 109 44.60 0.17 20.40
CA LEU H 109 45.96 -0.13 19.98
C LEU H 109 46.05 -1.19 18.89
N ASN H 110 44.99 -1.97 18.72
CA ASN H 110 44.95 -3.06 17.75
C ASN H 110 45.24 -2.62 16.33
N GLY H 111 46.45 -2.91 15.85
CA GLY H 111 46.86 -2.54 14.50
C GLY H 111 47.10 -1.04 14.29
N LEU H 112 47.13 -0.29 15.37
CA LEU H 112 47.22 1.17 15.28
C LEU H 112 48.60 1.63 14.78
N LYS H 113 49.65 1.04 15.33
CA LYS H 113 51.01 1.42 14.99
C LYS H 113 51.28 1.19 13.49
N GLU H 114 50.76 0.08 12.96
CA GLU H 114 50.93 -0.24 11.54
C GLU H 114 50.15 0.73 10.67
N THR H 115 48.94 1.08 11.11
CA THR H 115 48.12 2.08 10.41
C THR H 115 48.86 3.42 10.32
N TYR H 116 49.37 3.90 11.44
CA TYR H 116 50.12 5.15 11.45
C TYR H 116 51.35 5.10 10.57
N ASN H 117 52.07 3.98 10.61
CA ASN H 117 53.28 3.87 9.81
C ASN H 117 52.98 3.85 8.32
N SER H 118 51.88 3.21 7.95
CA SER H 118 51.47 3.18 6.54
CA SER H 118 51.48 3.18 6.54
C SER H 118 51.08 4.57 6.05
N LEU H 119 50.46 5.36 6.93
CA LEU H 119 49.97 6.69 6.55
C LEU H 119 51.01 7.79 6.70
N GLY H 120 52.06 7.50 7.46
CA GLY H 120 53.04 8.54 7.78
C GLY H 120 52.63 9.46 8.93
N VAL H 121 51.75 8.98 9.82
CA VAL H 121 51.40 9.73 11.03
C VAL H 121 52.56 9.63 12.03
N PRO H 122 53.09 10.76 12.49
CA PRO H 122 54.29 10.70 13.33
C PRO H 122 53.98 10.20 14.74
N ILE H 123 54.67 9.15 15.15
CA ILE H 123 54.44 8.58 16.49
C ILE H 123 54.90 9.51 17.59
N SER H 124 56.13 10.01 17.43
CA SER H 124 56.73 10.94 18.40
C SER H 124 55.82 12.11 18.72
N SER H 125 55.34 12.81 17.71
CA SER H 125 54.46 13.96 17.93
C SER H 125 53.12 13.55 18.54
N THR H 126 52.61 12.39 18.14
CA THR H 126 51.35 11.91 18.70
C THR H 126 51.50 11.67 20.20
N VAL H 127 52.59 11.01 20.57
CA VAL H 127 52.83 10.70 21.97
C VAL H 127 53.03 12.00 22.78
N GLN H 128 53.71 12.99 22.19
CA GLN H 128 53.84 14.29 22.85
C GLN H 128 52.48 14.93 23.14
N ALA H 129 51.56 14.85 22.18
CA ALA H 129 50.22 15.43 22.37
C ALA H 129 49.43 14.66 23.44
N ILE H 130 49.57 13.34 23.46
CA ILE H 130 48.88 12.56 24.48
C ILE H 130 49.43 12.90 25.87
N GLN H 131 50.75 13.05 25.97
CA GLN H 131 51.35 13.44 27.23
CA GLN H 131 51.36 13.46 27.22
C GLN H 131 50.83 14.82 27.66
N ALA H 132 50.60 15.71 26.70
CA ALA H 132 50.05 17.02 27.03
C ALA H 132 48.62 16.90 27.52
N ILE H 133 47.88 15.96 26.93
CA ILE H 133 46.52 15.67 27.39
C ILE H 133 46.56 15.22 28.84
N LYS H 134 47.52 14.37 29.18
CA LYS H 134 47.67 13.91 30.55
C LYS H 134 47.86 15.07 31.54
N GLU H 135 48.69 16.04 31.18
CA GLU H 135 48.98 17.10 32.12
C GLU H 135 47.79 18.09 32.24
N VAL H 136 47.12 18.36 31.13
CA VAL H 136 45.94 19.24 31.17
C VAL H 136 44.85 18.58 31.99
N THR H 137 44.62 17.30 31.73
CA THR H 137 43.62 16.54 32.47
C THR H 137 43.90 16.56 33.96
N ALA H 138 45.16 16.31 34.35
CA ALA H 138 45.53 16.34 35.75
C ALA H 138 45.26 17.70 36.40
N SER H 139 45.41 18.78 35.63
CA SER H 139 45.19 20.11 36.21
C SER H 139 43.71 20.31 36.57
N LEU H 140 42.83 19.58 35.91
CA LEU H 140 41.38 19.71 36.13
C LEU H 140 40.81 18.69 37.11
N VAL H 141 41.24 17.44 37.02
CA VAL H 141 40.61 16.41 37.86
C VAL H 141 41.33 16.24 39.19
N GLY H 142 42.44 16.94 39.36
CA GLY H 142 43.21 16.87 40.59
C GLY H 142 44.39 15.93 40.50
N ALA H 143 45.10 15.79 41.62
CA ALA H 143 46.30 14.96 41.67
C ALA H 143 45.98 13.47 41.62
N ASP H 144 45.02 13.03 42.44
CA ASP H 144 44.72 11.60 42.59
C ASP H 144 44.02 10.97 41.39
N ALA H 145 43.06 11.69 40.82
CA ALA H 145 42.38 11.19 39.64
C ALA H 145 43.33 11.34 38.46
N GLY H 146 44.18 12.34 38.54
CA GLY H 146 45.15 12.65 37.50
C GLY H 146 46.13 11.49 37.35
N LYS H 147 46.49 10.87 38.47
CA LYS H 147 47.39 9.73 38.45
C LYS H 147 46.77 8.54 37.73
N GLU H 148 45.50 8.24 38.02
CA GLU H 148 44.79 7.15 37.36
C GLU H 148 44.68 7.39 35.85
N MET H 149 44.24 8.58 35.46
CA MET H 149 44.18 8.91 34.04
C MET H 149 45.56 8.78 33.40
N GLY H 150 46.59 9.20 34.15
CA GLY H 150 47.96 9.14 33.65
C GLY H 150 48.39 7.71 33.32
N VAL H 151 47.94 6.76 34.13
CA VAL H 151 48.25 5.33 33.88
C VAL H 151 47.78 4.92 32.49
N TYR H 152 46.54 5.31 32.15
CA TYR H 152 45.93 4.81 30.93
C TYR H 152 46.33 5.64 29.70
N LEU H 153 46.59 6.93 29.89
CA LEU H 153 47.16 7.70 28.78
C LEU H 153 48.61 7.23 28.51
N ASP H 154 49.36 6.92 29.57
CA ASP H 154 50.72 6.42 29.39
C ASP H 154 50.67 5.07 28.69
N TYR H 155 49.64 4.29 29.00
CA TYR H 155 49.47 2.96 28.42
C TYR H 155 49.33 3.06 26.91
N ILE H 156 48.51 4.01 26.46
CA ILE H 156 48.34 4.22 25.02
C ILE H 156 49.68 4.60 24.37
N CYS H 157 50.42 5.50 25.03
CA CYS H 157 51.72 5.92 24.51
C CYS H 157 52.70 4.77 24.39
N SER H 158 52.74 3.92 25.41
N SER H 158 52.75 3.90 25.41
CA SER H 158 53.65 2.78 25.40
CA SER H 158 53.68 2.79 25.37
C SER H 158 53.29 1.82 24.27
C SER H 158 53.28 1.80 24.29
N GLY H 159 51.99 1.72 24.01
CA GLY H 159 51.48 0.84 22.97
C GLY H 159 51.80 1.32 21.56
N LEU H 160 52.04 2.63 21.41
CA LEU H 160 52.39 3.21 20.13
C LEU H 160 53.88 3.15 19.86
N SER H 161 54.66 3.08 20.93
CA SER H 161 56.11 3.13 20.82
C SER H 161 56.68 1.72 20.69
N SER I 2 42.22 17.67 -11.48
CA SER I 2 41.58 18.75 -12.21
C SER I 2 40.34 18.27 -12.95
N VAL I 3 39.87 19.10 -13.87
CA VAL I 3 38.80 18.73 -14.80
C VAL I 3 39.06 17.36 -15.47
N VAL I 4 40.32 17.08 -15.78
CA VAL I 4 40.67 15.84 -16.46
C VAL I 4 40.44 14.62 -15.54
N SER I 5 40.97 14.70 -14.32
N SER I 5 40.95 14.70 -14.32
CA SER I 5 40.82 13.65 -13.32
CA SER I 5 40.81 13.60 -13.37
C SER I 5 39.34 13.34 -13.05
C SER I 5 39.35 13.34 -13.02
N GLN I 6 38.54 14.39 -12.96
CA GLN I 6 37.11 14.24 -12.68
C GLN I 6 36.42 13.39 -13.75
N VAL I 7 36.74 13.67 -15.02
CA VAL I 7 36.19 12.88 -16.11
C VAL I 7 36.64 11.42 -16.00
N ILE I 8 37.92 11.21 -15.70
CA ILE I 8 38.48 9.88 -15.65
C ILE I 8 37.85 9.05 -14.53
N LEU I 9 37.64 9.70 -13.38
CA LEU I 9 37.01 9.01 -12.25
C LEU I 9 35.59 8.59 -12.58
N GLN I 10 34.85 9.44 -13.29
CA GLN I 10 33.50 9.09 -13.71
C GLN I 10 33.51 7.94 -14.71
N ALA I 11 34.44 7.99 -15.64
CA ALA I 11 34.53 6.92 -16.64
C ALA I 11 34.89 5.60 -15.98
N ASP I 12 35.83 5.64 -15.04
CA ASP I 12 36.29 4.43 -14.39
C ASP I 12 35.15 3.81 -13.58
N ASP I 13 34.40 4.67 -12.90
CA ASP I 13 33.22 4.25 -12.15
C ASP I 13 32.26 3.47 -13.03
N GLN I 14 32.16 3.85 -14.30
CA GLN I 14 31.22 3.21 -15.21
C GLN I 14 31.92 2.21 -16.14
N LEU I 15 33.18 1.89 -15.85
CA LEU I 15 33.91 0.85 -16.59
C LEU I 15 33.99 1.14 -18.08
N ARG I 16 34.20 2.40 -18.42
CA ARG I 16 34.10 2.82 -19.82
C ARG I 16 35.19 3.83 -20.18
N TYR I 17 35.34 4.09 -21.48
CA TYR I 17 36.19 5.20 -21.92
C TYR I 17 35.43 6.51 -21.74
N PRO I 18 36.13 7.64 -21.66
CA PRO I 18 35.42 8.92 -21.64
C PRO I 18 34.57 9.08 -22.90
N THR I 19 33.43 9.75 -22.77
CA THR I 19 32.55 9.96 -23.91
C THR I 19 33.09 11.07 -24.79
N SER I 20 32.55 11.17 -26.01
CA SER I 20 32.94 12.25 -26.92
C SER I 20 32.67 13.61 -26.26
N GLY I 21 31.55 13.71 -25.56
CA GLY I 21 31.22 14.94 -24.83
C GLY I 21 32.22 15.27 -23.74
N GLU I 22 32.63 14.26 -22.98
CA GLU I 22 33.60 14.46 -21.91
C GLU I 22 34.96 14.87 -22.48
N LEU I 23 35.32 14.29 -23.62
CA LEU I 23 36.59 14.61 -24.26
C LEU I 23 36.58 16.05 -24.81
N LYS I 24 35.45 16.48 -25.36
CA LYS I 24 35.30 17.86 -25.84
C LYS I 24 35.44 18.85 -24.69
N GLY I 25 34.94 18.47 -23.52
CA GLY I 25 35.06 19.29 -22.33
C GLY I 25 36.49 19.41 -21.87
N ILE I 26 37.24 18.31 -21.96
CA ILE I 26 38.65 18.32 -21.63
C ILE I 26 39.42 19.21 -22.61
N GLN I 27 39.15 19.05 -23.90
CA GLN I 27 39.80 19.85 -24.94
CA GLN I 27 39.84 19.87 -24.89
C GLN I 27 39.59 21.34 -24.67
N ALA I 28 38.34 21.70 -24.37
CA ALA I 28 38.01 23.09 -24.08
C ALA I 28 38.74 23.61 -22.86
N PHE I 29 38.84 22.81 -21.81
CA PHE I 29 39.56 23.21 -20.62
C PHE I 29 41.04 23.45 -20.92
N LEU I 30 41.66 22.54 -21.66
CA LEU I 30 43.10 22.60 -21.84
C LEU I 30 43.53 23.77 -22.75
N THR I 31 42.62 24.29 -23.58
CA THR I 31 42.95 25.47 -24.39
C THR I 31 42.88 26.78 -23.60
N THR I 32 42.37 26.71 -22.37
CA THR I 32 42.26 27.91 -21.55
C THR I 32 43.41 28.03 -20.55
N GLY I 33 44.47 27.26 -20.78
CA GLY I 33 45.60 27.23 -19.86
C GLY I 33 46.32 28.55 -19.69
N ALA I 34 46.57 29.23 -20.80
CA ALA I 34 47.36 30.47 -20.75
C ALA I 34 46.68 31.53 -19.88
N GLN I 35 45.36 31.64 -19.97
CA GLN I 35 44.61 32.57 -19.12
C GLN I 35 44.77 32.25 -17.64
N ARG I 36 44.72 30.96 -17.31
CA ARG I 36 44.76 30.53 -15.91
C ARG I 36 46.13 30.81 -15.31
N ILE I 37 47.16 30.57 -16.11
CA ILE I 37 48.51 30.87 -15.68
C ILE I 37 48.71 32.37 -15.46
N ARG I 38 48.15 33.20 -16.35
CA ARG I 38 48.24 34.64 -16.18
C ARG I 38 47.57 35.10 -14.88
N ILE I 39 46.42 34.53 -14.56
CA ILE I 39 45.72 34.87 -13.33
C ILE I 39 46.54 34.44 -12.11
N ALA I 40 47.07 33.21 -12.16
CA ALA I 40 47.82 32.69 -11.02
C ALA I 40 49.04 33.55 -10.75
N GLU I 41 49.74 33.95 -11.81
CA GLU I 41 50.95 34.73 -11.62
C GLU I 41 50.65 36.15 -11.15
N THR I 42 49.54 36.73 -11.60
CA THR I 42 49.15 38.06 -11.14
C THR I 42 48.81 38.07 -9.66
N LEU I 43 48.07 37.06 -9.20
CA LEU I 43 47.72 37.00 -7.79
C LEU I 43 48.96 36.73 -6.93
N ALA I 44 49.83 35.83 -7.40
CA ALA I 44 51.07 35.53 -6.68
C ALA I 44 51.95 36.78 -6.55
N GLU I 45 52.12 37.51 -7.64
CA GLU I 45 52.97 38.70 -7.65
C GLU I 45 52.45 39.79 -6.74
N ASN I 46 51.14 39.82 -6.56
CA ASN I 46 50.52 40.89 -5.79
C ASN I 46 50.04 40.43 -4.43
N GLU I 47 50.56 39.32 -3.94
CA GLU I 47 50.09 38.77 -2.66
C GLU I 47 50.14 39.76 -1.50
N LYS I 48 51.27 40.42 -1.34
CA LYS I 48 51.43 41.30 -0.18
C LYS I 48 50.43 42.44 -0.22
N LYS I 49 50.27 43.03 -1.40
CA LYS I 49 49.33 44.13 -1.61
C LYS I 49 47.88 43.67 -1.38
N ILE I 50 47.53 42.51 -1.91
CA ILE I 50 46.19 41.96 -1.78
C ILE I 50 45.85 41.66 -0.33
N VAL I 51 46.76 40.97 0.37
CA VAL I 51 46.53 40.64 1.78
C VAL I 51 46.47 41.92 2.64
N ASP I 52 47.29 42.92 2.33
CA ASP I 52 47.25 44.15 3.11
C ASP I 52 45.91 44.88 2.96
N GLN I 53 45.42 44.99 1.74
CA GLN I 53 44.12 45.62 1.51
C GLN I 53 43.03 44.86 2.23
N ALA I 54 43.09 43.54 2.14
CA ALA I 54 42.08 42.67 2.74
C ALA I 54 42.07 42.78 4.27
N GLN I 55 43.24 42.68 4.90
CA GLN I 55 43.28 42.74 6.36
C GLN I 55 42.86 44.10 6.88
N LYS I 56 43.19 45.17 6.15
CA LYS I 56 42.74 46.50 6.55
C LYS I 56 41.21 46.57 6.60
N GLN I 57 40.55 46.03 5.59
CA GLN I 57 39.09 46.05 5.56
C GLN I 57 38.51 45.12 6.64
N LEU I 58 39.11 43.94 6.79
CA LEU I 58 38.67 42.96 7.79
C LEU I 58 38.63 43.55 9.20
N PHE I 59 39.73 44.16 9.62
CA PHE I 59 39.82 44.61 10.99
C PHE I 59 39.20 45.98 11.20
N LYS I 60 38.83 46.66 10.12
CA LYS I 60 37.95 47.82 10.26
C LYS I 60 36.54 47.36 10.64
N LYS I 61 36.12 46.23 10.09
CA LYS I 61 34.80 45.66 10.34
C LYS I 61 34.77 44.97 11.70
N HIS I 62 35.87 44.29 12.02
CA HIS I 62 35.99 43.49 13.24
C HIS I 62 37.18 43.89 14.12
N PRO I 63 37.17 45.12 14.66
CA PRO I 63 38.29 45.53 15.54
C PRO I 63 38.37 44.68 16.79
N GLU I 64 37.25 44.07 17.17
CA GLU I 64 37.22 43.26 18.38
C GLU I 64 38.15 42.05 18.27
N TYR I 65 38.43 41.60 17.04
CA TYR I 65 39.35 40.48 16.89
C TYR I 65 40.78 40.81 17.37
N ARG I 66 41.14 42.11 17.38
CA ARG I 66 42.47 42.52 17.82
C ARG I 66 42.42 43.24 19.18
N ALA I 67 41.26 43.21 19.82
CA ALA I 67 41.13 43.75 21.18
C ALA I 67 41.40 42.63 22.19
N PRO I 68 41.64 42.98 23.47
CA PRO I 68 41.89 41.88 24.42
C PRO I 68 40.78 40.84 24.42
N GLY I 69 41.16 39.58 24.50
CA GLY I 69 40.18 38.50 24.43
C GLY I 69 39.85 38.11 23.00
N GLY I 70 40.26 38.95 22.04
CA GLY I 70 40.03 38.63 20.63
C GLY I 70 41.03 37.59 20.15
N ASN I 71 40.65 36.80 19.13
CA ASN I 71 41.48 35.69 18.71
C ASN I 71 42.78 36.14 18.07
N ALA I 72 42.78 37.36 17.51
CA ALA I 72 43.96 37.88 16.83
C ALA I 72 44.65 38.97 17.66
N TYR I 73 44.40 38.96 18.97
CA TYR I 73 45.02 39.94 19.85
C TYR I 73 46.52 39.69 19.93
N GLY I 74 47.32 40.76 19.81
CA GLY I 74 48.76 40.63 19.89
C GLY I 74 49.43 40.29 18.56
N GLN I 75 50.67 40.74 18.41
CA GLN I 75 51.39 40.58 17.14
C GLN I 75 51.52 39.14 16.62
N ARG I 76 51.92 38.17 17.45
CA ARG I 76 52.12 36.82 16.92
CA ARG I 76 52.13 36.82 16.92
C ARG I 76 50.83 36.29 16.32
N GLN I 77 49.70 36.55 16.98
CA GLN I 77 48.43 35.99 16.52
CA GLN I 77 48.44 35.98 16.51
C GLN I 77 47.96 36.71 15.27
N TYR I 78 48.05 38.05 15.27
CA TYR I 78 47.70 38.82 14.08
C TYR I 78 48.52 38.40 12.87
N ASN I 79 49.82 38.22 13.06
CA ASN I 79 50.67 37.78 11.96
C ASN I 79 50.28 36.40 11.46
N GLN I 80 49.76 35.55 12.33
CA GLN I 80 49.34 34.22 11.88
C GLN I 80 48.06 34.33 11.04
N CYS I 81 47.21 35.30 11.35
CA CYS I 81 46.05 35.55 10.49
C CYS I 81 46.50 35.96 9.09
N LEU I 82 47.48 36.86 9.00
CA LEU I 82 47.98 37.30 7.69
C LEU I 82 48.60 36.12 6.93
N ARG I 83 49.25 35.22 7.67
CA ARG I 83 49.80 33.99 7.11
C ARG I 83 48.68 33.17 6.47
N ASP I 84 47.62 32.91 7.23
CA ASP I 84 46.45 32.18 6.72
C ASP I 84 45.87 32.84 5.46
N TYR I 85 45.81 34.17 5.49
CA TYR I 85 45.31 34.92 4.33
C TYR I 85 46.10 34.58 3.06
N GLY I 86 47.42 34.60 3.16
CA GLY I 86 48.30 34.29 2.03
C GLY I 86 48.10 32.84 1.58
N TRP I 87 47.84 31.95 2.52
CA TRP I 87 47.59 30.56 2.17
C TRP I 87 46.29 30.39 1.38
N TYR I 88 45.22 31.11 1.75
CA TYR I 88 43.96 30.94 1.00
C TYR I 88 44.08 31.58 -0.38
N LEU I 89 44.84 32.66 -0.49
CA LEU I 89 45.11 33.24 -1.81
C LEU I 89 45.83 32.23 -2.69
N ARG I 90 46.81 31.54 -2.11
CA ARG I 90 47.56 30.51 -2.83
C ARG I 90 46.63 29.37 -3.27
N LEU I 91 45.73 28.94 -2.38
CA LEU I 91 44.81 27.87 -2.78
C LEU I 91 43.90 28.31 -3.93
N VAL I 92 43.47 29.57 -3.94
CA VAL I 92 42.68 30.07 -5.06
C VAL I 92 43.46 29.96 -6.38
N THR I 93 44.75 30.27 -6.37
CA THR I 93 45.50 30.11 -7.63
C THR I 93 45.52 28.64 -8.05
N TYR I 94 45.60 27.71 -7.10
CA TYR I 94 45.55 26.28 -7.46
C TYR I 94 44.22 25.92 -8.13
N GLY I 95 43.13 26.42 -7.55
CA GLY I 95 41.79 26.19 -8.11
C GLY I 95 41.65 26.69 -9.53
N VAL I 96 42.14 27.91 -9.78
CA VAL I 96 42.08 28.51 -11.11
C VAL I 96 42.85 27.65 -12.12
N LEU I 97 44.04 27.19 -11.72
CA LEU I 97 44.86 26.36 -12.61
C LEU I 97 44.23 25.00 -12.89
N ALA I 98 43.54 24.43 -11.91
CA ALA I 98 42.93 23.11 -12.02
C ALA I 98 41.57 23.16 -12.70
N GLY I 99 40.95 24.34 -12.69
CA GLY I 99 39.65 24.50 -13.30
C GLY I 99 38.52 23.95 -12.45
N ASN I 100 38.81 23.61 -11.20
CA ASN I 100 37.77 23.18 -10.27
C ASN I 100 38.21 23.42 -8.82
N LYS I 101 37.32 23.10 -7.88
CA LYS I 101 37.53 23.46 -6.47
CA LYS I 101 37.54 23.47 -6.48
C LYS I 101 38.35 22.43 -5.71
N GLU I 102 38.67 21.32 -6.37
CA GLU I 102 39.31 20.20 -5.69
C GLU I 102 40.58 20.56 -4.88
N PRO I 103 41.56 21.26 -5.48
CA PRO I 103 42.74 21.55 -4.66
C PRO I 103 42.46 22.48 -3.48
N ILE I 104 41.42 23.31 -3.59
CA ILE I 104 41.04 24.19 -2.49
C ILE I 104 40.37 23.36 -1.39
N GLU I 105 39.51 22.44 -1.79
CA GLU I 105 38.73 21.68 -0.84
C GLU I 105 39.61 20.73 -0.02
N THR I 106 40.50 20.01 -0.70
CA THR I 106 41.30 18.99 -0.03
C THR I 106 42.33 19.61 0.92
N THR I 107 42.80 20.82 0.63
CA THR I 107 43.84 21.41 1.47
C THR I 107 43.27 22.38 2.50
N GLY I 108 42.23 23.13 2.13
CA GLY I 108 41.80 24.21 2.99
C GLY I 108 40.34 24.24 3.44
N LEU I 109 39.52 23.29 3.02
CA LEU I 109 38.11 23.33 3.41
C LEU I 109 37.61 22.10 4.21
N ILE I 110 37.96 20.89 3.79
CA ILE I 110 37.55 19.74 4.57
C ILE I 110 38.14 19.84 5.96
N GLY I 111 37.28 19.84 6.98
CA GLY I 111 37.71 19.98 8.37
C GLY I 111 38.02 21.39 8.82
N VAL I 112 37.79 22.40 7.96
CA VAL I 112 38.17 23.78 8.29
C VAL I 112 37.41 24.31 9.50
N LYS I 113 36.15 23.93 9.65
CA LYS I 113 35.39 24.42 10.79
C LYS I 113 35.89 23.79 12.09
N GLU I 114 36.16 22.48 12.04
CA GLU I 114 36.72 21.80 13.19
C GLU I 114 38.04 22.43 13.61
N MET I 115 38.90 22.76 12.64
CA MET I 115 40.17 23.39 12.95
C MET I 115 39.97 24.77 13.60
N TYR I 116 39.25 25.66 12.94
CA TYR I 116 39.17 27.02 13.47
C TYR I 116 38.39 27.06 14.78
N ASN I 117 37.40 26.17 14.94
CA ASN I 117 36.73 26.07 16.25
C ASN I 117 37.72 25.70 17.35
N SER I 118 38.62 24.77 17.03
CA SER I 118 39.61 24.31 18.02
CA SER I 118 39.62 24.30 18.00
C SER I 118 40.59 25.44 18.34
N LEU I 119 40.76 26.37 17.41
CA LEU I 119 41.65 27.51 17.58
C LEU I 119 40.96 28.74 18.16
N ASN I 120 39.65 28.64 18.37
CA ASN I 120 38.82 29.77 18.81
C ASN I 120 38.86 30.95 17.84
N VAL I 121 39.04 30.66 16.55
CA VAL I 121 38.90 31.67 15.50
C VAL I 121 37.48 31.61 14.97
N PRO I 122 36.75 32.74 15.01
CA PRO I 122 35.35 32.68 14.61
C PRO I 122 35.18 32.34 13.12
N VAL I 123 34.41 31.32 12.81
CA VAL I 123 34.23 30.94 11.41
C VAL I 123 33.49 32.06 10.62
N PRO I 124 32.47 32.70 11.22
CA PRO I 124 31.93 33.87 10.50
C PRO I 124 32.98 34.95 10.24
N GLY I 125 34.01 35.04 11.08
CA GLY I 125 35.12 35.95 10.85
C GLY I 125 35.89 35.55 9.60
N MET I 126 36.06 34.25 9.41
CA MET I 126 36.75 33.74 8.23
C MET I 126 35.92 33.99 6.98
N VAL I 127 34.60 33.85 7.09
CA VAL I 127 33.72 34.16 5.96
C VAL I 127 33.91 35.65 5.56
N ASP I 128 33.92 36.54 6.55
CA ASP I 128 34.12 37.95 6.27
C ASP I 128 35.52 38.21 5.71
N ALA I 129 36.52 37.48 6.20
CA ALA I 129 37.90 37.65 5.75
C ALA I 129 38.06 37.30 4.27
N VAL I 130 37.50 36.16 3.87
CA VAL I 130 37.69 35.74 2.48
C VAL I 130 36.86 36.63 1.56
N THR I 131 35.73 37.14 2.05
CA THR I 131 34.92 38.06 1.26
C THR I 131 35.74 39.30 0.86
N VAL I 132 36.51 39.88 1.79
CA VAL I 132 37.26 41.09 1.42
C VAL I 132 38.60 40.73 0.75
N LEU I 133 39.05 39.49 0.93
CA LEU I 133 40.18 38.98 0.14
C LEU I 133 39.80 38.93 -1.33
N LYS I 134 38.62 38.37 -1.60
CA LYS I 134 38.04 38.37 -2.94
C LYS I 134 38.00 39.77 -3.55
N ASP I 135 37.49 40.75 -2.80
CA ASP I 135 37.43 42.12 -3.29
C ASP I 135 38.81 42.62 -3.71
N ALA I 136 39.80 42.41 -2.86
CA ALA I 136 41.15 42.92 -3.10
C ALA I 136 41.79 42.24 -4.32
N ALA I 137 41.68 40.92 -4.38
CA ALA I 137 42.25 40.13 -5.48
C ALA I 137 41.61 40.45 -6.84
N LEU I 138 40.29 40.48 -6.90
CA LEU I 138 39.62 40.68 -8.19
C LEU I 138 39.89 42.08 -8.74
N GLY I 139 40.14 43.03 -7.84
CA GLY I 139 40.44 44.40 -8.23
C GLY I 139 41.72 44.57 -9.03
N LEU I 140 42.57 43.56 -9.01
CA LEU I 140 43.85 43.60 -9.72
C LEU I 140 43.80 42.83 -11.04
N LEU I 141 42.65 42.26 -11.35
CA LEU I 141 42.48 41.52 -12.58
C LEU I 141 41.63 42.29 -13.57
N SER I 142 41.75 41.93 -14.84
CA SER I 142 40.84 42.43 -15.87
C SER I 142 39.43 41.94 -15.57
N ALA I 143 38.44 42.57 -16.18
CA ALA I 143 37.04 42.21 -15.97
C ALA I 143 36.81 40.74 -16.28
N GLU I 144 37.36 40.30 -17.42
CA GLU I 144 37.25 38.92 -17.86
C GLU I 144 37.88 37.96 -16.86
N ASP I 145 39.09 38.29 -16.40
CA ASP I 145 39.81 37.42 -15.48
C ASP I 145 39.16 37.42 -14.10
N ALA I 146 38.60 38.55 -13.70
CA ALA I 146 37.87 38.61 -12.42
C ALA I 146 36.67 37.68 -12.43
N ASN I 147 35.95 37.66 -13.55
CA ASN I 147 34.80 36.77 -13.70
C ASN I 147 35.21 35.31 -13.63
N GLU I 148 36.37 34.99 -14.18
CA GLU I 148 36.89 33.63 -14.17
C GLU I 148 37.27 33.20 -12.76
N THR I 149 37.72 34.16 -11.97
CA THR I 149 38.32 33.88 -10.67
C THR I 149 37.31 33.92 -9.52
N ALA I 150 36.30 34.77 -9.66
CA ALA I 150 35.32 34.96 -8.59
C ALA I 150 34.70 33.66 -8.03
N PRO I 151 34.33 32.70 -8.90
CA PRO I 151 33.72 31.51 -8.29
C PRO I 151 34.63 30.69 -7.36
N TYR I 152 35.95 30.82 -7.47
CA TYR I 152 36.82 30.08 -6.57
C TYR I 152 36.79 30.70 -5.17
N PHE I 153 36.76 32.02 -5.11
CA PHE I 153 36.54 32.69 -3.83
C PHE I 153 35.16 32.37 -3.28
N ASP I 154 34.16 32.39 -4.16
CA ASP I 154 32.78 32.17 -3.74
C ASP I 154 32.62 30.77 -3.15
N TYR I 155 33.33 29.81 -3.72
CA TYR I 155 33.25 28.44 -3.21
C TYR I 155 33.74 28.36 -1.77
N ILE I 156 34.85 29.03 -1.46
CA ILE I 156 35.37 29.09 -0.09
C ILE I 156 34.38 29.76 0.85
N ILE I 157 33.88 30.91 0.43
CA ILE I 157 32.92 31.66 1.23
C ILE I 157 31.66 30.83 1.53
N GLN I 158 31.12 30.17 0.51
CA GLN I 158 29.91 29.38 0.70
C GLN I 158 30.19 28.18 1.60
N PHE I 159 31.36 27.57 1.45
CA PHE I 159 31.71 26.41 2.25
C PHE I 159 31.77 26.79 3.72
N MET I 160 32.44 27.89 4.03
CA MET I 160 32.58 28.32 5.41
C MET I 160 31.28 28.86 6.01
N SER I 161 30.29 29.16 5.16
CA SER I 161 29.00 29.63 5.63
C SER I 161 28.03 28.49 5.98
N HIS I 162 28.10 27.39 5.22
CA HIS I 162 27.05 26.36 5.21
C HIS I 162 27.50 25.00 5.75
N HIS I 163 26.68 24.43 6.64
CA HIS I 163 26.94 23.13 7.26
C HIS I 163 28.31 23.06 7.94
N MET J 1 43.97 9.36 -7.22
CA MET J 1 44.69 9.63 -8.45
C MET J 1 44.96 11.13 -8.60
N GLN J 2 45.97 11.46 -9.41
CA GLN J 2 46.18 12.84 -9.83
C GLN J 2 46.39 12.87 -11.33
N ASP J 3 46.01 13.97 -11.97
CA ASP J 3 46.46 14.22 -13.33
C ASP J 3 47.72 15.10 -13.24
N ALA J 4 48.26 15.48 -14.39
CA ALA J 4 49.55 16.17 -14.45
C ALA J 4 49.51 17.54 -13.77
N ILE J 5 48.33 18.17 -13.77
CA ILE J 5 48.19 19.49 -13.16
C ILE J 5 48.20 19.37 -11.64
N THR J 6 47.40 18.43 -11.12
CA THR J 6 47.33 18.25 -9.68
C THR J 6 48.69 17.80 -9.13
N ALA J 7 49.44 17.01 -9.90
CA ALA J 7 50.78 16.59 -9.46
C ALA J 7 51.70 17.79 -9.24
N VAL J 8 51.67 18.74 -10.18
CA VAL J 8 52.50 19.92 -10.05
C VAL J 8 52.00 20.80 -8.90
N ILE J 9 50.68 20.93 -8.77
CA ILE J 9 50.10 21.68 -7.65
C ILE J 9 50.52 21.07 -6.31
N ASN J 10 50.46 19.75 -6.18
CA ASN J 10 50.82 19.11 -4.92
C ASN J 10 52.28 19.30 -4.54
N SER J 11 53.17 19.30 -5.53
CA SER J 11 54.59 19.53 -5.28
C SER J 11 54.83 20.92 -4.71
N ALA J 12 54.00 21.87 -5.15
CA ALA J 12 54.10 23.25 -4.65
C ALA J 12 53.46 23.36 -3.28
N ASP J 13 52.32 22.70 -3.13
CA ASP J 13 51.52 22.83 -1.90
C ASP J 13 52.28 22.31 -0.69
N VAL J 14 52.98 21.19 -0.85
CA VAL J 14 53.69 20.57 0.28
C VAL J 14 54.90 21.41 0.72
N GLN J 15 55.24 22.42 -0.07
CA GLN J 15 56.25 23.42 0.28
C GLN J 15 55.62 24.75 0.71
N GLY J 16 54.31 24.87 0.54
CA GLY J 16 53.62 26.11 0.87
C GLY J 16 53.95 27.22 -0.12
N LYS J 17 54.15 26.87 -1.39
CA LYS J 17 54.58 27.82 -2.40
C LYS J 17 53.58 28.01 -3.54
N TYR J 18 53.50 29.22 -4.06
CA TYR J 18 52.90 29.43 -5.37
C TYR J 18 53.75 28.71 -6.41
N LEU J 19 53.16 28.33 -7.53
CA LEU J 19 53.92 27.67 -8.59
C LEU J 19 54.93 28.60 -9.21
N ASP J 20 56.20 28.17 -9.26
CA ASP J 20 57.23 29.03 -9.84
C ASP J 20 57.30 28.83 -11.36
N GLY J 21 58.29 29.45 -11.98
CA GLY J 21 58.43 29.38 -13.44
C GLY J 21 58.55 27.97 -13.98
N ALA J 22 59.36 27.15 -13.33
CA ALA J 22 59.55 25.76 -13.76
C ALA J 22 58.25 24.98 -13.68
N ALA J 23 57.49 25.22 -12.62
CA ALA J 23 56.19 24.58 -12.44
C ALA J 23 55.21 25.04 -13.52
N MET J 24 55.18 26.34 -13.80
CA MET J 24 54.29 26.85 -14.85
C MET J 24 54.67 26.27 -16.20
N ASP J 25 55.97 26.06 -16.44
CA ASP J 25 56.42 25.46 -17.70
C ASP J 25 55.91 24.02 -17.86
N LYS J 26 55.85 23.27 -16.76
CA LYS J 26 55.26 21.93 -16.80
C LYS J 26 53.78 21.98 -17.15
N LEU J 27 53.06 22.94 -16.57
CA LEU J 27 51.64 23.07 -16.88
C LEU J 27 51.44 23.46 -18.34
N LYS J 28 52.23 24.40 -18.84
CA LYS J 28 52.16 24.81 -20.23
C LYS J 28 52.33 23.63 -21.18
N SER J 29 53.28 22.76 -20.87
N SER J 29 53.28 22.76 -20.87
CA SER J 29 53.51 21.57 -21.71
CA SER J 29 53.52 21.57 -21.68
C SER J 29 52.29 20.66 -21.72
C SER J 29 52.30 20.64 -21.71
N TYR J 30 51.67 20.47 -20.57
CA TYR J 30 50.51 19.60 -20.48
C TYR J 30 49.30 20.22 -21.19
N PHE J 31 49.06 21.51 -20.96
CA PHE J 31 47.96 22.20 -21.62
C PHE J 31 48.11 22.13 -23.15
N ALA J 32 49.34 22.31 -23.65
CA ALA J 32 49.60 22.27 -25.09
C ALA J 32 49.42 20.88 -25.70
N SER J 33 49.50 19.85 -24.87
CA SER J 33 49.42 18.47 -25.37
C SER J 33 47.98 17.96 -25.45
N GLY J 34 47.03 18.85 -25.14
CA GLY J 34 45.64 18.49 -25.07
C GLY J 34 45.06 17.83 -26.31
N GLU J 35 45.33 18.42 -27.48
CA GLU J 35 44.81 17.90 -28.74
C GLU J 35 45.30 16.51 -29.02
N LEU J 36 46.61 16.30 -28.81
CA LEU J 36 47.22 15.01 -28.98
C LEU J 36 46.53 13.94 -28.12
N ARG J 37 46.31 14.26 -26.84
CA ARG J 37 45.80 13.27 -25.88
C ARG J 37 44.35 12.95 -26.13
N VAL J 38 43.56 13.98 -26.42
N VAL J 38 43.55 13.98 -26.43
CA VAL J 38 42.13 13.79 -26.64
CA VAL J 38 42.12 13.77 -26.64
C VAL J 38 41.88 13.00 -27.93
C VAL J 38 41.85 13.02 -27.95
N ARG J 39 42.61 13.32 -28.99
CA ARG J 39 42.47 12.59 -30.26
C ARG J 39 42.81 11.11 -30.07
N ALA J 40 43.91 10.84 -29.37
CA ALA J 40 44.33 9.46 -29.14
C ALA J 40 43.30 8.69 -28.32
N ALA J 41 42.75 9.33 -27.29
CA ALA J 41 41.73 8.69 -26.46
C ALA J 41 40.49 8.32 -27.29
N SER J 42 40.09 9.21 -28.19
CA SER J 42 38.94 8.94 -29.05
CA SER J 42 38.92 8.92 -29.02
C SER J 42 39.23 7.75 -29.96
N VAL J 43 40.42 7.73 -30.54
CA VAL J 43 40.79 6.66 -31.47
C VAL J 43 40.83 5.32 -30.74
N ILE J 44 41.43 5.30 -29.56
CA ILE J 44 41.55 4.06 -28.82
C ILE J 44 40.18 3.54 -28.36
N SER J 45 39.32 4.44 -27.88
CA SER J 45 37.98 4.04 -27.46
CA SER J 45 37.99 4.01 -27.45
C SER J 45 37.23 3.38 -28.61
N ALA J 46 37.35 3.95 -29.79
CA ALA J 46 36.61 3.48 -30.96
C ALA J 46 37.15 2.15 -31.48
N ASN J 47 38.40 1.87 -31.15
CA ASN J 47 39.09 0.71 -31.70
C ASN J 47 39.57 -0.28 -30.64
N ALA J 48 39.04 -0.16 -29.43
CA ALA J 48 39.58 -0.90 -28.29
C ALA J 48 39.54 -2.43 -28.48
N ALA J 49 38.43 -2.94 -29.02
CA ALA J 49 38.34 -4.40 -29.19
C ALA J 49 39.30 -4.89 -30.27
N THR J 50 39.43 -4.11 -31.35
CA THR J 50 40.33 -4.47 -32.45
C THR J 50 41.79 -4.47 -32.01
N ILE J 51 42.17 -3.48 -31.22
CA ILE J 51 43.54 -3.39 -30.73
C ILE J 51 43.91 -4.64 -29.92
N VAL J 52 43.01 -5.03 -29.02
CA VAL J 52 43.26 -6.21 -28.18
C VAL J 52 43.29 -7.50 -29.03
N LYS J 53 42.35 -7.68 -29.94
CA LYS J 53 42.36 -8.96 -30.68
C LYS J 53 43.59 -9.05 -31.59
N GLU J 54 44.02 -7.93 -32.16
CA GLU J 54 45.23 -7.93 -32.99
C GLU J 54 46.49 -8.17 -32.16
N ALA J 55 46.54 -7.62 -30.95
CA ALA J 55 47.69 -7.87 -30.06
C ALA J 55 47.79 -9.33 -29.66
N VAL J 56 46.64 -9.92 -29.35
CA VAL J 56 46.57 -11.33 -28.97
C VAL J 56 47.01 -12.22 -30.13
N ALA J 57 46.55 -11.89 -31.34
CA ALA J 57 46.93 -12.66 -32.52
C ALA J 57 48.44 -12.63 -32.75
N LYS J 58 49.08 -11.49 -32.46
CA LYS J 58 50.52 -11.35 -32.65
C LYS J 58 51.35 -12.05 -31.58
N SER J 59 50.86 -12.08 -30.35
CA SER J 59 51.72 -12.44 -29.22
C SER J 59 51.36 -13.75 -28.52
N LEU J 60 50.11 -14.20 -28.61
CA LEU J 60 49.67 -15.35 -27.82
C LEU J 60 49.08 -16.51 -28.62
N LEU J 61 48.41 -16.22 -29.73
CA LEU J 61 47.72 -17.28 -30.47
C LEU J 61 48.71 -18.26 -31.10
N TYR J 62 48.25 -19.51 -31.22
CA TYR J 62 49.01 -20.64 -31.75
C TYR J 62 50.26 -20.96 -30.95
N SER J 63 50.32 -20.53 -29.69
CA SER J 63 51.49 -20.80 -28.86
C SER J 63 51.13 -21.78 -27.75
N ASP J 64 52.12 -22.13 -26.92
CA ASP J 64 51.87 -23.03 -25.81
C ASP J 64 50.82 -22.51 -24.85
N VAL J 65 50.69 -21.19 -24.80
CA VAL J 65 49.81 -20.56 -23.82
C VAL J 65 48.34 -20.95 -24.04
N THR J 66 47.95 -21.17 -25.30
CA THR J 66 46.55 -21.50 -25.59
C THR J 66 46.29 -23.00 -25.72
N ARG J 67 47.29 -23.82 -25.47
CA ARG J 67 47.12 -25.28 -25.51
C ARG J 67 46.99 -25.82 -24.10
N PRO J 68 46.47 -27.06 -23.93
CA PRO J 68 46.35 -27.65 -22.59
C PRO J 68 47.65 -27.53 -21.81
N GLY J 69 47.56 -27.09 -20.57
CA GLY J 69 48.74 -26.86 -19.75
C GLY J 69 49.14 -25.40 -19.75
N GLY J 70 48.67 -24.67 -20.76
CA GLY J 70 48.90 -23.23 -20.85
C GLY J 70 47.78 -22.49 -20.16
N MEN J 71 48.05 -21.27 -19.71
CA MEN J 71 47.14 -20.54 -18.84
C MEN J 71 45.95 -19.90 -19.55
O MEN J 71 45.02 -19.39 -18.92
CB MEN J 71 47.85 -19.48 -17.99
CG MEN J 71 47.04 -18.99 -16.80
OD1 MEN J 71 46.77 -17.77 -16.72
ND2 MEN J 71 46.67 -19.90 -15.84
CE2 MEN J 71 45.94 -19.56 -14.65
N MET J 72 45.99 -19.87 -20.88
CA MET J 72 44.81 -19.44 -21.66
C MET J 72 43.94 -20.60 -22.15
N TYR J 73 44.33 -21.84 -21.87
CA TYR J 73 43.48 -22.97 -22.23
C TYR J 73 42.22 -22.95 -21.37
N THR J 74 41.11 -23.39 -21.98
CA THR J 74 39.71 -23.31 -21.50
C THR J 74 39.16 -21.96 -21.91
N THR J 75 37.90 -21.95 -22.36
CA THR J 75 37.27 -20.72 -22.80
C THR J 75 37.15 -19.73 -21.65
N ARG J 76 36.96 -20.24 -20.42
CA ARG J 76 36.88 -19.37 -19.25
CA ARG J 76 36.89 -19.41 -19.23
C ARG J 76 38.17 -18.57 -19.05
N ARG J 77 39.31 -19.23 -19.15
CA ARG J 77 40.59 -18.51 -18.97
C ARG J 77 40.93 -17.65 -20.17
N TYR J 78 40.61 -18.14 -21.36
CA TYR J 78 40.79 -17.30 -22.55
C TYR J 78 40.07 -15.96 -22.38
N ALA J 79 38.81 -16.03 -21.98
CA ALA J 79 38.00 -14.83 -21.83
C ALA J 79 38.52 -13.94 -20.70
N ALA J 80 38.97 -14.55 -19.61
CA ALA J 80 39.54 -13.77 -18.51
C ALA J 80 40.79 -13.01 -18.95
N CYS J 81 41.61 -13.65 -19.78
CA CYS J 81 42.82 -13.00 -20.29
C CYS J 81 42.47 -11.80 -21.15
N ILE J 82 41.53 -11.97 -22.07
CA ILE J 82 41.06 -10.85 -22.91
C ILE J 82 40.56 -9.69 -22.07
N ARG J 83 39.84 -10.02 -21.00
CA ARG J 83 39.34 -9.00 -20.09
CA ARG J 83 39.33 -9.01 -20.07
C ARG J 83 40.48 -8.21 -19.44
N ASP J 84 41.54 -8.92 -19.03
CA ASP J 84 42.72 -8.24 -18.48
C ASP J 84 43.28 -7.25 -19.49
N LEU J 85 43.39 -7.69 -20.74
CA LEU J 85 43.98 -6.82 -21.76
C LEU J 85 43.09 -5.60 -22.01
N ASP J 86 41.77 -5.80 -22.01
CA ASP J 86 40.83 -4.69 -22.08
C ASP J 86 41.10 -3.68 -20.95
N TYR J 87 41.28 -4.19 -19.74
CA TYR J 87 41.64 -3.35 -18.58
C TYR J 87 42.91 -2.56 -18.81
N TYR J 88 43.98 -3.24 -19.21
CA TYR J 88 45.27 -2.58 -19.39
C TYR J 88 45.18 -1.45 -20.40
N LEU J 89 44.49 -1.70 -21.51
CA LEU J 89 44.33 -0.66 -22.54
C LEU J 89 43.52 0.53 -22.00
N ARG J 90 42.39 0.26 -21.34
CA ARG J 90 41.55 1.34 -20.83
C ARG J 90 42.29 2.17 -19.78
N TYR J 91 42.95 1.50 -18.83
CA TYR J 91 43.67 2.27 -17.80
C TYR J 91 44.91 2.99 -18.33
N ALA J 92 45.62 2.40 -19.29
CA ALA J 92 46.72 3.12 -19.92
C ALA J 92 46.20 4.37 -20.63
N THR J 93 45.03 4.27 -21.24
CA THR J 93 44.43 5.42 -21.91
C THR J 93 44.06 6.51 -20.88
N TYR J 94 43.52 6.11 -19.71
CA TYR J 94 43.28 7.07 -18.63
C TYR J 94 44.59 7.78 -18.24
N ALA J 95 45.64 7.01 -18.03
CA ALA J 95 46.91 7.56 -17.59
C ALA J 95 47.49 8.51 -18.64
N MET J 96 47.37 8.14 -19.92
CA MET J 96 47.84 8.98 -21.01
C MET J 96 47.07 10.30 -21.02
N LEU J 97 45.76 10.21 -20.87
CA LEU J 97 44.91 11.40 -20.86
C LEU J 97 45.28 12.32 -19.68
N ALA J 98 45.57 11.70 -18.54
CA ALA J 98 45.93 12.44 -17.33
C ALA J 98 47.37 12.94 -17.34
N GLY J 99 48.20 12.37 -18.23
CA GLY J 99 49.63 12.64 -18.22
C GLY J 99 50.29 12.28 -16.90
N ASP J 100 49.80 11.24 -16.25
CA ASP J 100 50.28 10.84 -14.94
C ASP J 100 49.97 9.37 -14.67
N ALA J 101 50.93 8.63 -14.13
CA ALA J 101 50.77 7.20 -13.92
C ALA J 101 50.11 6.81 -12.60
N SER J 102 49.71 7.78 -11.78
CA SER J 102 49.24 7.44 -10.44
C SER J 102 48.02 6.52 -10.45
N ILE J 103 47.12 6.70 -11.43
CA ILE J 103 45.94 5.83 -11.48
C ILE J 103 46.38 4.38 -11.72
N LEU J 104 47.53 4.17 -12.36
CA LEU J 104 48.01 2.81 -12.58
C LEU J 104 48.46 2.17 -11.26
N ASP J 105 49.17 2.94 -10.45
CA ASP J 105 49.61 2.47 -9.14
C ASP J 105 48.41 2.15 -8.25
N GLU J 106 47.40 3.01 -8.29
CA GLU J 106 46.29 2.93 -7.35
C GLU J 106 45.24 1.90 -7.74
N ARG J 107 45.01 1.73 -9.04
CA ARG J 107 43.87 0.93 -9.48
C ARG J 107 44.23 -0.27 -10.36
N VAL J 108 45.46 -0.36 -10.83
CA VAL J 108 45.85 -1.53 -11.63
C VAL J 108 46.86 -2.42 -10.88
N LEU J 109 47.97 -1.83 -10.47
CA LEU J 109 49.12 -2.60 -10.02
C LEU J 109 49.03 -3.06 -8.56
N ASN J 110 48.16 -2.41 -7.79
CA ASN J 110 47.97 -2.69 -6.37
C ASN J 110 47.62 -4.16 -6.10
N GLY J 111 48.60 -4.91 -5.61
CA GLY J 111 48.41 -6.32 -5.28
C GLY J 111 48.30 -7.24 -6.48
N LEU J 112 48.56 -6.72 -7.67
CA LEU J 112 48.31 -7.46 -8.90
C LEU J 112 49.30 -8.62 -9.10
N LYS J 113 50.58 -8.33 -8.87
CA LYS J 113 51.64 -9.33 -9.00
C LYS J 113 51.40 -10.54 -8.07
N GLU J 114 50.96 -10.26 -6.86
CA GLU J 114 50.65 -11.30 -5.88
C GLU J 114 49.46 -12.13 -6.35
N THR J 115 48.45 -11.45 -6.87
CA THR J 115 47.26 -12.12 -7.41
C THR J 115 47.63 -13.06 -8.54
N TYR J 116 48.42 -12.58 -9.49
CA TYR J 116 48.85 -13.43 -10.61
C TYR J 116 49.69 -14.62 -10.14
N ASN J 117 50.59 -14.38 -9.20
N ASN J 117 50.60 -14.37 -9.20
CA ASN J 117 51.46 -15.47 -8.75
CA ASN J 117 51.44 -15.46 -8.70
C ASN J 117 50.67 -16.54 -7.96
C ASN J 117 50.59 -16.54 -8.07
N SER J 118 49.62 -16.13 -7.27
CA SER J 118 48.76 -17.08 -6.56
CA SER J 118 48.76 -17.08 -6.56
C SER J 118 47.90 -17.89 -7.52
N LEU J 119 47.51 -17.28 -8.63
CA LEU J 119 46.67 -17.94 -9.62
C LEU J 119 47.43 -18.74 -10.67
N GLY J 120 48.73 -18.47 -10.79
CA GLY J 120 49.51 -19.08 -11.86
C GLY J 120 49.38 -18.39 -13.21
N VAL J 121 49.01 -17.11 -13.20
CA VAL J 121 48.96 -16.31 -14.43
C VAL J 121 50.38 -15.92 -14.82
N PRO J 122 50.80 -16.26 -16.06
CA PRO J 122 52.21 -16.05 -16.42
C PRO J 122 52.53 -14.57 -16.65
N ILE J 123 53.51 -14.06 -15.91
CA ILE J 123 53.88 -12.65 -16.04
C ILE J 123 54.52 -12.36 -17.40
N SER J 124 55.47 -13.21 -17.78
CA SER J 124 56.19 -13.06 -19.05
C SER J 124 55.24 -12.93 -20.23
N SER J 125 54.28 -13.84 -20.34
CA SER J 125 53.34 -13.82 -21.45
C SER J 125 52.40 -12.62 -21.39
N THR J 126 52.01 -12.22 -20.18
CA THR J 126 51.17 -11.03 -20.02
C THR J 126 51.92 -9.79 -20.52
N VAL J 127 53.18 -9.68 -20.13
CA VAL J 127 53.99 -8.52 -20.54
C VAL J 127 54.15 -8.53 -22.06
N GLN J 128 54.36 -9.70 -22.66
CA GLN J 128 54.47 -9.77 -24.12
C GLN J 128 53.20 -9.27 -24.81
N ALA J 129 52.03 -9.62 -24.26
CA ALA J 129 50.77 -9.19 -24.84
C ALA J 129 50.57 -7.68 -24.68
N ILE J 130 50.97 -7.12 -23.55
CA ILE J 130 50.82 -5.69 -23.35
C ILE J 130 51.76 -4.95 -24.30
N GLN J 131 52.98 -5.47 -24.48
CA GLN J 131 53.90 -4.89 -25.44
C GLN J 131 53.32 -4.93 -26.86
N ALA J 132 52.59 -6.00 -27.18
CA ALA J 132 51.93 -6.09 -28.49
C ALA J 132 50.83 -5.05 -28.61
N ILE J 133 50.12 -4.82 -27.51
CA ILE J 133 49.11 -3.75 -27.46
C ILE J 133 49.76 -2.39 -27.75
N LYS J 134 50.95 -2.15 -27.18
CA LYS J 134 51.65 -0.89 -27.44
C LYS J 134 51.92 -0.68 -28.92
N GLU J 135 52.36 -1.73 -29.60
CA GLU J 135 52.76 -1.56 -30.99
C GLU J 135 51.53 -1.42 -31.90
N VAL J 136 50.46 -2.15 -31.59
CA VAL J 136 49.23 -2.03 -32.38
C VAL J 136 48.62 -0.65 -32.19
N THR J 137 48.58 -0.19 -30.94
CA THR J 137 48.08 1.14 -30.62
C THR J 137 48.87 2.20 -31.38
N ALA J 138 50.20 2.10 -31.36
CA ALA J 138 51.04 3.08 -32.05
C ALA J 138 50.74 3.13 -33.54
N SER J 139 50.39 1.98 -34.13
CA SER J 139 50.12 1.94 -35.56
C SER J 139 48.86 2.73 -35.90
N LEU J 140 47.96 2.89 -34.93
CA LEU J 140 46.70 3.60 -35.14
C LEU J 140 46.72 5.06 -34.71
N VAL J 141 47.34 5.37 -33.56
CA VAL J 141 47.27 6.75 -33.07
C VAL J 141 48.43 7.61 -33.58
N GLY J 142 49.37 6.97 -34.26
CA GLY J 142 50.52 7.68 -34.80
C GLY J 142 51.77 7.55 -33.94
N ALA J 143 52.85 8.17 -34.39
CA ALA J 143 54.13 8.09 -33.68
C ALA J 143 54.10 8.82 -32.34
N ASP J 144 53.61 10.06 -32.35
CA ASP J 144 53.69 10.93 -31.17
C ASP J 144 52.75 10.54 -30.03
N ALA J 145 51.53 10.16 -30.37
CA ALA J 145 50.60 9.71 -29.34
C ALA J 145 51.02 8.30 -28.92
N GLY J 146 51.60 7.58 -29.87
CA GLY J 146 52.06 6.23 -29.65
C GLY J 146 53.13 6.22 -28.57
N LYS J 147 53.99 7.24 -28.57
CA LYS J 147 55.03 7.35 -27.54
C LYS J 147 54.45 7.55 -26.15
N GLU J 148 53.46 8.44 -26.03
CA GLU J 148 52.78 8.66 -24.75
C GLU J 148 52.09 7.40 -24.24
N MET J 149 51.32 6.73 -25.11
CA MET J 149 50.68 5.48 -24.70
C MET J 149 51.75 4.46 -24.28
N GLY J 150 52.87 4.47 -24.99
CA GLY J 150 53.96 3.54 -24.70
C GLY J 150 54.52 3.72 -23.31
N VAL J 151 54.61 4.97 -22.86
CA VAL J 151 55.09 5.25 -21.49
C VAL J 151 54.21 4.52 -20.46
N TYR J 152 52.90 4.58 -20.64
CA TYR J 152 51.99 4.07 -19.61
C TYR J 152 51.77 2.55 -19.76
N LEU J 153 51.84 2.03 -20.97
CA LEU J 153 51.79 0.58 -21.13
C LEU J 153 53.08 -0.05 -20.58
N ASP J 154 54.22 0.61 -20.82
CA ASP J 154 55.51 0.16 -20.30
C ASP J 154 55.48 0.22 -18.78
N TYR J 155 54.82 1.24 -18.24
CA TYR J 155 54.72 1.40 -16.79
C TYR J 155 54.03 0.20 -16.14
N ILE J 156 52.95 -0.25 -16.77
CA ILE J 156 52.22 -1.42 -16.27
C ILE J 156 53.14 -2.64 -16.31
N CYS J 157 53.86 -2.82 -17.42
CA CYS J 157 54.78 -3.95 -17.55
C CYS J 157 55.87 -3.94 -16.48
N SER J 158 56.45 -2.78 -16.23
N SER J 158 56.44 -2.77 -16.22
CA SER J 158 57.49 -2.66 -15.21
CA SER J 158 57.50 -2.67 -15.22
C SER J 158 56.93 -2.99 -13.84
C SER J 158 56.95 -2.94 -13.82
N GLY J 159 55.68 -2.59 -13.62
CA GLY J 159 55.01 -2.86 -12.35
C GLY J 159 54.74 -4.33 -12.09
N LEU J 160 54.66 -5.11 -13.16
CA LEU J 160 54.40 -6.54 -13.06
C LEU J 160 55.66 -7.35 -12.87
N SER J 161 56.79 -6.76 -13.27
CA SER J 161 58.06 -7.46 -13.27
C SER J 161 58.81 -7.19 -11.97
N SER K 2 31.02 -34.07 -10.66
CA SER K 2 29.95 -34.89 -11.22
C SER K 2 28.67 -34.76 -10.41
N VAL K 3 27.74 -35.66 -10.69
CA VAL K 3 26.51 -35.77 -9.92
C VAL K 3 26.77 -35.82 -8.39
N VAL K 4 27.88 -36.46 -8.00
CA VAL K 4 28.20 -36.60 -6.59
C VAL K 4 28.54 -35.24 -5.95
N SER K 5 29.46 -34.52 -6.59
CA SER K 5 29.91 -33.24 -6.04
C SER K 5 28.75 -32.23 -6.00
N GLN K 6 27.84 -32.30 -6.97
CA GLN K 6 26.66 -31.45 -6.97
C GLN K 6 25.80 -31.66 -5.72
N VAL K 7 25.58 -32.92 -5.37
CA VAL K 7 24.82 -33.23 -4.16
C VAL K 7 25.55 -32.69 -2.93
N ILE K 8 26.86 -32.91 -2.88
CA ILE K 8 27.66 -32.51 -1.73
C ILE K 8 27.64 -30.99 -1.56
N LEU K 9 27.71 -30.26 -2.66
CA LEU K 9 27.70 -28.79 -2.59
C LEU K 9 26.37 -28.27 -2.04
N GLN K 10 25.27 -28.90 -2.43
CA GLN K 10 23.95 -28.53 -1.92
C GLN K 10 23.83 -28.84 -0.44
N ALA K 11 24.32 -30.01 -0.05
CA ALA K 11 24.29 -30.40 1.36
C ALA K 11 25.12 -29.43 2.20
N ASP K 12 26.31 -29.10 1.71
CA ASP K 12 27.20 -28.24 2.46
C ASP K 12 26.58 -26.85 2.62
N ASP K 13 25.96 -26.38 1.55
CA ASP K 13 25.24 -25.11 1.56
C ASP K 13 24.20 -25.06 2.66
N GLN K 14 23.59 -26.20 2.95
CA GLN K 14 22.55 -26.26 3.97
C GLN K 14 23.06 -26.89 5.27
N LEU K 15 24.38 -27.00 5.41
CA LEU K 15 24.99 -27.45 6.67
C LEU K 15 24.46 -28.81 7.13
N ARG K 16 24.28 -29.72 6.18
CA ARG K 16 23.61 -30.97 6.48
C ARG K 16 24.25 -32.14 5.75
N TYR K 17 23.90 -33.36 6.16
CA TYR K 17 24.28 -34.55 5.40
C TYR K 17 23.39 -34.66 4.18
N PRO K 18 23.85 -35.38 3.13
CA PRO K 18 22.95 -35.63 2.01
C PRO K 18 21.69 -36.35 2.46
N THR K 19 20.57 -36.10 1.80
CA THR K 19 19.32 -36.74 2.18
C THR K 19 19.26 -38.16 1.63
N SER K 20 18.30 -38.94 2.11
CA SER K 20 18.11 -40.29 1.59
C SER K 20 17.84 -40.24 0.09
N GLY K 21 17.04 -39.27 -0.34
CA GLY K 21 16.78 -39.07 -1.77
C GLY K 21 18.01 -38.75 -2.59
N GLU K 22 18.87 -37.87 -2.07
CA GLU K 22 20.09 -37.51 -2.78
C GLU K 22 21.05 -38.69 -2.87
N LEU K 23 21.07 -39.50 -1.81
CA LEU K 23 21.93 -40.67 -1.78
C LEU K 23 21.44 -41.74 -2.76
N LYS K 24 20.12 -41.91 -2.88
CA LYS K 24 19.55 -42.82 -3.85
C LYS K 24 19.90 -42.40 -5.28
N GLY K 25 19.93 -41.08 -5.51
CA GLY K 25 20.29 -40.55 -6.81
C GLY K 25 21.74 -40.82 -7.14
N ILE K 26 22.60 -40.69 -6.14
CA ILE K 26 24.00 -41.00 -6.31
C ILE K 26 24.18 -42.47 -6.61
N GLN K 27 23.50 -43.32 -5.86
CA GLN K 27 23.56 -44.77 -6.05
CA GLN K 27 23.62 -44.76 -6.08
C GLN K 27 23.19 -45.13 -7.49
N ALA K 28 22.10 -44.55 -7.96
CA ALA K 28 21.61 -44.82 -9.31
C ALA K 28 22.62 -44.37 -10.37
N PHE K 29 23.21 -43.20 -10.19
CA PHE K 29 24.23 -42.72 -11.11
C PHE K 29 25.43 -43.65 -11.15
N LEU K 30 25.90 -44.09 -9.99
CA LEU K 30 27.14 -44.87 -9.96
C LEU K 30 26.97 -46.29 -10.55
N THR K 31 25.74 -46.81 -10.63
CA THR K 31 25.54 -48.11 -11.28
C THR K 31 25.48 -48.01 -12.80
N THR K 32 25.47 -46.79 -13.34
CA THR K 32 25.42 -46.59 -14.79
C THR K 32 26.80 -46.33 -15.37
N GLY K 33 27.84 -46.62 -14.59
CA GLY K 33 29.20 -46.33 -15.00
C GLY K 33 29.67 -47.07 -16.25
N ALA K 34 29.34 -48.35 -16.33
CA ALA K 34 29.81 -49.18 -17.44
C ALA K 34 29.33 -48.63 -18.79
N GLN K 35 28.06 -48.21 -18.83
CA GLN K 35 27.50 -47.62 -20.05
C GLN K 35 28.23 -46.35 -20.46
N ARG K 36 28.55 -45.51 -19.48
CA ARG K 36 29.18 -44.22 -19.77
C ARG K 36 30.57 -44.43 -20.31
N ILE K 37 31.27 -45.42 -19.76
CA ILE K 37 32.60 -45.73 -20.22
C ILE K 37 32.59 -46.29 -21.65
N ARG K 38 31.61 -47.14 -21.94
CA ARG K 38 31.47 -47.68 -23.30
C ARG K 38 31.21 -46.56 -24.32
N ILE K 39 30.35 -45.62 -23.95
CA ILE K 39 30.09 -44.47 -24.82
C ILE K 39 31.35 -43.64 -25.03
N ALA K 40 32.06 -43.37 -23.95
CA ALA K 40 33.25 -42.53 -24.03
C ALA K 40 34.31 -43.17 -24.92
N GLU K 41 34.50 -44.48 -24.77
CA GLU K 41 35.50 -45.16 -25.57
C GLU K 41 35.10 -45.26 -27.05
N THR K 42 33.80 -45.41 -27.31
CA THR K 42 33.34 -45.47 -28.71
C THR K 42 33.56 -44.14 -29.42
N LEU K 43 33.28 -43.04 -28.73
CA LEU K 43 33.48 -41.74 -29.37
C LEU K 43 34.97 -41.44 -29.55
N ALA K 44 35.78 -41.79 -28.55
CA ALA K 44 37.23 -41.57 -28.64
C ALA K 44 37.81 -42.36 -29.80
N GLU K 45 37.42 -43.63 -29.91
CA GLU K 45 37.93 -44.52 -30.97
C GLU K 45 37.56 -44.05 -32.35
N ASN K 46 36.43 -43.38 -32.46
CA ASN K 46 35.94 -42.96 -33.76
C ASN K 46 36.08 -41.47 -34.02
N GLU K 47 36.95 -40.81 -33.26
CA GLU K 47 37.09 -39.36 -33.39
C GLU K 47 37.35 -38.89 -34.81
N LYS K 48 38.31 -39.51 -35.49
CA LYS K 48 38.70 -39.02 -36.80
C LYS K 48 37.54 -39.13 -37.80
N LYS K 49 36.84 -40.26 -37.73
CA LYS K 49 35.70 -40.52 -38.61
C LYS K 49 34.54 -39.57 -38.32
N ILE K 50 34.27 -39.36 -37.03
CA ILE K 50 33.21 -38.45 -36.60
C ILE K 50 33.48 -37.01 -37.04
N VAL K 51 34.68 -36.51 -36.77
CA VAL K 51 35.04 -35.16 -37.16
C VAL K 51 35.02 -34.99 -38.69
N ASP K 52 35.46 -36.01 -39.41
CA ASP K 52 35.45 -35.92 -40.87
C ASP K 52 34.03 -35.81 -41.45
N GLN K 53 33.12 -36.65 -40.96
CA GLN K 53 31.73 -36.56 -41.40
C GLN K 53 31.16 -35.18 -41.07
N ALA K 54 31.43 -34.73 -39.85
CA ALA K 54 30.90 -33.46 -39.38
C ALA K 54 31.43 -32.27 -40.21
N GLN K 55 32.74 -32.20 -40.40
CA GLN K 55 33.29 -31.08 -41.18
C GLN K 55 32.82 -31.08 -42.63
N LYS K 56 32.64 -32.26 -43.22
CA LYS K 56 32.10 -32.32 -44.58
C LYS K 56 30.71 -31.68 -44.66
N GLN K 57 29.85 -31.99 -43.70
CA GLN K 57 28.50 -31.41 -43.70
C GLN K 57 28.56 -29.93 -43.38
N LEU K 58 29.40 -29.55 -42.42
CA LEU K 58 29.52 -28.14 -42.02
C LEU K 58 29.87 -27.24 -43.20
N PHE K 59 30.90 -27.62 -43.94
CA PHE K 59 31.39 -26.76 -45.02
C PHE K 59 30.62 -26.95 -46.33
N LYS K 60 29.77 -27.98 -46.40
CA LYS K 60 28.80 -28.01 -47.49
C LYS K 60 27.74 -26.93 -47.25
N LYS K 61 27.39 -26.71 -45.98
CA LYS K 61 26.39 -25.71 -45.61
C LYS K 61 26.97 -24.31 -45.64
N HIS K 62 28.22 -24.19 -45.20
CA HIS K 62 28.90 -22.90 -45.07
C HIS K 62 30.22 -22.84 -45.86
N PRO K 63 30.17 -22.95 -47.20
CA PRO K 63 31.41 -22.90 -47.97
C PRO K 63 32.10 -21.55 -47.84
N GLU K 64 31.34 -20.51 -47.47
CA GLU K 64 31.91 -19.18 -47.35
C GLU K 64 32.96 -19.13 -46.23
N TYR K 65 32.88 -20.04 -45.25
CA TYR K 65 33.90 -20.06 -44.20
C TYR K 65 35.29 -20.39 -44.73
N ARG K 66 35.36 -21.09 -45.87
CA ARG K 66 36.66 -21.45 -46.45
C ARG K 66 36.95 -20.66 -47.73
N ALA K 67 36.13 -19.65 -47.99
CA ALA K 67 36.39 -18.75 -49.11
C ALA K 67 37.21 -17.56 -48.62
N PRO K 68 37.82 -16.79 -49.53
CA PRO K 68 38.61 -15.65 -49.05
C PRO K 68 37.81 -14.73 -48.13
N GLY K 69 38.45 -14.27 -47.06
CA GLY K 69 37.77 -13.46 -46.08
C GLY K 69 37.01 -14.29 -45.06
N GLY K 70 36.88 -15.59 -45.31
CA GLY K 70 36.22 -16.49 -44.36
C GLY K 70 37.15 -16.85 -43.22
N ASN K 71 36.59 -17.17 -42.04
CA ASN K 71 37.42 -17.37 -40.86
C ASN K 71 38.32 -18.61 -40.99
N ALA K 72 37.88 -19.59 -41.78
CA ALA K 72 38.60 -20.86 -41.92
C ALA K 72 39.32 -20.94 -43.27
N TYR K 73 39.54 -19.78 -43.90
CA TYR K 73 40.23 -19.73 -45.19
C TYR K 73 41.67 -20.18 -45.00
N GLY K 74 42.14 -21.07 -45.88
CA GLY K 74 43.52 -21.53 -45.81
C GLY K 74 43.72 -22.73 -44.87
N GLN K 75 44.70 -23.57 -45.20
CA GLN K 75 44.93 -24.81 -44.46
C GLN K 75 45.16 -24.67 -42.96
N ARG K 76 46.01 -23.74 -42.51
CA ARG K 76 46.29 -23.65 -41.08
CA ARG K 76 46.28 -23.65 -41.07
C ARG K 76 45.00 -23.36 -40.31
N GLN K 77 44.16 -22.47 -40.84
CA GLN K 77 42.95 -22.08 -40.12
CA GLN K 77 42.96 -22.09 -40.10
C GLN K 77 41.92 -23.21 -40.16
N TYR K 78 41.75 -23.82 -41.32
CA TYR K 78 40.84 -24.96 -41.45
C TYR K 78 41.25 -26.09 -40.50
N ASN K 79 42.54 -26.39 -40.44
CA ASN K 79 43.00 -27.45 -39.53
C ASN K 79 42.75 -27.08 -38.08
N GLN K 80 42.75 -25.80 -37.76
CA GLN K 80 42.48 -25.41 -36.37
C GLN K 80 41.00 -25.61 -36.05
N CYS K 81 40.13 -25.41 -37.04
CA CYS K 81 38.72 -25.77 -36.85
C CYS K 81 38.54 -27.26 -36.54
N LEU K 82 39.24 -28.10 -37.30
CA LEU K 82 39.16 -29.56 -37.07
C LEU K 82 39.70 -29.89 -35.67
N ARG K 83 40.72 -29.16 -35.24
CA ARG K 83 41.26 -29.32 -33.89
C ARG K 83 40.18 -29.03 -32.85
N ASP K 84 39.50 -27.88 -33.00
CA ASP K 84 38.42 -27.51 -32.09
C ASP K 84 37.32 -28.57 -32.08
N TYR K 85 36.99 -29.09 -33.25
CA TYR K 85 35.98 -30.14 -33.35
C TYR K 85 36.32 -31.34 -32.44
N GLY K 86 37.57 -31.80 -32.52
CA GLY K 86 38.02 -32.92 -31.71
C GLY K 86 37.96 -32.56 -30.23
N TRP K 87 38.24 -31.31 -29.89
CA TRP K 87 38.16 -30.88 -28.49
C TRP K 87 36.73 -30.94 -27.95
N TYR K 88 35.75 -30.48 -28.73
CA TYR K 88 34.37 -30.53 -28.23
C TYR K 88 33.87 -31.98 -28.14
N LEU K 89 34.31 -32.85 -29.06
CA LEU K 89 33.94 -34.26 -28.94
C LEU K 89 34.49 -34.80 -27.61
N ARG K 90 35.74 -34.44 -27.30
CA ARG K 90 36.38 -34.88 -26.06
C ARG K 90 35.61 -34.37 -24.84
N LEU K 91 35.17 -33.12 -24.88
CA LEU K 91 34.40 -32.58 -23.74
C LEU K 91 33.08 -33.32 -23.55
N VAL K 92 32.43 -33.69 -24.65
CA VAL K 92 31.19 -34.46 -24.55
C VAL K 92 31.45 -35.78 -23.82
N THR K 93 32.58 -36.44 -24.10
CA THR K 93 32.86 -37.69 -23.37
C THR K 93 33.04 -37.41 -21.88
N TYR K 94 33.61 -36.27 -21.53
CA TYR K 94 33.73 -35.92 -20.10
C TYR K 94 32.35 -35.74 -19.46
N GLY K 95 31.46 -35.06 -20.17
CA GLY K 95 30.10 -34.85 -19.68
C GLY K 95 29.36 -36.16 -19.45
N VAL K 96 29.48 -37.09 -20.40
CA VAL K 96 28.84 -38.39 -20.28
C VAL K 96 29.38 -39.17 -19.07
N LEU K 97 30.69 -39.09 -18.83
CA LEU K 97 31.29 -39.79 -17.69
C LEU K 97 30.88 -39.18 -16.34
N ALA K 98 30.71 -37.86 -16.32
CA ALA K 98 30.37 -37.14 -15.09
C ALA K 98 28.87 -37.17 -14.81
N GLY K 99 28.09 -37.45 -15.84
CA GLY K 99 26.64 -37.45 -15.71
C GLY K 99 26.03 -36.04 -15.61
N ASN K 100 26.82 -35.01 -15.91
CA ASN K 100 26.26 -33.66 -16.00
C ASN K 100 27.14 -32.78 -16.88
N LYS K 101 26.72 -31.53 -17.06
CA LYS K 101 27.32 -30.62 -18.05
CA LYS K 101 27.35 -30.67 -18.06
C LYS K 101 28.57 -29.93 -17.54
N GLU K 102 28.83 -30.06 -16.24
CA GLU K 102 29.89 -29.30 -15.59
C GLU K 102 31.26 -29.33 -16.29
N PRO K 103 31.78 -30.53 -16.63
CA PRO K 103 33.10 -30.48 -17.28
C PRO K 103 33.07 -29.84 -18.67
N ILE K 104 31.92 -29.87 -19.33
CA ILE K 104 31.79 -29.19 -20.63
C ILE K 104 31.76 -27.69 -20.42
N GLU K 105 31.00 -27.26 -19.42
CA GLU K 105 30.79 -25.84 -19.20
C GLU K 105 32.06 -25.13 -18.76
N THR K 106 32.78 -25.71 -17.80
CA THR K 106 33.93 -25.04 -17.23
C THR K 106 35.12 -24.99 -18.22
N THR K 107 35.18 -25.94 -19.16
CA THR K 107 36.32 -25.95 -20.09
C THR K 107 35.97 -25.31 -21.43
N GLY K 108 34.75 -25.52 -21.90
CA GLY K 108 34.43 -25.12 -23.27
C GLY K 108 33.26 -24.18 -23.50
N LEU K 109 32.55 -23.77 -22.45
CA LEU K 109 31.39 -22.90 -22.67
C LEU K 109 31.46 -21.53 -21.97
N ILE K 110 31.85 -21.47 -20.71
CA ILE K 110 32.00 -20.17 -20.08
C ILE K 110 33.02 -19.35 -20.85
N GLY K 111 32.59 -18.19 -21.34
CA GLY K 111 33.46 -17.32 -22.11
C GLY K 111 33.63 -17.70 -23.58
N VAL K 112 32.90 -18.72 -24.03
CA VAL K 112 33.09 -19.22 -25.40
C VAL K 112 32.72 -18.17 -26.44
N LYS K 113 31.71 -17.35 -26.18
CA LYS K 113 31.34 -16.36 -27.16
C LYS K 113 32.36 -15.22 -27.22
N GLU K 114 32.85 -14.81 -26.05
CA GLU K 114 33.91 -13.81 -26.01
C GLU K 114 35.14 -14.28 -26.77
N MET K 115 35.50 -15.55 -26.60
CA MET K 115 36.65 -16.11 -27.29
C MET K 115 36.43 -16.11 -28.80
N TYR K 116 35.35 -16.73 -29.27
CA TYR K 116 35.19 -16.86 -30.71
C TYR K 116 34.92 -15.50 -31.38
N ASN K 117 34.24 -14.58 -30.70
CA ASN K 117 34.13 -13.22 -31.23
C ASN K 117 35.51 -12.58 -31.42
N SER K 118 36.40 -12.82 -30.47
CA SER K 118 37.74 -12.24 -30.53
CA SER K 118 37.75 -12.25 -30.51
C SER K 118 38.53 -12.85 -31.69
N LEU K 119 38.16 -14.07 -32.06
CA LEU K 119 38.82 -14.80 -33.15
C LEU K 119 38.14 -14.57 -34.51
N ASN K 120 37.04 -13.83 -34.52
CA ASN K 120 36.23 -13.63 -35.72
C ASN K 120 35.68 -14.94 -36.29
N VAL K 121 35.45 -15.91 -35.42
CA VAL K 121 34.73 -17.14 -35.80
C VAL K 121 33.25 -16.95 -35.49
N PRO K 122 32.39 -17.10 -36.51
CA PRO K 122 30.95 -16.85 -36.26
C PRO K 122 30.35 -17.84 -35.24
N VAL K 123 29.76 -17.32 -34.17
CA VAL K 123 29.19 -18.21 -33.18
C VAL K 123 28.01 -19.02 -33.78
N PRO K 124 27.18 -18.40 -34.64
CA PRO K 124 26.18 -19.27 -35.31
C PRO K 124 26.82 -20.39 -36.16
N GLY K 125 28.04 -20.18 -36.65
CA GLY K 125 28.78 -21.23 -37.32
C GLY K 125 29.14 -22.36 -36.37
N MET K 126 29.48 -21.99 -35.14
CA MET K 126 29.79 -22.99 -34.12
C MET K 126 28.54 -23.77 -33.73
N VAL K 127 27.39 -23.10 -33.67
CA VAL K 127 26.13 -23.79 -33.40
C VAL K 127 25.87 -24.82 -34.50
N ASP K 128 26.04 -24.40 -35.74
CA ASP K 128 25.83 -25.31 -36.87
C ASP K 128 26.86 -26.45 -36.84
N ALA K 129 28.08 -26.13 -36.43
CA ALA K 129 29.16 -27.12 -36.38
C ALA K 129 28.86 -28.23 -35.38
N VAL K 130 28.42 -27.85 -34.18
CA VAL K 130 28.20 -28.85 -33.14
C VAL K 130 26.94 -29.64 -33.47
N THR K 131 26.00 -29.01 -34.18
CA THR K 131 24.79 -29.71 -34.60
C THR K 131 25.13 -30.90 -35.50
N VAL K 132 26.06 -30.73 -36.44
CA VAL K 132 26.37 -31.85 -37.32
C VAL K 132 27.42 -32.78 -36.70
N LEU K 133 28.14 -32.29 -35.70
CA LEU K 133 29.00 -33.17 -34.88
C LEU K 133 28.13 -34.17 -34.12
N LYS K 134 27.07 -33.66 -33.51
CA LYS K 134 26.08 -34.50 -32.85
C LYS K 134 25.55 -35.58 -33.79
N ASP K 135 25.14 -35.19 -35.00
CA ASP K 135 24.64 -36.16 -35.97
C ASP K 135 25.63 -37.29 -36.21
N ALA K 136 26.88 -36.92 -36.45
CA ALA K 136 27.92 -37.91 -36.80
C ALA K 136 28.21 -38.85 -35.63
N ALA K 137 28.37 -38.28 -34.44
CA ALA K 137 28.65 -39.05 -33.22
C ALA K 137 27.51 -39.99 -32.83
N LEU K 138 26.29 -39.48 -32.81
CA LEU K 138 25.17 -40.32 -32.37
C LEU K 138 24.94 -41.48 -33.34
N GLY K 139 25.32 -41.29 -34.60
CA GLY K 139 25.18 -42.31 -35.62
C GLY K 139 26.00 -43.57 -35.38
N LEU K 140 27.00 -43.47 -34.50
CA LEU K 140 27.90 -44.58 -34.23
C LEU K 140 27.54 -45.29 -32.93
N LEU K 141 26.50 -44.81 -32.28
CA LEU K 141 26.06 -45.39 -31.03
C LEU K 141 24.77 -46.18 -31.22
N SER K 142 24.49 -47.08 -30.29
CA SER K 142 23.20 -47.76 -30.24
C SER K 142 22.12 -46.73 -29.95
N ALA K 143 20.87 -47.09 -30.20
CA ALA K 143 19.73 -46.19 -29.96
C ALA K 143 19.73 -45.71 -28.52
N GLU K 144 19.93 -46.66 -27.60
CA GLU K 144 19.96 -46.39 -26.18
C GLU K 144 21.07 -45.41 -25.81
N ASP K 145 22.27 -45.67 -26.32
CA ASP K 145 23.42 -44.84 -26.00
C ASP K 145 23.34 -43.46 -26.65
N ALA K 146 22.75 -43.40 -27.84
CA ALA K 146 22.55 -42.11 -28.51
C ALA K 146 21.59 -41.22 -27.71
N ASN K 147 20.55 -41.83 -27.15
CA ASN K 147 19.63 -41.09 -26.29
C ASN K 147 20.31 -40.58 -25.02
N GLU K 148 21.24 -41.37 -24.48
CA GLU K 148 21.99 -40.98 -23.29
C GLU K 148 22.93 -39.81 -23.59
N THR K 149 23.42 -39.78 -24.82
CA THR K 149 24.50 -38.86 -25.19
C THR K 149 23.98 -37.55 -25.77
N ALA K 150 22.85 -37.61 -26.46
CA ALA K 150 22.28 -36.44 -27.13
C ALA K 150 22.18 -35.17 -26.24
N PRO K 151 21.73 -35.31 -24.97
CA PRO K 151 21.64 -34.09 -24.15
C PRO K 151 22.93 -33.32 -23.96
N TYR K 152 24.08 -33.98 -24.02
CA TYR K 152 25.34 -33.28 -23.82
C TYR K 152 25.67 -32.43 -25.04
N PHE K 153 25.40 -32.94 -26.23
CA PHE K 153 25.52 -32.11 -27.43
C PHE K 153 24.52 -30.97 -27.39
N ASP K 154 23.30 -31.27 -26.97
CA ASP K 154 22.21 -30.29 -26.99
C ASP K 154 22.55 -29.13 -26.06
N TYR K 155 23.22 -29.45 -24.96
CA TYR K 155 23.59 -28.42 -23.98
C TYR K 155 24.57 -27.43 -24.60
N ILE K 156 25.55 -27.94 -25.33
CA ILE K 156 26.51 -27.09 -26.05
C ILE K 156 25.80 -26.22 -27.08
N ILE K 157 24.95 -26.84 -27.88
CA ILE K 157 24.22 -26.13 -28.91
C ILE K 157 23.35 -25.02 -28.34
N GLN K 158 22.65 -25.33 -27.25
CA GLN K 158 21.75 -24.36 -26.65
C GLN K 158 22.56 -23.21 -26.05
N PHE K 159 23.67 -23.54 -25.41
CA PHE K 159 24.52 -22.53 -24.78
C PHE K 159 25.02 -21.53 -25.83
N MET K 160 25.48 -22.06 -26.96
CA MET K 160 26.04 -21.21 -28.00
C MET K 160 24.96 -20.40 -28.76
N SER K 161 23.70 -20.78 -28.61
CA SER K 161 22.62 -20.06 -29.27
C SER K 161 22.15 -18.84 -28.48
N HIS K 162 22.52 -18.77 -27.20
CA HIS K 162 21.91 -17.83 -26.25
C HIS K 162 22.91 -16.97 -25.45
N HIS K 163 22.61 -15.68 -25.36
CA HIS K 163 23.35 -14.74 -24.51
C HIS K 163 24.79 -14.58 -24.98
N MET L 1 35.78 -27.76 -5.31
CA MET L 1 35.96 -29.17 -4.96
C MET L 1 35.88 -30.03 -6.21
N GLN L 2 36.44 -31.23 -6.13
CA GLN L 2 36.20 -32.24 -7.15
C GLN L 2 35.85 -33.55 -6.45
N ASP L 3 35.07 -34.39 -7.12
CA ASP L 3 34.92 -35.78 -6.70
C ASP L 3 35.92 -36.60 -7.52
N ALA L 4 35.93 -37.91 -7.27
CA ALA L 4 36.91 -38.81 -7.89
C ALA L 4 36.85 -38.81 -9.41
N ILE L 5 35.64 -38.63 -9.95
CA ILE L 5 35.47 -38.63 -11.41
C ILE L 5 36.03 -37.34 -12.01
N THR L 6 35.67 -36.20 -11.43
CA THR L 6 36.17 -34.94 -11.94
C THR L 6 37.70 -34.84 -11.84
N ALA L 7 38.28 -35.42 -10.78
CA ALA L 7 39.74 -35.43 -10.64
C ALA L 7 40.42 -36.16 -11.81
N VAL L 8 39.87 -37.31 -12.19
CA VAL L 8 40.44 -38.07 -13.30
C VAL L 8 40.22 -37.32 -14.63
N ILE L 9 39.03 -36.75 -14.79
CA ILE L 9 38.76 -35.93 -15.99
C ILE L 9 39.74 -34.77 -16.10
N ASN L 10 39.96 -34.05 -15.02
CA ASN L 10 40.88 -32.91 -15.04
C ASN L 10 42.31 -33.29 -15.40
N SER L 11 42.77 -34.44 -14.91
CA SER L 11 44.10 -34.94 -15.24
C SER L 11 44.25 -35.19 -16.74
N ALA L 12 43.15 -35.61 -17.37
CA ALA L 12 43.15 -35.84 -18.81
C ALA L 12 43.02 -34.51 -19.57
N ASP L 13 42.14 -33.65 -19.08
CA ASP L 13 41.85 -32.39 -19.75
C ASP L 13 43.09 -31.52 -19.87
N VAL L 14 43.89 -31.45 -18.81
CA VAL L 14 45.07 -30.58 -18.81
C VAL L 14 46.15 -31.07 -19.78
N GLN L 15 45.98 -32.29 -20.30
CA GLN L 15 46.83 -32.84 -21.34
C GLN L 15 46.16 -32.83 -22.71
N GLY L 16 44.89 -32.44 -22.75
CA GLY L 16 44.13 -32.46 -23.99
C GLY L 16 43.85 -33.86 -24.48
N LYS L 17 43.64 -34.80 -23.56
CA LYS L 17 43.47 -36.22 -23.91
C LYS L 17 42.12 -36.80 -23.52
N TYR L 18 41.65 -37.74 -24.33
CA TYR L 18 40.57 -38.63 -23.90
C TYR L 18 41.12 -39.50 -22.77
N LEU L 19 40.26 -39.99 -21.90
CA LEU L 19 40.70 -40.86 -20.81
C LEU L 19 41.22 -42.17 -21.35
N ASP L 20 42.45 -42.54 -20.98
CA ASP L 20 43.00 -43.80 -21.44
C ASP L 20 42.56 -44.96 -20.54
N GLY L 21 43.12 -46.14 -20.78
CA GLY L 21 42.74 -47.33 -20.03
C GLY L 21 42.95 -47.22 -18.54
N ALA L 22 44.10 -46.68 -18.13
CA ALA L 22 44.40 -46.50 -16.72
C ALA L 22 43.41 -45.55 -16.06
N ALA L 23 43.05 -44.50 -16.78
CA ALA L 23 42.06 -43.54 -16.30
C ALA L 23 40.69 -44.19 -16.16
N MET L 24 40.30 -44.96 -17.17
CA MET L 24 39.03 -45.67 -17.11
C MET L 24 39.00 -46.66 -15.96
N ASP L 25 40.14 -47.28 -15.66
CA ASP L 25 40.23 -48.21 -14.52
C ASP L 25 39.97 -47.50 -13.20
N LYS L 26 40.45 -46.26 -13.07
CA LYS L 26 40.17 -45.48 -11.86
C LYS L 26 38.68 -45.19 -11.72
N LEU L 27 38.04 -44.84 -12.84
CA LEU L 27 36.61 -44.58 -12.83
C LEU L 27 35.83 -45.84 -12.46
N LYS L 28 36.19 -46.97 -13.06
CA LYS L 28 35.54 -48.24 -12.74
C LYS L 28 35.58 -48.56 -11.26
N SER L 29 36.74 -48.32 -10.64
N SER L 29 36.74 -48.32 -10.64
CA SER L 29 36.90 -48.55 -9.21
CA SER L 29 36.91 -48.54 -9.21
C SER L 29 35.97 -47.67 -8.39
C SER L 29 35.96 -47.68 -8.39
N TYR L 30 35.85 -46.40 -8.77
CA TYR L 30 34.99 -45.48 -8.04
C TYR L 30 33.52 -45.84 -8.23
N PHE L 31 33.10 -46.10 -9.48
CA PHE L 31 31.73 -46.50 -9.76
C PHE L 31 31.35 -47.76 -8.95
N ALA L 32 32.26 -48.72 -8.88
CA ALA L 32 31.99 -49.98 -8.17
C ALA L 32 31.89 -49.79 -6.67
N SER L 33 32.47 -48.71 -6.15
CA SER L 33 32.52 -48.48 -4.71
C SER L 33 31.28 -47.75 -4.22
N GLY L 34 30.34 -47.50 -5.13
CA GLY L 34 29.17 -46.70 -4.83
C GLY L 34 28.33 -47.19 -3.65
N GLU L 35 28.03 -48.48 -3.62
CA GLU L 35 27.20 -49.06 -2.56
C GLU L 35 27.85 -48.88 -1.19
N LEU L 36 29.13 -49.17 -1.12
CA LEU L 36 29.93 -48.97 0.09
C LEU L 36 29.79 -47.54 0.63
N ARG L 37 29.98 -46.57 -0.26
CA ARG L 37 30.06 -45.16 0.14
C ARG L 37 28.71 -44.64 0.57
N VAL L 38 27.68 -44.97 -0.20
N VAL L 38 27.67 -44.98 -0.18
CA VAL L 38 26.35 -44.47 0.07
CA VAL L 38 26.32 -44.47 0.09
C VAL L 38 25.80 -45.06 1.38
C VAL L 38 25.76 -45.07 1.38
N ARG L 39 26.02 -46.35 1.61
CA ARG L 39 25.58 -46.99 2.85
C ARG L 39 26.25 -46.35 4.05
N ALA L 40 27.57 -46.12 3.96
CA ALA L 40 28.31 -45.50 5.05
C ALA L 40 27.80 -44.08 5.32
N ALA L 41 27.54 -43.32 4.27
CA ALA L 41 27.03 -41.96 4.43
C ALA L 41 25.69 -41.97 5.17
N SER L 42 24.83 -42.93 4.85
CA SER L 42 23.53 -43.04 5.49
CA SER L 42 23.53 -43.00 5.49
C SER L 42 23.69 -43.37 6.97
N VAL L 43 24.58 -44.32 7.26
CA VAL L 43 24.82 -44.73 8.65
C VAL L 43 25.38 -43.58 9.49
N ILE L 44 26.37 -42.89 8.95
CA ILE L 44 26.99 -41.77 9.68
C ILE L 44 25.99 -40.64 9.92
N SER L 45 25.20 -40.31 8.90
CA SER L 45 24.19 -39.27 9.05
C SER L 45 23.22 -39.58 10.19
N ALA L 46 22.77 -40.83 10.23
CA ALA L 46 21.80 -41.26 11.24
C ALA L 46 22.38 -41.28 12.64
N ASN L 47 23.70 -41.42 12.72
CA ASN L 47 24.36 -41.61 14.01
C ASN L 47 25.38 -40.53 14.36
N ALA L 48 25.30 -39.39 13.68
CA ALA L 48 26.36 -38.37 13.80
C ALA L 48 26.56 -37.87 15.23
N ALA L 49 25.47 -37.63 15.95
CA ALA L 49 25.59 -37.10 17.30
C ALA L 49 26.19 -38.14 18.24
N THR L 50 25.75 -39.40 18.09
CA THR L 50 26.28 -40.49 18.91
C THR L 50 27.76 -40.72 18.70
N ILE L 51 28.19 -40.67 17.44
CA ILE L 51 29.60 -40.87 17.12
C ILE L 51 30.47 -39.82 17.83
N VAL L 52 30.08 -38.56 17.76
CA VAL L 52 30.84 -37.49 18.40
C VAL L 52 30.83 -37.61 19.93
N LYS L 53 29.65 -37.90 20.49
CA LYS L 53 29.49 -38.06 21.93
C LYS L 53 30.41 -39.17 22.45
N GLU L 54 30.42 -40.31 21.77
CA GLU L 54 31.26 -41.43 22.18
C GLU L 54 32.76 -41.17 22.00
N ALA L 55 33.14 -40.46 20.93
CA ALA L 55 34.54 -40.11 20.71
C ALA L 55 35.06 -39.18 21.81
N VAL L 56 34.24 -38.21 22.19
CA VAL L 56 34.60 -37.25 23.24
C VAL L 56 34.76 -37.98 24.58
N ALA L 57 33.85 -38.91 24.86
CA ALA L 57 33.93 -39.67 26.10
C ALA L 57 35.22 -40.48 26.17
N LYS L 58 35.65 -41.02 25.04
CA LYS L 58 36.87 -41.82 24.99
C LYS L 58 38.14 -40.99 25.11
N SER L 59 38.15 -39.78 24.53
CA SER L 59 39.40 -39.07 24.32
C SER L 59 39.58 -37.78 25.13
N LEU L 60 38.49 -37.16 25.57
CA LEU L 60 38.62 -35.84 26.20
C LEU L 60 38.02 -35.75 27.61
N LEU L 61 36.95 -36.49 27.88
CA LEU L 61 36.28 -36.34 29.17
C LEU L 61 37.15 -36.81 30.33
N TYR L 62 36.96 -36.17 31.48
CA TYR L 62 37.69 -36.42 32.72
C TYR L 62 39.19 -36.15 32.61
N SER L 63 39.61 -35.34 31.64
CA SER L 63 41.02 -35.03 31.48
C SER L 63 41.26 -33.57 31.81
N ASP L 64 42.52 -33.14 31.73
CA ASP L 64 42.87 -31.76 31.99
C ASP L 64 42.14 -30.80 31.06
N VAL L 65 41.79 -31.28 29.88
CA VAL L 65 41.19 -30.43 28.87
C VAL L 65 39.86 -29.83 29.32
N THR L 66 39.10 -30.58 30.12
CA THR L 66 37.78 -30.12 30.56
C THR L 66 37.79 -29.46 31.95
N ARG L 67 38.97 -29.32 32.54
CA ARG L 67 39.08 -28.64 33.84
C ARG L 67 39.57 -27.20 33.62
N PRO L 68 39.39 -26.31 34.63
CA PRO L 68 39.88 -24.93 34.50
C PRO L 68 41.31 -24.89 34.01
N GLY L 69 41.58 -24.06 33.01
CA GLY L 69 42.91 -23.97 32.45
C GLY L 69 43.00 -24.80 31.18
N GLY L 70 42.05 -25.72 31.01
CA GLY L 70 41.96 -26.52 29.80
C GLY L 70 41.04 -25.82 28.81
N MEN L 71 41.21 -26.12 27.53
CA MEN L 71 40.54 -25.36 26.48
C MEN L 71 39.06 -25.71 26.27
O MEN L 71 38.34 -25.01 25.54
CB MEN L 71 41.27 -25.44 25.12
CG MEN L 71 40.84 -24.36 24.15
OD1 MEN L 71 40.38 -24.69 23.04
ND2 MEN L 71 40.98 -23.04 24.52
CE2 MEN L 71 40.63 -21.95 23.67
N MET L 72 38.60 -26.80 26.90
CA MET L 72 37.17 -27.13 26.88
C MET L 72 36.42 -26.67 28.14
N TYR L 73 37.12 -26.09 29.09
CA TYR L 73 36.45 -25.54 30.27
C TYR L 73 35.61 -24.32 29.84
N THR L 74 34.48 -24.16 30.52
CA THR L 74 33.36 -23.24 30.23
C THR L 74 32.43 -23.93 29.25
N THR L 75 31.13 -23.78 29.48
CA THR L 75 30.15 -24.42 28.60
C THR L 75 30.27 -23.87 27.18
N ARG L 76 30.63 -22.59 27.05
CA ARG L 76 30.80 -21.98 25.72
CA ARG L 76 30.83 -21.96 25.75
C ARG L 76 31.88 -22.72 24.92
N ARG L 77 33.03 -22.98 25.53
CA ARG L 77 34.11 -23.66 24.80
C ARG L 77 33.80 -25.12 24.60
N TYR L 78 33.18 -25.75 25.60
CA TYR L 78 32.77 -27.14 25.44
C TYR L 78 31.90 -27.29 24.18
N ALA L 79 30.89 -26.44 24.06
CA ALA L 79 29.97 -26.52 22.93
C ALA L 79 30.68 -26.21 21.61
N ALA L 80 31.60 -25.25 21.63
CA ALA L 80 32.36 -24.93 20.41
C ALA L 80 33.18 -26.14 19.94
N CYS L 81 33.78 -26.85 20.89
CA CYS L 81 34.56 -28.04 20.57
C CYS L 81 33.69 -29.11 19.91
N ILE L 82 32.54 -29.38 20.52
CA ILE L 82 31.58 -30.35 19.96
C ILE L 82 31.21 -29.98 18.53
N ARG L 83 30.97 -28.69 18.32
CA ARG L 83 30.62 -28.18 17.01
C ARG L 83 31.75 -28.44 15.98
N ASP L 84 33.00 -28.26 16.39
CA ASP L 84 34.15 -28.60 15.53
C ASP L 84 34.11 -30.08 15.14
N LEU L 85 33.87 -30.94 16.12
CA LEU L 85 33.85 -32.37 15.85
C LEU L 85 32.70 -32.74 14.90
N ASP L 86 31.55 -32.10 15.07
CA ASP L 86 30.42 -32.27 14.15
C ASP L 86 30.88 -31.92 12.71
N TYR L 87 31.58 -30.80 12.59
CA TYR L 87 32.17 -30.36 11.30
C TYR L 87 33.09 -31.41 10.70
N TYR L 88 34.08 -31.86 11.47
CA TYR L 88 35.06 -32.82 10.95
C TYR L 88 34.38 -34.09 10.46
N LEU L 89 33.42 -34.62 11.22
CA LEU L 89 32.70 -35.81 10.81
C LEU L 89 31.90 -35.57 9.51
N ARG L 90 31.17 -34.46 9.43
CA ARG L 90 30.36 -34.18 8.26
C ARG L 90 31.24 -34.02 7.02
N TYR L 91 32.31 -33.23 7.12
CA TYR L 91 33.17 -33.01 5.95
C TYR L 91 33.97 -34.25 5.56
N ALA L 92 34.41 -35.05 6.54
CA ALA L 92 35.04 -36.33 6.20
C ALA L 92 34.07 -37.24 5.43
N THR L 93 32.80 -37.21 5.81
CA THR L 93 31.78 -38.00 5.13
C THR L 93 31.58 -37.50 3.69
N TYR L 94 31.59 -36.18 3.50
CA TYR L 94 31.55 -35.61 2.15
C TYR L 94 32.73 -36.14 1.32
N ALA L 95 33.92 -36.05 1.88
CA ALA L 95 35.13 -36.47 1.16
C ALA L 95 35.11 -37.96 0.86
N MET L 96 34.62 -38.76 1.80
CA MET L 96 34.50 -40.20 1.58
C MET L 96 33.51 -40.48 0.44
N LEU L 97 32.39 -39.77 0.45
CA LEU L 97 31.40 -39.93 -0.60
C LEU L 97 31.98 -39.55 -1.96
N ALA L 98 32.75 -38.47 -1.98
CA ALA L 98 33.37 -37.98 -3.21
C ALA L 98 34.58 -38.79 -3.64
N GLY L 99 35.13 -39.58 -2.72
CA GLY L 99 36.38 -40.30 -2.97
C GLY L 99 37.52 -39.35 -3.30
N ASP L 100 37.51 -38.17 -2.67
CA ASP L 100 38.50 -37.14 -2.97
C ASP L 100 38.63 -36.18 -1.79
N ALA L 101 39.85 -35.81 -1.44
CA ALA L 101 40.08 -34.95 -0.28
C ALA L 101 40.00 -33.45 -0.55
N SER L 102 39.73 -33.05 -1.79
CA SER L 102 39.82 -31.64 -2.15
C SER L 102 38.88 -30.76 -1.32
N ILE L 103 37.68 -31.26 -1.02
CA ILE L 103 36.76 -30.46 -0.23
C ILE L 103 37.36 -30.18 1.16
N LEU L 104 38.23 -31.06 1.64
CA LEU L 104 38.87 -30.84 2.94
C LEU L 104 39.89 -29.70 2.88
N ASP L 105 40.66 -29.65 1.81
CA ASP L 105 41.62 -28.57 1.63
C ASP L 105 40.90 -27.24 1.48
N GLU L 106 39.79 -27.25 0.75
CA GLU L 106 39.13 -26.00 0.37
C GLU L 106 38.25 -25.44 1.47
N ARG L 107 37.62 -26.31 2.23
CA ARG L 107 36.57 -25.85 3.13
C ARG L 107 36.83 -26.15 4.61
N VAL L 108 37.80 -27.01 4.90
CA VAL L 108 38.09 -27.31 6.30
C VAL L 108 39.45 -26.74 6.74
N LEU L 109 40.51 -27.12 6.03
CA LEU L 109 41.87 -26.88 6.50
C LEU L 109 42.39 -25.49 6.19
N ASN L 110 41.71 -24.79 5.28
CA ASN L 110 42.14 -23.46 4.83
C ASN L 110 42.22 -22.44 5.97
N GLY L 111 43.43 -22.15 6.42
CA GLY L 111 43.64 -21.18 7.48
C GLY L 111 43.31 -21.69 8.89
N LEU L 112 43.02 -22.98 8.99
CA LEU L 112 42.52 -23.56 10.24
C LEU L 112 43.60 -23.62 11.33
N LYS L 113 44.79 -24.06 10.95
CA LYS L 113 45.91 -24.17 11.88
C LYS L 113 46.22 -22.80 12.53
N GLU L 114 46.19 -21.76 11.71
CA GLU L 114 46.51 -20.41 12.17
C GLU L 114 45.41 -19.91 13.11
N THR L 115 44.16 -20.22 12.76
CA THR L 115 43.01 -19.87 13.60
C THR L 115 43.13 -20.52 14.97
N TYR L 116 43.42 -21.83 15.00
CA TYR L 116 43.58 -22.53 16.27
C TYR L 116 44.74 -21.98 17.10
N ASN L 117 45.86 -21.66 16.45
N ASN L 117 45.86 -21.69 16.43
CA ASN L 117 47.01 -21.20 17.20
CA ASN L 117 47.02 -21.16 17.14
C ASN L 117 46.80 -19.78 17.75
C ASN L 117 46.69 -19.83 17.80
N SER L 118 46.02 -18.97 17.05
CA SER L 118 45.65 -17.64 17.54
CA SER L 118 45.66 -17.65 17.54
C SER L 118 44.72 -17.72 18.74
N LEU L 119 43.82 -18.71 18.72
CA LEU L 119 42.84 -18.87 19.79
C LEU L 119 43.33 -19.69 20.98
N GLY L 120 44.42 -20.42 20.79
CA GLY L 120 44.89 -21.33 21.82
C GLY L 120 44.14 -22.66 21.86
N VAL L 121 43.54 -23.06 20.75
CA VAL L 121 42.90 -24.37 20.65
C VAL L 121 43.98 -25.44 20.47
N PRO L 122 44.01 -26.44 21.37
CA PRO L 122 45.12 -27.40 21.34
C PRO L 122 45.02 -28.37 20.16
N ILE L 123 46.08 -28.42 19.36
CA ILE L 123 46.09 -29.28 18.18
C ILE L 123 46.14 -30.76 18.57
N SER L 124 47.04 -31.09 19.51
CA SER L 124 47.21 -32.47 19.97
C SER L 124 45.90 -33.08 20.43
N SER L 125 45.19 -32.40 21.31
CA SER L 125 43.92 -32.92 21.81
C SER L 125 42.85 -32.99 20.72
N THR L 126 42.83 -32.02 19.80
CA THR L 126 41.90 -32.08 18.68
C THR L 126 42.15 -33.32 17.83
N VAL L 127 43.41 -33.56 17.51
CA VAL L 127 43.75 -34.71 16.68
C VAL L 127 43.37 -36.01 17.40
N GLN L 128 43.62 -36.08 18.71
CA GLN L 128 43.20 -37.26 19.49
C GLN L 128 41.70 -37.51 19.39
N ALA L 129 40.90 -36.44 19.43
CA ALA L 129 39.45 -36.59 19.35
C ALA L 129 39.03 -37.04 17.96
N ILE L 130 39.68 -36.53 16.92
CA ILE L 130 39.34 -36.94 15.56
C ILE L 130 39.70 -38.41 15.36
N GLN L 131 40.84 -38.81 15.91
CA GLN L 131 41.23 -40.23 15.85
C GLN L 131 40.19 -41.10 16.56
N ALA L 132 39.64 -40.60 17.67
CA ALA L 132 38.59 -41.35 18.37
C ALA L 132 37.34 -41.44 17.50
N ILE L 133 37.04 -40.35 16.80
CA ILE L 133 35.92 -40.37 15.86
C ILE L 133 36.13 -41.45 14.79
N LYS L 134 37.35 -41.57 14.30
CA LYS L 134 37.66 -42.61 13.32
C LYS L 134 37.35 -44.00 13.85
N GLU L 135 37.71 -44.27 15.10
CA GLU L 135 37.53 -45.63 15.60
C GLU L 135 36.06 -45.91 15.91
N VAL L 136 35.33 -44.93 16.43
CA VAL L 136 33.90 -45.11 16.69
C VAL L 136 33.15 -45.33 15.36
N THR L 137 33.48 -44.50 14.38
CA THR L 137 32.86 -44.61 13.05
C THR L 137 33.12 -46.00 12.48
N ALA L 138 34.36 -46.47 12.59
CA ALA L 138 34.70 -47.78 12.05
C ALA L 138 33.89 -48.88 12.72
N SER L 139 33.58 -48.73 14.02
CA SER L 139 32.84 -49.77 14.72
C SER L 139 31.41 -49.88 14.19
N LEU L 140 30.90 -48.79 13.60
CA LEU L 140 29.53 -48.77 13.08
C LEU L 140 29.42 -49.07 11.58
N VAL L 141 30.33 -48.53 10.77
CA VAL L 141 30.17 -48.68 9.31
C VAL L 141 30.86 -49.94 8.78
N GLY L 142 31.58 -50.61 9.67
CA GLY L 142 32.29 -51.82 9.29
C GLY L 142 33.76 -51.57 8.98
N ALA L 143 34.46 -52.65 8.63
CA ALA L 143 35.90 -52.56 8.36
C ALA L 143 36.18 -51.79 7.07
N ASP L 144 35.49 -52.16 6.00
CA ASP L 144 35.78 -51.62 4.66
C ASP L 144 35.43 -50.14 4.49
N ALA L 145 34.27 -49.75 5.02
CA ALA L 145 33.87 -48.35 4.94
C ALA L 145 34.70 -47.58 5.95
N GLY L 146 35.04 -48.25 7.03
CA GLY L 146 35.82 -47.67 8.11
C GLY L 146 37.18 -47.22 7.58
N LYS L 147 37.75 -48.02 6.70
CA LYS L 147 39.05 -47.70 6.09
C LYS L 147 38.98 -46.42 5.26
N GLU L 148 37.96 -46.30 4.41
CA GLU L 148 37.75 -45.11 3.61
C GLU L 148 37.53 -43.85 4.48
N MET L 149 36.65 -43.95 5.48
CA MET L 149 36.49 -42.82 6.39
C MET L 149 37.80 -42.49 7.09
N GLY L 150 38.59 -43.52 7.40
CA GLY L 150 39.85 -43.32 8.08
C GLY L 150 40.83 -42.49 7.26
N VAL L 151 40.83 -42.71 5.95
CA VAL L 151 41.68 -41.92 5.04
C VAL L 151 41.42 -40.42 5.21
N TYR L 152 40.14 -40.06 5.24
CA TYR L 152 39.79 -38.64 5.20
C TYR L 152 39.84 -38.02 6.60
N LEU L 153 39.54 -38.80 7.63
CA LEU L 153 39.73 -38.28 8.97
C LEU L 153 41.23 -38.11 9.26
N ASP L 154 42.05 -39.06 8.80
CA ASP L 154 43.51 -38.94 8.95
C ASP L 154 44.02 -37.73 8.17
N TYR L 155 43.39 -37.47 7.02
CA TYR L 155 43.79 -36.35 6.17
C TYR L 155 43.63 -35.03 6.93
N ILE L 156 42.51 -34.89 7.63
CA ILE L 156 42.25 -33.68 8.42
C ILE L 156 43.32 -33.55 9.50
N CYS L 157 43.62 -34.65 10.19
CA CYS L 157 44.64 -34.63 11.24
C CYS L 157 46.01 -34.22 10.71
N SER L 158 46.39 -34.76 9.57
N SER L 158 46.40 -34.75 9.57
CA SER L 158 47.69 -34.42 8.99
CA SER L 158 47.71 -34.41 9.03
C SER L 158 47.74 -32.94 8.65
C SER L 158 47.76 -32.95 8.59
N GLY L 159 46.60 -32.41 8.22
CA GLY L 159 46.50 -31.01 7.83
C GLY L 159 46.61 -30.05 9.00
N LEU L 160 46.31 -30.54 10.20
CA LEU L 160 46.41 -29.73 11.41
C LEU L 160 47.80 -29.77 12.02
N SER L 161 48.54 -30.81 11.68
CA SER L 161 49.85 -31.04 12.27
C SER L 161 50.93 -30.40 11.41
CHA CYC M . -33.70 10.20 -44.60
NA CYC M . -33.19 11.80 -42.81
C1A CYC M . -33.90 10.81 -43.38
C2A CYC M . -34.94 10.58 -42.53
C3A CYC M . -34.82 11.39 -41.44
C4A CYC M . -33.73 12.17 -41.62
CMA CYC M . -35.82 11.36 -40.27
CAA CYC M . -36.02 9.49 -42.76
CBA CYC M . -37.26 9.89 -43.60
CGA CYC M . -38.10 10.97 -42.89
O1A CYC M . -39.04 10.56 -42.18
O2A CYC M . -37.82 12.18 -43.08
CHB CYC M . -33.09 13.18 -40.90
NB CYC M . -34.34 13.73 -38.80
C1B CYC M . -33.35 13.84 -39.72
C2B CYC M . -32.52 14.81 -39.25
C3B CYC M . -32.97 15.29 -38.11
C4B CYC M . -34.08 14.64 -37.82
CMB CYC M . -31.23 15.32 -39.93
CAB CYC M . -32.40 16.27 -37.36
CBB CYC M . -32.55 17.79 -37.62
OB CYC M . -34.86 14.84 -36.73
NC CYC M . -27.98 10.44 -47.96
C1C CYC M . -26.75 10.67 -48.44
C2C CYC M . -26.24 11.80 -47.90
C3C CYC M . -27.23 12.34 -47.13
C4C CYC M . -28.32 11.49 -47.18
CMC CYC M . -24.86 11.60 -47.22
CAC CYC M . -27.59 13.79 -47.61
CBC CYC M . -26.44 14.82 -47.34
OC CYC M . -26.15 9.93 -49.23
CHD CYC M . -29.45 11.65 -46.42
ND CYC M . -31.49 11.11 -45.31
C1D CYC M . -30.68 10.99 -46.42
C2D CYC M . -31.31 10.08 -47.23
C3D CYC M . -32.49 9.74 -46.66
C4D CYC M . -32.61 10.37 -45.45
CMD CYC M . -30.89 9.60 -48.66
CAD CYC M . -33.62 8.81 -47.19
CBD CYC M . -33.21 7.34 -47.46
CGD CYC M . -32.80 6.57 -46.23
CGD CYC M . -34.41 6.42 -47.74
O1D CYC M . -33.54 6.68 -45.25
O1D CYC M . -35.53 6.94 -47.89
O2D CYC M . -31.82 5.79 -46.36
O2D CYC M . -34.18 5.19 -47.64
S SO4 N . -19.90 44.56 -35.96
O1 SO4 N . -20.75 43.42 -35.66
O2 SO4 N . -20.49 45.77 -35.40
O3 SO4 N . -19.79 44.69 -37.41
O4 SO4 N . -18.57 44.35 -35.39
S SO4 O . -12.92 39.59 -46.85
O1 SO4 O . -13.98 39.88 -47.79
O2 SO4 O . -13.19 40.27 -45.59
O3 SO4 O . -11.63 40.04 -47.37
O4 SO4 O . -12.84 38.14 -46.62
CHA CYC P . -38.90 25.31 4.55
NA CYC P . -38.45 25.99 2.26
C1A CYC P . -38.62 25.09 3.22
C2A CYC P . -38.36 23.89 2.64
C3A CYC P . -38.07 24.07 1.35
C4A CYC P . -37.97 25.41 1.14
CMA CYC P . -37.79 22.90 0.37
CAA CYC P . -38.50 22.52 3.35
CBA CYC P . -37.16 21.75 3.43
CGA CYC P . -36.09 22.55 4.17
O1A CYC P . -34.97 22.65 3.61
O2A CYC P . -36.40 23.03 5.28
CHB CYC P . -37.83 26.15 0.01
NB CYC P . -36.18 24.79 -1.09
C1B CYC P . -37.05 25.80 -1.04
C2B CYC P . -36.98 26.45 -2.21
C3B CYC P . -36.08 25.82 -2.96
C4B CYC P . -35.58 24.80 -2.27
CMB CYC P . -37.79 27.67 -2.64
CAB CYC P . -35.74 26.16 -4.21
CBB CYC P . -34.61 26.76 -5.04
OB CYC P . -34.64 23.89 -2.63
NC CYC P . -41.60 30.81 6.83
C1C CYC P . -42.14 32.00 7.08
C2C CYC P . -41.75 32.89 6.16
C3C CYC P . -40.93 32.23 5.29
C4C CYC P . -40.78 30.95 5.77
CMC CYC P . -42.85 33.89 5.69
CAC CYC P . -39.65 33.02 4.87
CBC CYC P . -39.98 34.17 3.88
OC CYC P . -42.93 32.26 7.99
CHD CYC P . -40.09 29.95 5.13
ND CYC P . -39.46 27.72 4.58
C1D CYC P . -39.75 28.65 5.54
C2D CYC P . -39.80 27.96 6.70
C3D CYC P . -39.44 26.68 6.47
C4D CYC P . -39.25 26.51 5.14
CMD CYC P . -40.01 28.51 8.14
CAD CYC P . -39.25 25.61 7.56
CBD CYC P . -40.50 24.78 7.87
CGD CYC P . -40.20 23.75 8.99
O1D CYC P . -40.80 23.90 10.07
O2D CYC P . -39.39 22.82 8.73
S SO4 Q . -39.37 38.35 -42.66
O1 SO4 Q . -39.86 38.02 -44.01
O2 SO4 Q . -40.30 37.81 -41.68
O3 SO4 Q . -39.31 39.81 -42.51
O4 SO4 Q . -38.05 37.78 -42.47
S SO4 R . -51.63 31.48 3.62
O1 SO4 R . -51.41 32.60 2.71
O2 SO4 R . -53.05 31.16 3.64
O3 SO4 R . -50.87 30.31 3.16
O4 SO4 R . -51.21 31.86 4.96
S SO4 S . -23.03 50.48 -17.64
O1 SO4 S . -23.85 51.64 -17.97
O2 SO4 S . -23.61 49.79 -16.48
O3 SO4 S . -23.00 49.57 -18.78
O4 SO4 S . -21.67 50.92 -17.34
S SO4 T . -25.68 45.51 6.31
O1 SO4 T . -25.56 44.08 6.03
O2 SO4 T . -27.08 45.92 6.13
O3 SO4 T . -24.82 46.26 5.40
O4 SO4 T . -25.28 45.77 7.69
S SO4 U . -45.60 23.89 15.17
O1 SO4 U . -46.35 24.69 14.20
O2 SO4 U . -46.49 23.50 16.26
O3 SO4 U . -45.10 22.69 14.50
O4 SO4 U . -44.49 24.67 15.70
CHA CYC V . -34.52 41.41 17.76
NA CYC V . -34.74 39.04 18.36
C1A CYC V . -34.98 40.11 17.59
C2A CYC V . -35.85 39.70 16.65
C3A CYC V . -36.09 38.36 16.79
C4A CYC V . -35.42 37.94 17.90
CMA CYC V . -37.01 37.55 15.86
CAA CYC V . -36.38 40.61 15.50
CBA CYC V . -37.66 41.42 15.75
CGA CYC V . -38.88 40.51 15.99
O1A CYC V . -39.57 40.25 14.99
O2A CYC V . -39.09 40.09 17.15
CHB CYC V . -35.24 36.76 18.59
NB CYC V . -36.62 34.92 17.60
C1B CYC V . -35.74 35.48 18.46
C2B CYC V . -35.39 34.49 19.34
C3B CYC V . -36.01 33.36 19.02
C4B CYC V . -36.76 33.62 17.96
CMB CYC V . -34.42 34.60 20.52
CAB CYC V . -35.91 32.17 19.65
CBB CYC V . -36.67 31.75 20.91
OB CYC V . -37.56 32.74 17.31
NC CYC V . -29.38 43.13 21.59
C1C CYC V . -28.36 43.19 22.46
C2C CYC V . -28.38 42.13 23.28
C3C CYC V . -29.52 41.43 22.99
C4C CYC V . -30.14 42.07 21.94
CMC CYC V . -27.03 41.34 23.32
CAC CYC V . -30.44 41.30 24.24
CBC CYC V . -29.83 40.39 25.36
OC CYC V . -27.47 44.06 22.47
CHD CYC V . -31.24 41.57 21.30
ND CYC V . -32.88 41.21 19.60
C1D CYC V . -32.10 42.07 20.34
C2D CYC V . -32.28 43.30 19.76
C3D CYC V . -33.23 43.17 18.81
C4D CYC V . -33.60 41.87 18.68
CMD CYC V . -31.70 44.67 20.22
CAD CYC V . -33.86 44.27 17.91
CBD CYC V . -32.89 45.08 17.02
CGD CYC V . -32.20 44.26 15.97
CGD CYC V . -33.63 45.96 16.01
O1D CYC V . -32.95 43.53 15.29
O1D CYC V . -34.84 46.21 16.21
O2D CYC V . -30.98 44.47 15.79
O2D CYC V . -32.98 46.27 14.99
S SO4 W . -36.23 16.21 46.13
O1 SO4 W . -36.55 16.77 44.81
O2 SO4 W . -37.33 15.34 46.54
O3 SO4 W . -35.00 15.44 46.03
O4 SO4 W . -36.08 17.30 47.08
S SO4 X . -27.71 26.65 49.83
O1 SO4 X . -27.15 27.71 48.98
O2 SO4 X . -29.14 26.88 50.03
O3 SO4 X . -27.51 25.35 49.19
O4 SO4 X . -27.02 26.66 51.11
CHA CYC Y . -45.97 -7.21 4.54
NA CYC Y . -45.82 -5.59 6.36
C1A CYC Y . -45.61 -6.00 5.10
C2A CYC Y . -44.89 -5.04 4.51
C3A CYC Y . -44.69 -4.03 5.39
C4A CYC Y . -45.14 -4.45 6.60
CMA CYC Y . -43.93 -2.71 5.01
CAA CYC Y . -44.45 -5.03 3.03
CBA CYC Y . -42.91 -5.05 2.87
CGA CYC Y . -42.27 -6.27 3.56
O1A CYC Y . -41.30 -6.05 4.31
O2A CYC Y . -42.79 -7.38 3.32
CHB CYC Y . -45.31 -3.79 7.77
NB CYC Y . -43.22 -2.60 7.80
C1B CYC Y . -44.43 -2.91 8.27
C2B CYC Y . -44.62 -2.18 9.39
C3B CYC Y . -43.53 -1.44 9.58
C4B CYC Y . -42.66 -1.70 8.61
CMB CYC Y . -45.85 -2.18 10.29
CAB CYC Y . -43.34 -0.57 10.58
CBB CYC Y . -42.43 -0.25 11.74
OB CYC Y . -41.42 -1.18 8.39
NC CYC Y . -50.71 -11.03 6.92
C1C CYC Y . -51.71 -11.65 7.56
C2C CYC Y . -51.71 -11.31 8.84
C3C CYC Y . -50.68 -10.43 9.02
C4C CYC Y . -50.01 -10.33 7.82
CMC CYC Y . -53.12 -11.13 9.47
CAC CYC Y . -49.82 -10.66 10.31
CBC CYC Y . -50.60 -10.18 11.56
OC CYC Y . -52.54 -12.41 7.03
CHD CYC Y . -48.96 -9.48 7.56
ND CYC Y . -47.46 -8.17 6.27
C1D CYC Y . -48.13 -9.35 6.46
C2D CYC Y . -47.89 -10.06 5.33
C3D CYC Y . -47.04 -9.39 4.53
C4D CYC Y . -46.78 -8.17 5.10
CMD CYC Y . -48.33 -11.52 5.01
CAD CYC Y . -46.44 -9.93 3.21
CBD CYC Y . -47.23 -9.57 1.95
CGD CYC Y . -46.56 -10.16 0.68
O1D CYC Y . -47.17 -11.07 0.06
O2D CYC Y . -45.45 -9.70 0.35
S SO4 Z . -51.32 28.71 37.40
O1 SO4 Z . -51.66 29.84 38.25
O2 SO4 Z . -51.99 28.86 36.10
O3 SO4 Z . -51.74 27.47 38.04
O4 SO4 Z . -49.87 28.69 37.20
S SO4 AA . -60.11 -6.50 5.36
O1 SO4 AA . -61.26 -6.16 4.55
O2 SO4 AA . -60.39 -6.18 6.76
O3 SO4 AA . -58.93 -5.75 4.91
O4 SO4 AA . -59.87 -7.94 5.25
S SO4 BA . -41.69 -2.02 40.80
O1 SO4 BA . -42.82 -1.83 41.70
O2 SO4 BA . -42.04 -2.94 39.73
O3 SO4 BA . -41.30 -0.73 40.22
O4 SO4 BA . -40.56 -2.55 41.56
S SO4 CA . -42.20 -20.21 24.55
O1 SO4 CA . -42.89 -21.23 23.76
O2 SO4 CA . -43.16 -19.56 25.43
O3 SO4 CA . -41.61 -19.21 23.65
O4 SO4 CA . -41.15 -20.84 25.34
S SO4 DA . -51.78 -13.75 -4.17
O1 SO4 DA . -52.95 -13.80 -5.05
O2 SO4 DA . -52.03 -12.78 -3.10
O3 SO4 DA . -50.62 -13.34 -4.93
O4 SO4 DA . -51.55 -15.08 -3.60
CHA CYC EA . -48.74 -26.69 12.70
NA CYC EA . -47.97 -26.15 10.42
C1A CYC EA . -48.62 -25.90 11.57
C2A CYC EA . -49.23 -24.70 11.37
C3A CYC EA . -48.91 -24.21 10.15
C4A CYC EA . -48.13 -25.13 9.51
CMA CYC EA . -49.41 -22.84 9.61
CAA CYC EA . -50.07 -23.97 12.46
CBA CYC EA . -51.58 -24.30 12.54
CGA CYC EA . -52.31 -23.86 11.26
O1A CYC EA . -52.86 -22.73 11.32
O2A CYC EA . -52.34 -24.63 10.27
CHB CYC EA . -47.50 -25.25 8.29
NB CYC EA . -47.98 -23.29 6.81
C1B CYC EA . -47.43 -24.48 7.15
C2B CYC EA . -46.70 -24.89 6.07
C3B CYC EA . -46.80 -23.98 5.10
C4B CYC EA . -47.58 -23.00 5.55
CMB CYC EA . -45.87 -26.18 5.95
CAB CYC EA . -46.22 -24.04 3.89
CBB CYC EA . -46.83 -24.85 2.73
OB CYC EA . -47.95 -21.89 4.88
NC CYC EA . -44.80 -31.86 14.09
C1C CYC EA . -43.89 -32.84 14.10
C2C CYC EA . -43.46 -33.10 12.85
C3C CYC EA . -44.21 -32.31 12.02
C4C CYC EA . -45.04 -31.55 12.80
CMC CYC EA . -41.90 -33.07 12.69
CAC CYC EA . -45.01 -33.17 10.97
CBC CYC EA . -44.07 -33.84 9.91
OC CYC EA . -43.46 -33.39 15.13
CHD CYC EA . -45.84 -30.55 12.30
ND CYC EA . -47.17 -28.58 12.24
C1D CYC EA . -46.82 -29.75 12.89
C2D CYC EA . -47.49 -29.74 14.08
C3D CYC EA . -48.30 -28.64 14.09
C4D CYC EA . -48.08 -27.90 12.96
CMD CYC EA . -47.52 -30.85 15.17
CAD CYC EA . -49.32 -28.17 15.16
CBD CYC EA . -48.75 -27.94 16.59
CGD CYC EA . -47.74 -26.84 16.67
CGD CYC EA . -49.74 -27.24 17.53
O1D CYC EA . -48.06 -25.79 16.09
O1D CYC EA . -50.94 -27.18 17.19
O2D CYC EA . -46.74 -27.02 17.41
O2D CYC EA . -49.24 -26.65 18.51
S SO4 FA . -40.23 -40.45 -21.65
O1 SO4 FA . -40.91 -39.91 -20.47
O2 SO4 FA . -40.78 -39.84 -22.86
O3 SO4 FA . -40.43 -41.90 -21.69
O4 SO4 FA . -38.81 -40.16 -21.56
S SO4 GA . -36.85 -49.79 -12.02
O1 SO4 GA . -38.13 -50.04 -12.67
O2 SO4 GA . -37.06 -49.52 -10.60
O3 SO4 GA . -36.20 -48.65 -12.65
O4 SO4 GA . -35.99 -50.96 -12.17
CHA CYC HA . -39.07 8.36 -24.07
NA CYC HA . -39.61 6.03 -23.60
C1A CYC HA . -39.25 7.27 -23.25
C2A CYC HA . -38.97 7.21 -21.93
C3A CYC HA . -39.22 5.96 -21.47
C4A CYC HA . -39.47 5.18 -22.56
CMA CYC HA . -39.06 5.59 -19.98
CAA CYC HA . -38.57 8.42 -21.05
CBA CYC HA . -37.16 8.26 -20.43
CGA CYC HA . -36.10 8.08 -21.52
O1A CYC HA . -35.29 7.14 -21.37
O2A CYC HA . -36.12 8.88 -22.48
CHB CYC HA . -39.90 3.90 -22.65
NB CYC HA . -38.47 2.94 -20.96
C1B CYC HA . -39.46 2.90 -21.85
C2B CYC HA . -39.97 1.66 -21.83
C3B CYC HA . -39.29 0.95 -20.93
C4B CYC HA . -38.35 1.74 -20.40
CMB CYC HA . -41.13 1.12 -22.67
CAB CYC HA . -39.49 -0.32 -20.61
CBB CYC HA . -38.74 -1.64 -20.83
OB CYC HA . -37.41 1.47 -19.45
NC CYC HA . -41.84 8.94 -29.96
C1C CYC HA . -42.51 8.84 -31.11
C2C CYC HA . -42.67 7.55 -31.46
C3C CYC HA . -42.07 6.82 -30.48
C4C CYC HA . -41.50 7.69 -29.59
CMC CYC HA . -44.03 7.19 -32.11
CAC CYC HA . -41.22 5.60 -30.94
CBC CYC HA . -42.10 4.45 -31.48
OC CYC HA . -42.95 9.79 -31.76
CHD CYC HA . -40.89 7.33 -28.41
ND CYC HA . -40.07 7.58 -26.20
C1D CYC HA . -40.17 8.06 -27.47
C2D CYC HA . -39.64 9.32 -27.42
C3D CYC HA . -39.14 9.53 -26.18
C4D CYC HA . -39.42 8.46 -25.39
CMD CYC HA . -39.44 10.30 -28.58
CAD CYC HA . -38.35 10.79 -25.77
CBD CYC HA . -39.23 11.92 -25.20
CGD CYC HA . -38.37 13.16 -24.82
O1D CYC HA . -38.55 14.22 -25.47
O2D CYC HA . -37.56 13.03 -23.88
S SO4 IA . -58.94 -34.97 -12.91
O1 SO4 IA . -59.48 -33.61 -12.83
O2 SO4 IA . -59.85 -35.88 -12.23
O3 SO4 IA . -57.63 -35.02 -12.26
O4 SO4 IA . -58.81 -35.37 -14.31
S SO4 JA . -52.28 10.17 -28.96
O1 SO4 JA . -52.72 8.84 -29.35
O2 SO4 JA . -53.46 11.00 -28.70
O3 SO4 JA . -51.53 10.76 -30.06
O4 SO4 JA . -51.46 10.09 -27.75
S SO4 KA . -37.80 -26.68 -35.83
O1 SO4 KA . -37.75 -25.24 -36.05
O2 SO4 KA . -38.99 -27.23 -36.48
O3 SO4 KA . -36.61 -27.32 -36.39
O4 SO4 KA . -37.86 -26.94 -34.39
S SO4 LA . -30.45 -4.33 -42.66
O1 SO4 LA . -31.17 -5.57 -42.88
O2 SO4 LA . -31.18 -3.23 -43.29
O3 SO4 LA . -29.12 -4.43 -43.27
O4 SO4 LA . -30.30 -4.08 -41.24
S SO4 MA . -40.88 20.66 -27.90
O1 SO4 MA . -42.02 19.79 -28.21
O2 SO4 MA . -41.26 22.06 -28.09
O3 SO4 MA . -39.75 20.33 -28.77
O4 SO4 MA . -40.50 20.45 -26.50
CHA CYC NA . 29.76 -34.54 33.93
NA CYC NA . 29.92 -32.10 33.91
C1A CYC NA . 30.27 -33.32 33.50
C2A CYC NA . 31.30 -33.14 32.64
C3A CYC NA . 31.53 -31.81 32.49
C4A CYC NA . 30.68 -31.14 33.31
CMA CYC NA . 32.60 -31.25 31.55
CAA CYC NA . 32.00 -34.29 31.88
CBA CYC NA . 33.20 -34.97 32.59
CGA CYC NA . 34.38 -33.99 32.79
O1A CYC NA . 35.25 -33.99 31.89
O2A CYC NA . 34.41 -33.27 33.83
CHB CYC NA . 30.41 -29.81 33.61
NB CYC NA . 31.99 -28.27 32.42
C1B CYC NA . 30.96 -28.60 33.24
C2B CYC NA . 30.49 -27.43 33.73
C3B CYC NA . 31.18 -26.41 33.24
C4B CYC NA . 32.10 -26.92 32.43
CMB CYC NA . 29.31 -27.24 34.71
CAB CYC NA . 30.99 -25.09 33.50
CBB CYC NA . 31.50 -24.35 34.74
OB CYC NA . 33.03 -26.21 31.74
NC CYC NA . 23.97 -35.29 37.07
C1C CYC NA . 22.80 -35.15 37.71
C2C CYC NA . 22.67 -33.91 38.20
C3C CYC NA . 23.86 -33.26 37.95
C4C CYC NA . 24.65 -34.14 37.25
CMC CYC NA . 21.38 -33.18 37.77
CAC CYC NA . 24.53 -32.78 39.29
CBC CYC NA . 23.74 -31.62 39.99
OC CYC NA . 21.92 -36.03 37.78
CHD CYC NA . 25.88 -33.80 36.71
ND CYC NA . 27.80 -33.87 35.32
C1D CYC NA . 26.88 -34.54 36.10
C2D CYC NA . 27.14 -35.88 35.91
C3D CYC NA . 28.25 -35.99 35.14
C4D CYC NA . 28.67 -34.76 34.75
CMD CYC NA . 26.44 -37.10 36.60
CAD CYC NA . 29.01 -37.27 34.70
CBD CYC NA . 28.20 -38.29 33.87
CGD CYC NA . 27.74 -37.81 32.53
CGD CYC NA . 29.08 -39.40 33.27
O1D CYC NA . 28.60 -37.22 31.86
O1D CYC NA . 30.27 -39.48 33.61
O2D CYC NA . 26.58 -38.13 32.17
O2D CYC NA . 28.54 -40.06 32.35
S SO4 OA . 26.73 -2.63 54.37
O1 SO4 OA . 27.28 -3.36 53.24
O2 SO4 OA . 27.68 -1.60 54.78
O3 SO4 OA . 26.49 -3.56 55.46
O4 SO4 OA . 25.47 -2.00 53.98
S SO4 PA . 17.46 -11.79 59.05
O1 SO4 PA . 18.44 -12.57 59.78
O2 SO4 PA . 18.04 -10.51 58.65
O3 SO4 PA . 16.28 -11.54 59.90
O4 SO4 PA . 17.03 -12.53 57.87
CHA CYC QA . 44.50 9.15 10.56
NA CYC QA . 43.97 8.06 12.68
C1A CYC QA . 44.02 8.12 11.34
C2A CYC QA . 43.38 7.01 10.91
C3A CYC QA . 43.00 6.27 11.97
C4A CYC QA . 43.24 7.00 13.08
CMA CYC QA . 42.31 4.88 11.82
CAA CYC QA . 43.23 6.61 9.42
CBA CYC QA . 41.75 6.51 8.98
CGA CYC QA . 41.02 7.86 9.17
O1A CYC QA . 39.92 7.82 9.76
O2A CYC QA . 41.58 8.88 8.73
CHB CYC QA . 43.18 6.70 14.40
NB CYC QA . 41.09 5.47 14.37
C1B CYC QA . 42.20 5.94 14.95
C2B CYC QA . 42.17 5.52 16.23
C3B CYC QA . 41.06 4.81 16.41
C4B CYC QA . 40.39 4.79 15.26
CMB CYC QA . 43.23 5.78 17.32
CAB CYC QA . 40.68 4.23 17.53
CBB CYC QA . 39.66 4.31 18.67
OB CYC QA . 39.20 4.20 14.96
NC CYC QA . 48.80 13.59 12.65
C1C CYC QA . 49.68 14.38 13.28
C2C CYC QA . 49.44 14.40 14.58
C3C CYC QA . 48.37 13.58 14.80
C4C CYC QA . 47.93 13.14 13.57
CMC CYC QA . 50.70 14.41 15.49
CAC CYC QA . 47.31 14.11 15.80
CBC CYC QA . 47.82 14.06 17.27
OC CYC QA . 50.61 15.00 12.73
CHD CYC QA . 46.94 12.21 13.37
ND CYC QA . 45.68 10.57 12.22
C1D CYC QA . 46.32 11.78 12.21
C2D CYC QA . 46.32 12.16 10.90
C3D CYC QA . 45.59 11.27 10.19
C4D CYC QA . 45.21 10.25 10.99
CMD CYC QA . 46.83 13.48 10.27
CAD CYC QA . 45.26 11.42 8.68
CBD CYC QA . 46.26 10.77 7.73
CGD CYC QA . 45.84 11.00 6.26
O1D CYC QA . 46.56 11.71 5.55
O2D CYC QA . 44.80 10.44 5.86
S SO4 RA . 42.93 -16.62 52.20
O1 SO4 RA . 43.14 -17.92 52.82
O2 SO4 RA . 43.79 -16.51 51.03
O3 SO4 RA . 43.26 -15.55 53.15
O4 SO4 RA . 41.53 -16.49 51.81
S SO4 SA . 58.21 9.04 14.15
O1 SO4 SA . 58.19 9.17 15.60
O2 SO4 SA . 59.49 8.47 13.73
O3 SO4 SA . 57.11 8.16 13.71
O4 SO4 SA . 58.06 10.36 13.55
S SO4 TA . 33.44 13.53 45.73
O1 SO4 TA . 34.50 13.81 46.69
O2 SO4 TA . 33.94 13.76 44.38
O3 SO4 TA . 33.03 12.12 45.85
O4 SO4 TA . 32.29 14.39 46.00
S SO4 UA . 37.44 26.88 25.46
O1 SO4 UA . 36.91 25.79 24.63
O2 SO4 UA . 38.86 26.64 25.72
O3 SO4 UA . 36.72 26.94 26.72
O4 SO4 UA . 37.28 28.14 24.75
S SO4 VA . 51.77 14.10 1.49
O1 SO4 VA . 52.57 13.72 2.65
O2 SO4 VA . 52.64 14.40 0.36
O3 SO4 VA . 50.88 12.99 1.14
O4 SO4 VA . 50.96 15.28 1.82
CHA CYC WA . 46.14 30.14 13.64
NA CYC WA . 45.78 28.99 11.49
C1A CYC WA . 46.21 29.07 12.75
C2A CYC WA . 46.82 27.88 13.00
C3A CYC WA . 46.71 27.07 11.91
C4A CYC WA . 46.08 27.78 10.93
CMA CYC WA . 47.26 25.64 11.86
CAA CYC WA . 47.44 27.51 14.38
CBA CYC WA . 48.92 27.87 14.64
CGA CYC WA . 49.86 27.13 13.69
O1A CYC WA . 50.34 26.05 14.10
O2A CYC WA . 50.09 27.64 12.57
CHB CYC WA . 45.68 27.57 9.63
NB CYC WA . 46.39 25.31 8.82
C1B CYC WA . 45.81 26.52 8.74
C2B CYC WA . 45.31 26.61 7.47
C3B CYC WA . 45.56 25.50 6.80
C4B CYC WA . 46.22 24.70 7.63
CMB CYC WA . 44.55 27.79 6.85
CAB CYC WA . 45.22 25.22 5.53
CBB CYC WA . 45.99 25.65 4.27
OB CYC WA . 46.69 23.46 7.33
NC CYC WA . 42.13 35.37 12.86
C1C CYC WA . 41.26 36.30 12.42
C2C CYC WA . 41.09 36.21 11.10
C3C CYC WA . 41.96 35.25 10.66
C4C CYC WA . 42.60 34.75 11.76
CMC CYC WA . 39.61 36.10 10.66
CAC CYC WA . 42.97 35.82 9.59
CBC CYC WA . 42.26 36.20 8.25
OC CYC WA . 40.65 37.11 13.14
CHD CYC WA . 43.45 33.67 11.70
ND CYC WA . 44.72 31.78 12.41
C1D CYC WA . 44.29 33.08 12.64
C2D CYC WA . 44.73 33.40 13.88
C3D CYC WA . 45.50 32.37 14.34
C4D CYC WA . 45.48 31.35 13.44
CMD CYC WA . 44.59 34.75 14.62
CAD CYC WA . 46.29 32.26 15.67
CBD CYC WA . 45.48 32.40 16.97
CGD CYC WA . 44.47 31.30 17.18
CGD CYC WA . 46.30 32.04 18.22
O1D CYC WA . 44.91 30.15 17.03
O1D CYC WA . 47.54 32.02 18.12
O2D CYC WA . 43.34 31.63 17.59
O2D CYC WA . 45.64 31.67 19.22
S SO4 XA . 44.36 33.96 -24.12
O1 SO4 XA . 44.65 33.29 -22.85
O2 SO4 XA . 45.22 33.42 -25.16
O3 SO4 XA . 42.96 33.73 -24.46
O4 SO4 XA . 44.61 35.39 -23.97
S SO4 YA . 39.42 45.58 -18.13
O1 SO4 YA . 39.07 45.80 -16.72
O2 SO4 YA . 40.87 45.50 -18.27
O3 SO4 YA . 38.81 44.35 -18.61
O4 SO4 YA . 38.91 46.70 -18.92
CHA CYC ZA . 42.59 -13.59 -13.66
NA CYC ZA . 43.08 -11.20 -13.73
C1A CYC ZA . 42.63 -12.31 -13.14
C2A CYC ZA . 42.13 -11.92 -11.96
C3A CYC ZA . 42.30 -10.59 -11.81
C4A CYC ZA . 42.77 -10.11 -12.99
CMA CYC ZA . 41.89 -9.82 -10.51
CAA CYC ZA . 41.53 -12.87 -10.88
CBA CYC ZA . 40.04 -12.58 -10.61
CGA CYC ZA . 39.19 -12.70 -11.88
O1A CYC ZA . 38.40 -11.76 -12.13
O2A CYC ZA . 39.35 -13.73 -12.58
CHB CYC ZA . 43.24 -8.89 -13.34
NB CYC ZA . 41.56 -7.55 -12.25
C1B CYC ZA . 42.70 -7.73 -12.94
C2B CYC ZA . 43.20 -6.51 -13.20
C3B CYC ZA . 42.38 -5.61 -12.68
C4B CYC ZA . 41.37 -6.24 -12.09
CMB CYC ZA . 44.48 -6.19 -13.97
CAB CYC ZA . 42.55 -4.28 -12.71
CBB CYC ZA . 41.89 -3.00 -13.17
OB CYC ZA . 40.29 -5.74 -11.43
NC CYC ZA . 46.37 -15.58 -18.60
C1C CYC ZA . 47.25 -15.78 -19.59
C2C CYC ZA . 47.49 -14.65 -20.23
C3C CYC ZA . 46.75 -13.67 -19.61
C4C CYC ZA . 46.00 -14.30 -18.64
CMC CYC ZA . 48.95 -14.45 -20.70
CAC CYC ZA . 46.02 -12.67 -20.55
CBC CYC ZA . 47.03 -11.66 -21.16
OC CYC ZA . 47.77 -16.87 -19.88
CHD CYC ZA . 45.20 -13.65 -17.72
ND CYC ZA . 43.96 -13.35 -15.71
C1D CYC ZA . 44.30 -14.15 -16.77
C2D CYC ZA . 43.76 -15.36 -16.48
C3D CYC ZA . 43.02 -15.26 -15.36
C4D CYC ZA . 43.17 -14.02 -14.84
CMD CYC ZA . 43.76 -16.64 -17.36
CAD CYC ZA . 42.15 -16.42 -14.78
CBD CYC ZA . 42.87 -17.30 -13.74
CGD CYC ZA . 41.91 -18.42 -13.22
O1D CYC ZA . 42.18 -19.60 -13.53
O2D CYC ZA . 40.94 -18.06 -12.52
S SO4 AB . 61.10 31.67 -10.91
O1 SO4 AB . 61.84 32.92 -10.72
O2 SO4 AB . 61.64 30.66 -10.01
O3 SO4 AB . 61.25 31.22 -12.29
O4 SO4 AB . 59.70 31.90 -10.62
S SO4 BB . 56.39 -16.30 -15.38
O1 SO4 BB . 57.50 -16.97 -14.71
O2 SO4 BB . 56.92 -15.16 -16.13
O3 SO4 BB . 55.42 -15.84 -14.39
O4 SO4 BB . 55.78 -17.25 -16.31
S SO4 CB . 44.09 17.00 -34.23
O1 SO4 CB . 45.33 17.46 -34.85
O2 SO4 CB . 44.07 15.54 -34.21
O3 SO4 CB . 44.01 17.50 -32.86
O4 SO4 CB . 42.96 17.51 -35.01
S SO4 DB . 37.85 -6.50 -36.27
O1 SO4 DB . 38.15 -7.91 -36.54
O2 SO4 DB . 39.04 -5.70 -36.52
O3 SO4 DB . 37.44 -6.37 -34.87
O4 SO4 DB . 36.77 -6.06 -37.14
S SO4 EB . 45.39 -25.59 -13.10
O1 SO4 EB . 46.39 -26.57 -12.67
O2 SO4 EB . 46.00 -24.27 -13.16
O3 SO4 EB . 44.30 -25.57 -12.14
O4 SO4 EB . 44.88 -25.97 -14.42
CHA CYC FB . 40.98 -20.93 -33.60
NA CYC FB . 40.13 -22.02 -31.55
C1A CYC FB . 40.96 -21.21 -32.23
C2A CYC FB . 41.84 -20.74 -31.31
C3A CYC FB . 41.52 -21.23 -30.08
C4A CYC FB . 40.45 -22.05 -30.22
CMA CYC FB . 42.31 -20.87 -28.79
CAA CYC FB . 42.96 -19.72 -31.64
CBA CYC FB . 44.33 -20.27 -32.10
CGA CYC FB . 45.00 -21.10 -31.00
O1A CYC FB . 45.83 -20.49 -30.29
O2A CYC FB . 44.70 -22.31 -30.88
CHB CYC FB . 39.67 -22.85 -29.40
NB CYC FB . 40.49 -22.79 -27.04
C1B CYC FB . 39.68 -23.16 -28.06
C2B CYC FB . 38.75 -23.99 -27.53
C3B CYC FB . 38.97 -24.15 -26.23
C4B CYC FB . 40.03 -23.41 -25.92
CMB CYC FB . 37.60 -24.71 -28.27
CAB CYC FB . 38.26 -24.91 -25.37
CBB CYC FB . 38.50 -26.42 -25.22
OB CYC FB . 40.61 -23.27 -24.70
NC CYC FB . 36.01 -22.20 -37.81
C1C CYC FB . 34.87 -22.57 -38.41
C2C CYC FB . 34.25 -23.52 -37.70
C3C CYC FB . 35.07 -23.83 -36.65
C4C CYC FB . 36.17 -22.99 -36.72
CMC CYC FB . 32.75 -23.20 -37.38
CAC CYC FB . 35.49 -25.33 -36.64
CBC CYC FB . 34.30 -26.27 -36.29
OC CYC FB . 34.44 -22.07 -39.46
CHD CYC FB . 37.14 -22.92 -35.76
ND CYC FB . 38.94 -22.04 -34.46
C1D CYC FB . 38.37 -22.26 -35.70
C2D CYC FB . 39.15 -21.56 -36.58
C3D CYC FB . 40.21 -21.06 -35.90
C4D CYC FB . 40.08 -21.33 -34.57
CMD CYC FB . 39.01 -21.50 -38.14
CAD CYC FB . 41.43 -20.25 -36.42
CBD CYC FB . 41.12 -18.94 -37.16
CGD CYC FB . 40.47 -17.90 -36.30
CGD CYC FB . 42.37 -18.07 -37.41
O1D CYC FB . 40.97 -17.73 -35.19
O1D CYC FB . 43.50 -18.59 -37.28
O2D CYC FB . 39.54 -17.22 -36.82
O2D CYC FB . 42.15 -16.85 -37.60
S SO4 GB . 25.19 -52.21 -19.01
O1 SO4 GB . 26.12 -51.21 -19.50
O2 SO4 GB . 25.73 -52.84 -17.81
O3 SO4 GB . 24.99 -53.23 -20.04
O4 SO4 GB . 23.90 -51.59 -18.70
S SO4 HB . 20.58 -50.37 -31.91
O1 SO4 HB . 21.66 -51.34 -31.80
O2 SO4 HB . 21.02 -49.23 -32.72
O3 SO4 HB . 20.19 -49.92 -30.58
O4 SO4 HB . 19.42 -50.99 -32.56
CHA CYC IB . 36.81 -22.36 17.93
NA CYC IB . 36.76 -23.67 15.86
C1A CYC IB . 36.78 -22.52 16.56
C2A CYC IB . 36.66 -21.54 15.65
C3A CYC IB . 36.61 -22.07 14.41
C4A CYC IB . 36.51 -23.42 14.56
CMA CYC IB . 36.53 -21.19 13.13
CAA CYC IB . 36.69 -20.02 15.96
CBA CYC IB . 35.38 -19.30 15.59
CGA CYC IB . 34.19 -19.91 16.33
O1A CYC IB . 33.18 -20.20 15.64
O2A CYC IB . 34.30 -20.10 17.56
CHB CYC IB . 36.57 -24.42 13.65
NB CYC IB . 35.15 -23.43 11.97
C1B CYC IB . 35.99 -24.38 12.43
C2B CYC IB . 36.14 -25.29 11.46
C3B CYC IB . 35.40 -24.91 10.42
C4B CYC IB . 34.78 -23.78 10.74
CMB CYC IB . 37.01 -26.55 11.51
CAB CYC IB . 35.29 -25.56 9.26
CBB CYC IB . 34.21 -26.35 8.55
OB CYC IB . 33.92 -23.02 9.99
NC CYC IB . 38.93 -26.98 22.04
C1C CYC IB . 39.40 -28.05 22.68
C2C CYC IB . 39.17 -29.16 21.99
C3C CYC IB . 38.51 -28.77 20.84
C4C CYC IB . 38.31 -27.41 20.93
CMC CYC IB . 40.30 -30.23 22.00
CAC CYC IB . 37.32 -29.67 20.39
CBC CYC IB . 37.80 -31.03 19.82
OC CYC IB . 40.00 -28.02 23.76
CHD CYC IB . 37.77 -26.63 19.93
ND CYC IB . 37.31 -24.66 18.70
C1D CYC IB . 37.38 -25.30 19.90
C2D CYC IB . 37.22 -24.32 20.83
C3D CYC IB . 36.93 -23.16 20.20
C4D CYC IB . 37.02 -23.35 18.86
CMD CYC IB . 37.15 -24.47 22.37
CAD CYC IB . 36.57 -21.84 20.92
CBD CYC IB . 37.78 -20.94 21.25
CGD CYC IB . 37.32 -19.65 21.98
O1D CYC IB . 37.70 -19.48 23.16
O2D CYC IB . 36.63 -18.83 21.33
S SO4 JB . 45.56 -47.38 -23.24
O1 SO4 JB . 46.45 -46.60 -22.38
O2 SO4 JB . 46.27 -47.72 -24.46
O3 SO4 JB . 44.37 -46.62 -23.56
O4 SO4 JB . 45.16 -48.61 -22.55
S SO4 KB . 49.36 -28.25 21.02
O1 SO4 KB . 49.37 -29.51 20.28
O2 SO4 KB . 50.74 -27.85 21.30
O3 SO4 KB . 48.67 -28.46 22.30
O4 SO4 KB . 48.70 -27.21 20.24
S SO4 LB . 24.88 -52.95 0.90
O1 SO4 LB . 25.19 -52.17 2.09
O2 SO4 LB . 25.79 -54.09 0.81
O3 SO4 LB . 23.51 -53.45 0.95
O4 SO4 LB . 25.04 -52.10 -0.28
S SO4 MB . 23.01 -41.59 22.53
O1 SO4 MB . 23.35 -42.74 21.69
O2 SO4 MB . 23.92 -41.53 23.66
O3 SO4 MB . 21.63 -41.75 23.02
O4 SO4 MB . 23.10 -40.37 21.73
S SO4 NB . 41.37 -17.73 29.18
O1 SO4 NB . 42.19 -18.81 28.64
O2 SO4 NB . 42.08 -17.08 30.28
O3 SO4 NB . 40.11 -18.26 29.67
O4 SO4 NB . 41.11 -16.75 28.12
#